data_7YSU
#
_entry.id   7YSU
#
_cell.length_a   1.00
_cell.length_b   1.00
_cell.length_c   1.00
_cell.angle_alpha   90.00
_cell.angle_beta   90.00
_cell.angle_gamma   90.00
#
_symmetry.space_group_name_H-M   'P 1'
#
loop_
_entity.id
_entity.type
_entity.pdbx_description
1 polymer Klotho
2 polymer 'Fibroblast growth factor receptor 3'
3 polymer 'Fibroblast growth factor 23'
4 branched '2-deoxy-6-O-sulfo-2-(sulfoamino)-alpha-D-glucopyranose-(1-4)-2-O-sulfo-alpha-L-idopyranuronic acid-(1-4)-2-deoxy-6-O-sulfo-2-(sulfoamino)-alpha-D-glucopyranose-(1-4)-2-O-sulfo-alpha-L-idopyranuronic acid-(1-4)-2-deoxy-6-O-sulfo-2-(sulfoamino)-alpha-D-glucopyranose-(1-4)-2-O-sulfo-alpha-L-idopyranuronic acid-(1-4)-2-deoxy-6-O-sulfo-2-(sulfoamino)-alpha-D-glucopyranose-(1-4)-2-O-sulfo-alpha-L-idopyranuronic acid-(1-4)-2-deoxy-6-O-sulfo-2-(sulfoamino)-alpha-D-glucopyranose-(1-4)-2-O-sulfo-alpha-L-idopyranuronic acid'
5 non-polymer 'ZINC ION'
6 non-polymer 'COPPER (II) ION'
#
loop_
_entity_poly.entity_id
_entity_poly.type
_entity_poly.pdbx_seq_one_letter_code
_entity_poly.pdbx_strand_id
1 'polypeptide(L)'
;EPGDGAQTWARFSRPPAPEAAGLFQGTFPDGFLWAVGSAAYQTEGGWQQHGKGASIWDTFTHHPLAPPGDSRNASLPLGA
PSPLQPATGDVASDSYNNVFRDTEALRELGVTHYRFSISWARVLPNGSAGVPNREGLRYYRRLLERLRELGVQPVVTLYH
WDLPQRLQDAYGGWANRALADHFRDYAELCFRHFGGQVKYWITIDNPYVVAWHGYATGRLAPGIRGSPRLGYLVAHNLLL
AHAKVWHLYNTSFRPTQGGQVSIALSSHWINPRRMTDHSIKECQKSLDFVLGWFAKPVFIDGDYPESMKNNLSSILPDFT
ESEKKFIKGTADFFALCFGPTLSFQLLDPHMKFRQLESPNLRQLLSWIDLEFNHPQIFIVENGWFVSGTTKRDDAKYMYY
LKKFIMETLKAIKLDGVDVIGYTAWSLMDGFEWHRGYSIRRGLFYVDFLSQDKMLLPKSSALFYQKLIEKNGFPPLPENQ
PLEGTFPCDFAWGVVDNYIQVDTTLSQFTDLNVYLWDVHHSKRLIKVDGVVTKKRKSYCVDFAAIQPQIALLQEMHVTHF
RFSLDWALILPLGNQSQVNHTILQYYRCMASELVRVNITPVVALWQPMAPNQGLPRLLARQGAWENPYTALAFAEYARLC
FQELGHHVKLWITMNEPYTRNMTYSAGHNLLKAHALAWHVYNEKFRHAQNGKISIALQADWIEPACPFSQKDKEVAERVL
EFDIGWLAEPIFGSGDYPWVMRDWLNQRNNFLLPYFTEDEKKLIQGTFDFLALSHYTTILVDSEKEDPIKYNDYLEVQEM
TDITWLNSPSQVAVVPWGLRKVLNWLKFKYGDLPMYIISNGIDDGLHAEDDQLRVYYMQNYINEALKAHILDGINLCGYF
AYSFNDRTAPRFGLYRYAADQFEPKASMKHYRKIIDSNGFPGPETLERFCPEEFTVCTECSF
;
A
2 'polypeptide(L)'
;TGAPYWTRPERMDKKLLAVPAANTVRFRCPAAGNPTPSISWLKNGREFRGEHRIGGIKLRHQQWSLVMESVVPSDRGNYT
CVVENKFGSIRQTYTLDVLERSPHRPILQAGLPANQTAVLGSDVEFHCKVYSDAQPHIQWLKHVEVNGSKVGPDGTPYVT
VLKTAGANTTDKELEVLSLHNVTFEDAGEYTCLAGNSIGFSHHSAWLVVLP
;
C,E
3 'polypeptide(L)'
;YPNASPLLGSSWGGLIHLYTATARNSYHLQIHKNGHVDGAPHQTIYSALMIRSEDAGFVVITGVMSRRYLCMDFRGNIFG
SHYFDPENCRFQHQTLENGYDVYHSPQYHFLVSLGRAKRAFLPGMNPPPYSQFLSRRNEIPLIHFNTPIPRQHTQSAEDD
SERDPLNVLKPRARMTPAP
;
B
#
loop_
_chem_comp.id
_chem_comp.type
_chem_comp.name
_chem_comp.formula
CU non-polymer 'COPPER (II) ION' 'Cu 2'
IDS L-saccharide, alpha linking '2-O-sulfo-alpha-L-idopyranuronic acid' 'C6 H10 O10 S'
SGN D-saccharide, alpha linking 2-deoxy-6-O-sulfo-2-(sulfoamino)-alpha-D-glucopyranose 'C6 H13 N O11 S2'
ZN non-polymer 'ZINC ION' 'Zn 2'
#
# COMPACT_ATOMS: atom_id res chain seq x y z
N GLU A 1 -17.35 -31.06 13.76
CA GLU A 1 -17.43 -30.36 15.04
C GLU A 1 -17.85 -28.92 14.82
N PRO A 2 -18.53 -28.32 15.79
CA PRO A 2 -18.97 -26.93 15.64
C PRO A 2 -17.89 -25.95 16.03
N GLY A 3 -17.74 -24.91 15.21
CA GLY A 3 -16.81 -23.83 15.48
C GLY A 3 -15.52 -23.86 14.68
N ASP A 4 -15.21 -24.96 14.01
CA ASP A 4 -13.97 -25.03 13.23
C ASP A 4 -13.97 -24.07 12.05
N GLY A 5 -15.13 -23.64 11.58
CA GLY A 5 -15.22 -22.69 10.50
C GLY A 5 -15.21 -21.23 10.93
N ALA A 6 -15.11 -20.96 12.22
CA ALA A 6 -15.14 -19.59 12.71
C ALA A 6 -13.92 -18.78 12.27
N GLN A 7 -12.85 -19.45 11.86
CA GLN A 7 -11.64 -18.77 11.41
C GLN A 7 -11.52 -18.70 9.90
N THR A 8 -12.58 -19.08 9.17
CA THR A 8 -12.52 -19.01 7.71
C THR A 8 -12.33 -17.58 7.24
N TRP A 9 -13.04 -16.63 7.86
CA TRP A 9 -12.80 -15.23 7.55
C TRP A 9 -11.38 -14.82 7.92
N ALA A 10 -10.86 -15.33 9.03
CA ALA A 10 -9.48 -15.05 9.41
C ALA A 10 -8.51 -15.60 8.37
N ARG A 11 -8.75 -16.84 7.90
CA ARG A 11 -7.88 -17.41 6.89
C ARG A 11 -7.97 -16.65 5.57
N PHE A 12 -9.12 -16.06 5.27
CA PHE A 12 -9.28 -15.25 4.07
C PHE A 12 -9.21 -13.75 4.36
N SER A 13 -8.84 -13.36 5.58
CA SER A 13 -8.67 -11.95 5.88
C SER A 13 -7.46 -11.36 5.18
N ARG A 14 -6.33 -12.06 5.23
CA ARG A 14 -5.12 -11.58 4.60
C ARG A 14 -5.28 -11.56 3.08
N PRO A 15 -4.66 -10.62 2.39
CA PRO A 15 -4.78 -10.55 0.93
C PRO A 15 -4.24 -11.81 0.29
N PRO A 16 -4.88 -12.28 -0.78
CA PRO A 16 -4.42 -13.51 -1.43
C PRO A 16 -3.23 -13.25 -2.35
N ALA A 17 -2.80 -14.29 -3.07
CA ALA A 17 -1.70 -14.12 -4.01
C ALA A 17 -2.14 -13.23 -5.16
N PRO A 18 -1.41 -12.14 -5.44
CA PRO A 18 -1.81 -11.24 -6.53
C PRO A 18 -1.43 -11.71 -7.92
N GLU A 19 -0.99 -12.97 -8.07
CA GLU A 19 -0.77 -13.57 -9.38
C GLU A 19 -1.57 -14.83 -9.62
N ALA A 20 -2.01 -15.52 -8.56
CA ALA A 20 -2.81 -16.73 -8.69
C ALA A 20 -4.29 -16.47 -8.42
N ALA A 21 -4.69 -15.20 -8.38
CA ALA A 21 -6.08 -14.82 -8.16
C ALA A 21 -6.88 -14.75 -9.46
N GLY A 22 -6.29 -14.21 -10.52
CA GLY A 22 -6.96 -14.16 -11.80
C GLY A 22 -6.24 -14.98 -12.86
N LEU A 23 -4.92 -15.08 -12.75
CA LEU A 23 -4.14 -15.97 -13.61
C LEU A 23 -3.96 -17.33 -12.93
N PHE A 24 -5.09 -17.95 -12.65
CA PHE A 24 -5.13 -19.27 -12.02
C PHE A 24 -5.66 -20.27 -13.03
N GLN A 25 -4.93 -21.37 -13.21
CA GLN A 25 -5.30 -22.39 -14.18
C GLN A 25 -5.07 -23.76 -13.56
N GLY A 26 -5.44 -24.80 -14.30
CA GLY A 26 -5.31 -26.15 -13.81
C GLY A 26 -6.55 -26.99 -14.06
N THR A 27 -6.37 -28.15 -14.67
CA THR A 27 -7.50 -29.02 -14.97
C THR A 27 -8.10 -29.57 -13.70
N PHE A 28 -9.40 -29.88 -13.76
CA PHE A 28 -10.08 -30.48 -12.63
C PHE A 28 -9.62 -31.93 -12.43
N PRO A 29 -9.66 -32.43 -11.21
CA PRO A 29 -9.17 -33.79 -10.94
C PRO A 29 -9.93 -34.83 -11.75
N ASP A 30 -9.23 -35.89 -12.11
CA ASP A 30 -9.84 -36.99 -12.85
C ASP A 30 -10.86 -37.69 -11.96
N GLY A 31 -11.89 -38.24 -12.59
CA GLY A 31 -13.00 -38.81 -11.85
C GLY A 31 -13.94 -37.75 -11.31
N PHE A 32 -14.03 -36.61 -11.98
CA PHE A 32 -14.92 -35.54 -11.59
C PHE A 32 -16.32 -35.78 -12.14
N LEU A 33 -17.32 -35.31 -11.42
CA LEU A 33 -18.72 -35.50 -11.80
C LEU A 33 -19.23 -34.18 -12.37
N TRP A 34 -19.07 -34.02 -13.68
CA TRP A 34 -19.63 -32.87 -14.37
C TRP A 34 -21.11 -33.13 -14.61
N ALA A 35 -21.97 -32.29 -14.04
CA ALA A 35 -23.40 -32.54 -14.07
C ALA A 35 -24.16 -31.28 -14.48
N VAL A 36 -25.40 -31.50 -14.92
CA VAL A 36 -26.34 -30.43 -15.17
C VAL A 36 -27.72 -30.92 -14.73
N GLY A 37 -28.39 -30.13 -13.89
CA GLY A 37 -29.57 -30.58 -13.19
C GLY A 37 -30.88 -30.04 -13.76
N SER A 38 -31.97 -30.45 -13.11
CA SER A 38 -33.32 -30.03 -13.45
C SER A 38 -34.24 -30.48 -12.32
N ALA A 39 -35.45 -29.95 -12.34
CA ALA A 39 -36.45 -30.24 -11.32
C ALA A 39 -37.59 -31.05 -11.95
N ALA A 40 -38.61 -31.32 -11.13
CA ALA A 40 -39.78 -32.06 -11.60
C ALA A 40 -40.88 -31.10 -12.08
N TYR A 41 -41.36 -30.25 -11.18
CA TYR A 41 -42.40 -29.29 -11.57
C TYR A 41 -41.86 -28.22 -12.52
N GLN A 42 -40.58 -27.87 -12.39
CA GLN A 42 -40.02 -26.82 -13.21
C GLN A 42 -40.01 -27.18 -14.70
N THR A 43 -39.96 -28.47 -15.01
CA THR A 43 -39.63 -28.84 -16.38
C THR A 43 -40.63 -29.83 -16.98
N GLU A 44 -41.22 -30.70 -16.16
CA GLU A 44 -42.07 -31.76 -16.70
C GLU A 44 -43.35 -31.20 -17.29
N GLY A 45 -44.03 -30.32 -16.56
CA GLY A 45 -45.37 -29.95 -17.00
C GLY A 45 -46.30 -31.15 -16.92
N GLY A 46 -47.31 -31.16 -17.80
CA GLY A 46 -48.23 -32.26 -17.85
C GLY A 46 -48.93 -32.49 -16.52
N TRP A 47 -49.46 -31.42 -15.94
CA TRP A 47 -49.96 -31.46 -14.57
C TRP A 47 -51.10 -32.45 -14.40
N GLN A 48 -51.78 -32.84 -15.47
CA GLN A 48 -52.82 -33.86 -15.37
C GLN A 48 -52.70 -34.92 -16.45
N GLN A 49 -51.58 -34.99 -17.15
CA GLN A 49 -51.41 -36.00 -18.20
C GLN A 49 -51.30 -37.39 -17.59
N HIS A 50 -51.97 -38.35 -18.23
CA HIS A 50 -51.93 -39.76 -17.83
C HIS A 50 -52.38 -39.96 -16.39
N GLY A 51 -53.33 -39.15 -15.93
CA GLY A 51 -53.94 -39.35 -14.63
C GLY A 51 -53.00 -39.23 -13.45
N LYS A 52 -52.09 -38.26 -13.48
CA LYS A 52 -51.25 -38.01 -12.32
C LYS A 52 -52.02 -37.25 -11.25
N GLY A 53 -51.48 -37.25 -10.04
CA GLY A 53 -52.11 -36.56 -8.94
C GLY A 53 -51.87 -35.07 -8.97
N ALA A 54 -52.35 -34.40 -7.93
CA ALA A 54 -52.20 -32.95 -7.80
C ALA A 54 -51.13 -32.68 -6.75
N SER A 55 -50.11 -31.93 -7.13
CA SER A 55 -49.05 -31.54 -6.21
C SER A 55 -49.56 -30.38 -5.35
N ILE A 56 -48.68 -29.84 -4.50
CA ILE A 56 -48.99 -28.58 -3.84
C ILE A 56 -48.62 -27.39 -4.71
N TRP A 57 -47.97 -27.62 -5.85
CA TRP A 57 -47.66 -26.57 -6.79
C TRP A 57 -48.70 -26.44 -7.90
N ASP A 58 -49.74 -27.28 -7.88
CA ASP A 58 -50.88 -27.11 -8.75
C ASP A 58 -52.08 -26.52 -8.03
N THR A 59 -52.04 -26.43 -6.71
CA THR A 59 -53.04 -25.72 -5.93
C THR A 59 -52.46 -24.46 -5.29
N PHE A 60 -51.30 -24.01 -5.77
CA PHE A 60 -50.71 -22.74 -5.39
C PHE A 60 -50.59 -21.78 -6.56
N THR A 61 -50.27 -22.28 -7.75
CA THR A 61 -50.25 -21.47 -8.96
C THR A 61 -51.63 -21.36 -9.60
N HIS A 62 -52.63 -22.05 -9.06
CA HIS A 62 -54.00 -21.98 -9.55
C HIS A 62 -54.82 -21.27 -8.48
N HIS A 63 -54.84 -19.93 -8.55
CA HIS A 63 -55.55 -19.09 -7.60
C HIS A 63 -55.14 -19.44 -6.17
N PRO A 64 -53.94 -19.06 -5.74
CA PRO A 64 -53.35 -19.41 -4.43
C PRO A 64 -54.30 -19.19 -3.26
N PRO A 86 -52.55 -16.53 -13.13
CA PRO A 86 -51.60 -16.81 -14.21
C PRO A 86 -50.22 -17.19 -13.69
N ALA A 87 -49.25 -17.30 -14.60
CA ALA A 87 -47.88 -17.68 -14.27
C ALA A 87 -47.86 -19.01 -13.52
N THR A 88 -48.39 -20.03 -14.17
CA THR A 88 -48.52 -21.37 -13.60
C THR A 88 -47.62 -22.34 -14.36
N GLY A 89 -47.54 -23.56 -13.85
CA GLY A 89 -46.70 -24.58 -14.44
C GLY A 89 -47.46 -25.78 -14.95
N ASP A 90 -48.64 -25.54 -15.54
CA ASP A 90 -49.39 -26.63 -16.15
C ASP A 90 -48.60 -27.27 -17.28
N VAL A 91 -47.99 -26.44 -18.12
CA VAL A 91 -47.00 -26.91 -19.09
C VAL A 91 -45.83 -25.93 -19.10
N ALA A 92 -44.78 -26.27 -18.36
CA ALA A 92 -43.63 -25.37 -18.21
C ALA A 92 -42.65 -25.56 -19.36
N SER A 93 -42.10 -26.76 -19.51
CA SER A 93 -41.23 -27.07 -20.62
C SER A 93 -41.71 -28.26 -21.44
N ASP A 94 -42.84 -28.86 -21.07
CA ASP A 94 -43.44 -29.97 -21.82
C ASP A 94 -42.44 -31.11 -22.01
N SER A 95 -41.67 -31.40 -20.96
CA SER A 95 -40.67 -32.45 -21.03
C SER A 95 -41.21 -33.81 -20.60
N TYR A 96 -42.47 -33.88 -20.18
CA TYR A 96 -43.06 -35.17 -19.85
C TYR A 96 -43.15 -36.07 -21.07
N ASN A 97 -43.52 -35.49 -22.22
CA ASN A 97 -43.62 -36.25 -23.47
C ASN A 97 -42.43 -36.03 -24.39
N ASN A 98 -41.65 -34.97 -24.17
CA ASN A 98 -40.44 -34.72 -24.97
C ASN A 98 -39.21 -35.28 -24.25
N VAL A 99 -39.27 -36.60 -23.99
CA VAL A 99 -38.17 -37.25 -23.28
C VAL A 99 -36.95 -37.40 -24.18
N PHE A 100 -37.12 -37.39 -25.49
CA PHE A 100 -35.99 -37.59 -26.40
C PHE A 100 -35.11 -36.36 -26.46
N ARG A 101 -35.71 -35.17 -26.53
CA ARG A 101 -34.93 -33.96 -26.74
C ARG A 101 -34.10 -33.60 -25.52
N ASP A 102 -34.56 -33.93 -24.31
CA ASP A 102 -33.76 -33.67 -23.12
C ASP A 102 -32.45 -34.45 -23.16
N THR A 103 -32.52 -35.74 -23.50
CA THR A 103 -31.30 -36.54 -23.58
C THR A 103 -30.49 -36.18 -24.81
N GLU A 104 -31.13 -35.73 -25.89
CA GLU A 104 -30.37 -35.23 -27.03
C GLU A 104 -29.55 -34.01 -26.64
N ALA A 105 -30.16 -33.09 -25.90
CA ALA A 105 -29.43 -31.91 -25.41
C ALA A 105 -28.34 -32.31 -24.44
N LEU A 106 -28.58 -33.34 -23.63
CA LEU A 106 -27.54 -33.83 -22.73
C LEU A 106 -26.35 -34.37 -23.50
N ARG A 107 -26.61 -35.20 -24.53
CA ARG A 107 -25.52 -35.75 -25.32
C ARG A 107 -24.75 -34.67 -26.07
N GLU A 108 -25.48 -33.71 -26.65
CA GLU A 108 -24.83 -32.60 -27.33
C GLU A 108 -24.01 -31.74 -26.36
N LEU A 109 -24.52 -31.56 -25.15
CA LEU A 109 -23.77 -30.83 -24.13
C LEU A 109 -22.51 -31.57 -23.72
N GLY A 110 -22.53 -32.91 -23.78
CA GLY A 110 -21.41 -33.69 -23.30
C GLY A 110 -21.26 -33.60 -21.80
N VAL A 111 -22.20 -34.20 -21.07
CA VAL A 111 -22.19 -34.19 -19.62
C VAL A 111 -22.28 -35.63 -19.14
N THR A 112 -21.80 -35.86 -17.92
CA THR A 112 -21.69 -37.22 -17.38
C THR A 112 -22.61 -37.49 -16.20
N HIS A 113 -23.53 -36.57 -15.88
CA HIS A 113 -24.45 -36.77 -14.77
C HIS A 113 -25.67 -35.88 -14.97
N TYR A 114 -26.84 -36.49 -15.10
CA TYR A 114 -28.09 -35.75 -15.12
C TYR A 114 -28.72 -35.79 -13.73
N ARG A 115 -29.11 -34.61 -13.23
CA ARG A 115 -29.70 -34.47 -11.91
C ARG A 115 -31.15 -34.04 -12.09
N PHE A 116 -32.04 -35.01 -12.24
CA PHE A 116 -33.46 -34.75 -12.39
C PHE A 116 -34.20 -35.19 -11.12
N SER A 117 -35.52 -35.02 -11.14
CA SER A 117 -36.35 -35.29 -9.98
C SER A 117 -37.48 -36.23 -10.35
N ILE A 118 -37.87 -37.08 -9.41
CA ILE A 118 -39.01 -37.96 -9.55
C ILE A 118 -40.17 -37.32 -8.81
N SER A 119 -41.21 -36.92 -9.54
CA SER A 119 -42.32 -36.20 -8.93
C SER A 119 -43.18 -37.16 -8.11
N TRP A 120 -43.44 -36.78 -6.85
CA TRP A 120 -44.18 -37.65 -5.95
C TRP A 120 -45.60 -37.89 -6.45
N ALA A 121 -46.28 -36.84 -6.91
CA ALA A 121 -47.69 -36.96 -7.23
C ALA A 121 -47.97 -37.79 -8.48
N ARG A 122 -46.97 -37.98 -9.34
CA ARG A 122 -47.21 -38.70 -10.59
C ARG A 122 -47.08 -40.21 -10.42
N VAL A 123 -46.15 -40.67 -9.59
CA VAL A 123 -45.96 -42.11 -9.42
C VAL A 123 -46.98 -42.69 -8.46
N LEU A 124 -47.48 -41.90 -7.51
CA LEU A 124 -48.47 -42.33 -6.54
C LEU A 124 -49.59 -41.29 -6.48
N PRO A 125 -50.42 -41.21 -7.51
CA PRO A 125 -51.47 -40.17 -7.54
C PRO A 125 -52.53 -40.34 -6.46
N ASN A 126 -53.16 -41.51 -6.42
CA ASN A 126 -54.29 -41.71 -5.51
C ASN A 126 -53.85 -41.90 -4.07
N GLY A 127 -52.70 -42.52 -3.85
CA GLY A 127 -52.22 -42.76 -2.50
C GLY A 127 -51.06 -43.72 -2.44
N SER A 128 -50.23 -43.60 -1.40
CA SER A 128 -49.13 -44.54 -1.21
C SER A 128 -49.65 -45.95 -1.00
N ALA A 129 -50.73 -46.10 -0.24
CA ALA A 129 -51.39 -47.40 -0.07
C ALA A 129 -52.39 -47.63 -1.21
N GLY A 130 -51.84 -47.66 -2.43
CA GLY A 130 -52.66 -47.84 -3.62
C GLY A 130 -51.80 -48.25 -4.79
N VAL A 131 -52.46 -48.43 -5.92
CA VAL A 131 -51.76 -48.87 -7.14
C VAL A 131 -50.87 -47.74 -7.64
N PRO A 132 -49.58 -47.98 -7.86
CA PRO A 132 -48.74 -46.95 -8.48
C PRO A 132 -49.15 -46.68 -9.91
N ASN A 133 -48.97 -45.43 -10.34
CA ASN A 133 -49.31 -45.05 -11.70
C ASN A 133 -48.29 -45.64 -12.66
N ARG A 134 -48.76 -46.52 -13.55
CA ARG A 134 -47.84 -47.19 -14.47
C ARG A 134 -47.26 -46.25 -15.50
N GLU A 135 -48.00 -45.22 -15.90
CA GLU A 135 -47.53 -44.32 -16.94
C GLU A 135 -46.37 -43.46 -16.47
N GLY A 136 -46.43 -42.95 -15.25
CA GLY A 136 -45.32 -42.15 -14.74
C GLY A 136 -44.05 -42.96 -14.58
N LEU A 137 -44.17 -44.17 -14.02
CA LEU A 137 -43.01 -45.04 -13.90
C LEU A 137 -42.48 -45.43 -15.27
N ARG A 138 -43.38 -45.64 -16.24
CA ARG A 138 -42.95 -45.93 -17.60
C ARG A 138 -42.15 -44.78 -18.18
N TYR A 139 -42.61 -43.54 -17.97
CA TYR A 139 -41.86 -42.38 -18.47
C TYR A 139 -40.50 -42.29 -17.80
N TYR A 140 -40.44 -42.49 -16.48
CA TYR A 140 -39.16 -42.38 -15.79
C TYR A 140 -38.20 -43.48 -16.24
N ARG A 141 -38.70 -44.71 -16.45
CA ARG A 141 -37.83 -45.76 -16.94
C ARG A 141 -37.40 -45.51 -18.38
N ARG A 142 -38.27 -44.88 -19.19
CA ARG A 142 -37.86 -44.48 -20.53
C ARG A 142 -36.73 -43.47 -20.47
N LEU A 143 -36.84 -42.48 -19.59
CA LEU A 143 -35.78 -41.50 -19.42
C LEU A 143 -34.48 -42.16 -18.96
N LEU A 144 -34.57 -43.08 -18.00
CA LEU A 144 -33.37 -43.73 -17.49
C LEU A 144 -32.71 -44.61 -18.54
N GLU A 145 -33.51 -45.34 -19.33
CA GLU A 145 -32.92 -46.18 -20.37
C GLU A 145 -32.39 -45.34 -21.53
N ARG A 146 -32.97 -44.16 -21.75
CA ARG A 146 -32.49 -43.29 -22.83
C ARG A 146 -31.18 -42.60 -22.43
N LEU A 147 -31.04 -42.20 -21.18
CA LEU A 147 -29.83 -41.54 -20.73
C LEU A 147 -28.82 -42.51 -20.13
N ARG A 148 -29.13 -43.81 -20.09
CA ARG A 148 -28.16 -44.81 -19.67
C ARG A 148 -27.34 -45.34 -20.83
N GLU A 149 -27.99 -45.64 -21.96
CA GLU A 149 -27.26 -46.00 -23.16
C GLU A 149 -26.45 -44.83 -23.71
N LEU A 150 -26.83 -43.60 -23.35
CA LEU A 150 -26.05 -42.44 -23.76
C LEU A 150 -24.65 -42.46 -23.14
N GLY A 151 -24.56 -42.85 -21.87
CA GLY A 151 -23.30 -42.85 -21.16
C GLY A 151 -23.29 -41.87 -20.00
N VAL A 152 -24.48 -41.50 -19.54
CA VAL A 152 -24.65 -40.53 -18.46
C VAL A 152 -25.19 -41.27 -17.25
N GLN A 153 -24.47 -41.21 -16.14
CA GLN A 153 -24.94 -41.80 -14.90
C GLN A 153 -25.95 -40.86 -14.25
N PRO A 154 -27.18 -41.31 -14.00
CA PRO A 154 -28.21 -40.38 -13.50
C PRO A 154 -28.07 -40.14 -12.01
N VAL A 155 -28.42 -38.91 -11.61
CA VAL A 155 -28.58 -38.53 -10.22
C VAL A 155 -30.03 -38.08 -10.04
N VAL A 156 -30.72 -38.66 -9.06
CA VAL A 156 -32.13 -38.34 -8.87
C VAL A 156 -32.34 -37.79 -7.48
N THR A 157 -33.37 -36.96 -7.35
CA THR A 157 -33.83 -36.45 -6.06
C THR A 157 -35.28 -36.86 -5.86
N LEU A 158 -35.56 -37.51 -4.74
CA LEU A 158 -36.87 -38.11 -4.52
C LEU A 158 -37.96 -37.07 -4.26
N TYR A 159 -37.60 -35.88 -3.80
CA TYR A 159 -38.60 -34.89 -3.41
C TYR A 159 -38.06 -33.50 -3.74
N HIS A 160 -38.73 -32.81 -4.65
CA HIS A 160 -38.31 -31.49 -5.12
C HIS A 160 -39.45 -30.49 -4.97
N TRP A 161 -40.02 -30.45 -3.77
CA TRP A 161 -41.03 -29.50 -3.29
C TRP A 161 -42.43 -29.84 -3.78
N ASP A 162 -42.60 -30.90 -4.58
CA ASP A 162 -43.90 -31.22 -5.15
C ASP A 162 -44.61 -32.27 -4.30
N LEU A 163 -44.97 -31.86 -3.09
CA LEU A 163 -45.77 -32.73 -2.22
C LEU A 163 -47.17 -32.89 -2.79
N PRO A 164 -47.72 -34.10 -2.78
CA PRO A 164 -49.09 -34.29 -3.29
C PRO A 164 -50.11 -33.51 -2.47
N GLN A 165 -51.16 -33.05 -3.15
CA GLN A 165 -52.18 -32.24 -2.50
C GLN A 165 -52.97 -33.05 -1.48
N ARG A 166 -53.20 -34.33 -1.77
CA ARG A 166 -53.98 -35.16 -0.85
C ARG A 166 -53.30 -35.28 0.51
N LEU A 167 -51.97 -35.39 0.52
CA LEU A 167 -51.25 -35.47 1.78
C LEU A 167 -51.23 -34.12 2.49
N GLN A 168 -51.28 -33.03 1.73
CA GLN A 168 -51.40 -31.71 2.34
C GLN A 168 -52.76 -31.51 2.98
N ASP A 169 -53.82 -32.09 2.39
CA ASP A 169 -55.16 -31.87 2.90
C ASP A 169 -55.48 -32.82 4.06
N ALA A 170 -55.23 -34.11 3.89
CA ALA A 170 -55.68 -35.10 4.87
C ALA A 170 -54.92 -34.98 6.18
N TYR A 171 -53.61 -35.16 6.15
CA TYR A 171 -52.79 -35.15 7.35
C TYR A 171 -52.28 -33.76 7.70
N GLY A 172 -52.57 -32.75 6.88
CA GLY A 172 -52.05 -31.42 7.12
C GLY A 172 -50.68 -31.15 6.55
N GLY A 173 -50.25 -31.93 5.57
CA GLY A 173 -48.95 -31.72 4.95
C GLY A 173 -47.81 -32.20 5.82
N TRP A 174 -46.63 -31.61 5.57
CA TRP A 174 -45.42 -31.99 6.27
C TRP A 174 -45.45 -31.62 7.75
N ALA A 175 -46.44 -30.84 8.19
CA ALA A 175 -46.56 -30.53 9.61
C ALA A 175 -46.79 -31.79 10.44
N ASN A 176 -47.59 -32.72 9.91
CA ASN A 176 -47.83 -33.97 10.60
C ASN A 176 -46.56 -34.82 10.65
N ARG A 177 -46.47 -35.66 11.69
CA ARG A 177 -45.33 -36.54 11.85
C ARG A 177 -45.54 -37.93 11.27
N ALA A 178 -46.80 -38.34 11.05
CA ALA A 178 -47.05 -39.62 10.42
C ALA A 178 -46.72 -39.59 8.93
N LEU A 179 -46.86 -38.42 8.30
CA LEU A 179 -46.60 -38.29 6.87
C LEU A 179 -45.21 -38.77 6.49
N ALA A 180 -44.25 -38.64 7.41
CA ALA A 180 -42.89 -39.13 7.16
C ALA A 180 -42.91 -40.57 6.70
N ASP A 181 -43.68 -41.42 7.38
CA ASP A 181 -43.74 -42.82 6.99
C ASP A 181 -44.20 -42.97 5.55
N HIS A 182 -45.20 -42.18 5.15
CA HIS A 182 -45.66 -42.22 3.77
C HIS A 182 -44.52 -41.97 2.80
N PHE A 183 -43.67 -40.97 3.11
CA PHE A 183 -42.49 -40.71 2.29
C PHE A 183 -41.71 -41.99 2.07
N ARG A 184 -41.40 -42.71 3.16
CA ARG A 184 -40.64 -43.94 3.04
C ARG A 184 -41.28 -44.86 2.01
N ASP A 185 -42.60 -45.05 2.12
CA ASP A 185 -43.29 -45.94 1.19
C ASP A 185 -43.00 -45.54 -0.24
N TYR A 186 -43.21 -44.26 -0.57
CA TYR A 186 -42.90 -43.79 -1.91
C TYR A 186 -41.46 -44.07 -2.25
N ALA A 187 -40.54 -43.63 -1.38
CA ALA A 187 -39.12 -43.87 -1.60
C ALA A 187 -38.86 -45.34 -1.87
N GLU A 188 -39.54 -46.21 -1.11
CA GLU A 188 -39.31 -47.64 -1.25
C GLU A 188 -39.46 -48.07 -2.70
N LEU A 189 -40.58 -47.71 -3.33
CA LEU A 189 -40.82 -48.19 -4.68
C LEU A 189 -39.76 -47.65 -5.63
N CYS A 190 -39.33 -46.41 -5.42
CA CYS A 190 -38.25 -45.87 -6.23
C CYS A 190 -37.01 -46.73 -6.10
N PHE A 191 -36.64 -47.05 -4.85
CA PHE A 191 -35.47 -47.90 -4.64
C PHE A 191 -35.65 -49.27 -5.28
N ARG A 192 -36.90 -49.72 -5.40
CA ARG A 192 -37.16 -51.00 -6.03
C ARG A 192 -37.04 -50.93 -7.55
N HIS A 193 -37.35 -49.78 -8.13
CA HIS A 193 -37.45 -49.67 -9.58
C HIS A 193 -36.15 -49.19 -10.23
N PHE A 194 -35.64 -48.04 -9.80
CA PHE A 194 -34.49 -47.41 -10.41
C PHE A 194 -33.20 -47.62 -9.62
N GLY A 195 -33.22 -48.53 -8.65
CA GLY A 195 -32.01 -48.76 -7.86
C GLY A 195 -30.87 -49.35 -8.66
N GLY A 196 -31.19 -50.21 -9.64
CA GLY A 196 -30.17 -50.78 -10.47
C GLY A 196 -29.44 -49.75 -11.32
N GLN A 197 -30.19 -48.80 -11.89
CA GLN A 197 -29.59 -47.77 -12.73
C GLN A 197 -28.99 -46.65 -11.89
N VAL A 198 -29.82 -45.99 -11.09
CA VAL A 198 -29.38 -44.82 -10.35
C VAL A 198 -28.46 -45.22 -9.21
N LYS A 199 -27.40 -44.45 -8.99
CA LYS A 199 -26.46 -44.70 -7.92
C LYS A 199 -26.31 -43.50 -6.98
N TYR A 200 -26.94 -42.38 -7.27
CA TYR A 200 -26.97 -41.23 -6.38
C TYR A 200 -28.42 -40.85 -6.12
N TRP A 201 -28.79 -40.77 -4.85
CA TRP A 201 -30.12 -40.35 -4.46
C TRP A 201 -30.02 -39.15 -3.52
N ILE A 202 -30.99 -38.26 -3.60
CA ILE A 202 -31.10 -37.12 -2.71
C ILE A 202 -32.52 -37.10 -2.17
N THR A 203 -32.66 -37.20 -0.85
CA THR A 203 -33.97 -37.42 -0.27
C THR A 203 -34.82 -36.16 -0.31
N ILE A 204 -34.24 -35.00 0.01
CA ILE A 204 -34.96 -33.73 0.01
C ILE A 204 -34.09 -32.69 -0.68
N ASP A 205 -34.72 -31.83 -1.45
CA ASP A 205 -34.03 -30.71 -2.11
C ASP A 205 -34.30 -29.43 -1.33
N ASN A 206 -33.24 -28.82 -0.82
CA ASN A 206 -33.29 -27.53 -0.15
C ASN A 206 -34.37 -27.51 0.92
N PRO A 207 -34.19 -28.24 2.03
CA PRO A 207 -35.24 -28.28 3.06
C PRO A 207 -35.50 -26.94 3.72
N TYR A 208 -34.57 -25.99 3.61
CA TYR A 208 -34.78 -24.67 4.20
C TYR A 208 -35.98 -23.96 3.56
N VAL A 209 -36.06 -24.00 2.24
CA VAL A 209 -37.12 -23.26 1.54
C VAL A 209 -38.32 -24.15 1.32
N VAL A 210 -38.32 -25.31 1.97
CA VAL A 210 -39.52 -26.13 2.07
C VAL A 210 -40.11 -26.08 3.48
N ALA A 211 -39.30 -25.83 4.50
CA ALA A 211 -39.78 -25.69 5.86
C ALA A 211 -40.07 -24.24 6.23
N TRP A 212 -39.35 -23.29 5.65
CA TRP A 212 -39.53 -21.88 6.00
C TRP A 212 -40.52 -21.18 5.07
N HIS A 213 -40.20 -21.12 3.78
CA HIS A 213 -41.05 -20.37 2.86
C HIS A 213 -42.28 -21.16 2.44
N GLY A 214 -42.51 -22.32 3.02
CA GLY A 214 -43.74 -23.04 2.77
C GLY A 214 -44.64 -23.05 4.00
N TYR A 215 -44.03 -22.96 5.19
CA TYR A 215 -44.79 -23.08 6.42
C TYR A 215 -44.51 -21.97 7.43
N ALA A 216 -43.66 -20.99 7.10
CA ALA A 216 -43.43 -19.85 7.98
C ALA A 216 -43.81 -18.53 7.34
N THR A 217 -43.33 -18.25 6.14
CA THR A 217 -43.67 -17.01 5.45
C THR A 217 -44.71 -17.20 4.35
N GLY A 218 -44.95 -18.43 3.91
CA GLY A 218 -46.04 -18.70 2.99
C GLY A 218 -45.80 -18.28 1.55
N ARG A 219 -44.56 -18.04 1.15
CA ARG A 219 -44.28 -17.60 -0.21
C ARG A 219 -44.29 -18.74 -1.22
N LEU A 220 -44.31 -19.99 -0.78
CA LEU A 220 -44.21 -21.14 -1.67
C LEU A 220 -45.47 -22.00 -1.58
N ALA A 221 -45.41 -23.19 -2.17
CA ALA A 221 -46.61 -23.95 -2.54
C ALA A 221 -47.63 -24.14 -1.43
N PRO A 222 -47.28 -24.62 -0.23
CA PRO A 222 -48.33 -24.78 0.79
C PRO A 222 -48.84 -23.43 1.25
N GLY A 223 -47.93 -22.51 1.54
CA GLY A 223 -48.27 -21.11 1.72
C GLY A 223 -49.29 -20.82 2.80
N ILE A 224 -49.15 -21.44 3.97
CA ILE A 224 -50.06 -21.14 5.07
C ILE A 224 -49.48 -20.13 6.05
N ARG A 225 -48.18 -19.86 5.98
CA ARG A 225 -47.49 -18.84 6.78
C ARG A 225 -47.98 -18.79 8.22
N GLY A 226 -47.94 -19.95 8.87
CA GLY A 226 -48.37 -20.05 10.25
C GLY A 226 -47.55 -19.18 11.19
N SER A 227 -46.30 -19.55 11.39
CA SER A 227 -45.39 -18.86 12.30
C SER A 227 -44.00 -19.46 12.19
N PRO A 228 -42.96 -18.83 12.74
CA PRO A 228 -41.66 -19.50 12.80
C PRO A 228 -41.72 -20.84 13.51
N ARG A 229 -42.56 -20.97 14.54
CA ARG A 229 -42.68 -22.23 15.25
C ARG A 229 -43.15 -23.35 14.32
N LEU A 230 -44.12 -23.05 13.46
CA LEU A 230 -44.59 -24.04 12.49
C LEU A 230 -43.45 -24.44 11.55
N GLY A 231 -42.66 -23.47 11.11
CA GLY A 231 -41.53 -23.79 10.25
C GLY A 231 -40.52 -24.69 10.92
N TYR A 232 -40.20 -24.41 12.19
CA TYR A 232 -39.24 -25.25 12.91
C TYR A 232 -39.78 -26.65 13.11
N LEU A 233 -41.07 -26.78 13.45
CA LEU A 233 -41.66 -28.10 13.62
C LEU A 233 -41.68 -28.88 12.29
N VAL A 234 -42.00 -28.21 11.20
CA VAL A 234 -42.04 -28.90 9.91
C VAL A 234 -40.63 -29.27 9.46
N ALA A 235 -39.63 -28.47 9.83
CA ALA A 235 -38.24 -28.87 9.57
C ALA A 235 -37.85 -30.09 10.39
N HIS A 236 -38.31 -30.16 11.65
CA HIS A 236 -38.10 -31.34 12.47
C HIS A 236 -38.66 -32.57 11.78
N ASN A 237 -39.89 -32.47 11.28
CA ASN A 237 -40.51 -33.60 10.59
C ASN A 237 -39.78 -33.94 9.30
N LEU A 238 -39.28 -32.93 8.59
CA LEU A 238 -38.50 -33.17 7.39
C LEU A 238 -37.24 -33.96 7.70
N LEU A 239 -36.54 -33.59 8.77
CA LEU A 239 -35.34 -34.32 9.18
C LEU A 239 -35.68 -35.75 9.55
N LEU A 240 -36.77 -35.96 10.28
CA LEU A 240 -37.17 -37.32 10.64
C LEU A 240 -37.46 -38.16 9.41
N ALA A 241 -38.18 -37.59 8.43
CA ALA A 241 -38.49 -38.34 7.22
C ALA A 241 -37.22 -38.67 6.44
N HIS A 242 -36.30 -37.71 6.34
CA HIS A 242 -35.04 -37.97 5.64
C HIS A 242 -34.26 -39.08 6.32
N ALA A 243 -34.23 -39.07 7.66
CA ALA A 243 -33.55 -40.15 8.37
C ALA A 243 -34.22 -41.50 8.11
N LYS A 244 -35.55 -41.52 8.09
CA LYS A 244 -36.26 -42.77 7.82
C LYS A 244 -35.89 -43.31 6.44
N VAL A 245 -35.87 -42.44 5.43
CA VAL A 245 -35.57 -42.89 4.08
C VAL A 245 -34.12 -43.36 3.98
N TRP A 246 -33.19 -42.61 4.59
CA TRP A 246 -31.78 -43.00 4.55
C TRP A 246 -31.56 -44.34 5.22
N HIS A 247 -32.21 -44.57 6.37
CA HIS A 247 -32.03 -45.85 7.05
C HIS A 247 -32.69 -46.99 6.27
N LEU A 248 -33.80 -46.73 5.61
CA LEU A 248 -34.37 -47.74 4.71
C LEU A 248 -33.36 -48.13 3.64
N TYR A 249 -32.72 -47.12 3.01
CA TYR A 249 -31.72 -47.43 2.00
C TYR A 249 -30.56 -48.22 2.59
N ASN A 250 -30.04 -47.77 3.73
CA ASN A 250 -28.85 -48.37 4.30
C ASN A 250 -29.10 -49.82 4.72
N THR A 251 -30.26 -50.10 5.31
CA THR A 251 -30.50 -51.44 5.82
C THR A 251 -31.02 -52.40 4.76
N SER A 252 -31.77 -51.91 3.77
CA SER A 252 -32.49 -52.82 2.88
C SER A 252 -32.00 -52.82 1.45
N PHE A 253 -31.38 -51.74 0.97
CA PHE A 253 -31.12 -51.60 -0.46
C PHE A 253 -29.66 -51.42 -0.84
N ARG A 254 -28.82 -50.87 0.04
CA ARG A 254 -27.43 -50.61 -0.31
C ARG A 254 -26.65 -51.86 -0.70
N PRO A 255 -26.70 -52.97 0.04
CA PRO A 255 -25.87 -54.13 -0.33
C PRO A 255 -26.24 -54.78 -1.66
N THR A 256 -27.23 -54.27 -2.39
CA THR A 256 -27.62 -54.83 -3.67
C THR A 256 -27.40 -53.89 -4.84
N GLN A 257 -27.33 -52.58 -4.60
CA GLN A 257 -27.21 -51.61 -5.68
C GLN A 257 -25.98 -50.72 -5.50
N GLY A 258 -25.52 -50.59 -4.25
CA GLY A 258 -24.31 -49.83 -3.97
C GLY A 258 -24.36 -48.38 -4.37
N GLY A 259 -25.21 -47.60 -3.72
CA GLY A 259 -25.34 -46.19 -4.03
C GLY A 259 -25.15 -45.28 -2.82
N GLN A 260 -25.42 -43.99 -2.98
CA GLN A 260 -25.27 -43.03 -1.91
C GLN A 260 -26.52 -42.18 -1.80
N VAL A 261 -26.79 -41.71 -0.58
CA VAL A 261 -27.98 -40.91 -0.29
C VAL A 261 -27.56 -39.74 0.59
N SER A 262 -28.02 -38.54 0.26
CA SER A 262 -27.79 -37.37 1.07
C SER A 262 -29.03 -36.49 1.02
N ILE A 263 -28.93 -35.29 1.59
CA ILE A 263 -29.99 -34.30 1.56
C ILE A 263 -29.43 -33.02 0.97
N ALA A 264 -30.08 -32.50 -0.07
CA ALA A 264 -29.55 -31.35 -0.82
C ALA A 264 -29.68 -30.09 0.01
N LEU A 265 -28.71 -29.90 0.90
CA LEU A 265 -28.68 -28.70 1.71
C LEU A 265 -28.36 -27.48 0.84
N SER A 266 -28.53 -26.29 1.43
CA SER A 266 -28.32 -25.05 0.71
C SER A 266 -27.93 -23.97 1.70
N SER A 267 -27.11 -23.03 1.22
CA SER A 267 -26.62 -21.96 2.08
C SER A 267 -26.19 -20.79 1.21
N HIS A 268 -25.82 -19.70 1.86
CA HIS A 268 -25.26 -18.51 1.25
C HIS A 268 -23.84 -18.30 1.79
N TRP A 269 -23.24 -17.16 1.48
CA TRP A 269 -22.05 -16.76 2.20
C TRP A 269 -22.34 -15.45 2.92
N ILE A 270 -21.60 -15.22 4.01
CA ILE A 270 -21.81 -14.03 4.82
C ILE A 270 -20.46 -13.47 5.26
N ASN A 271 -20.42 -12.16 5.46
CA ASN A 271 -19.21 -11.43 5.80
C ASN A 271 -19.54 -10.43 6.90
N PRO A 272 -18.60 -10.20 7.81
CA PRO A 272 -18.86 -9.25 8.90
C PRO A 272 -18.89 -7.81 8.41
N ARG A 273 -19.70 -7.00 9.09
CA ARG A 273 -19.70 -5.56 8.82
C ARG A 273 -18.35 -4.95 9.16
N ARG A 274 -17.78 -5.33 10.29
CA ARG A 274 -16.46 -4.89 10.70
C ARG A 274 -15.69 -6.09 11.25
N MET A 275 -14.37 -6.02 11.15
CA MET A 275 -13.52 -7.16 11.48
C MET A 275 -13.27 -7.25 12.99
N THR A 276 -14.36 -7.43 13.73
CA THR A 276 -14.32 -7.65 15.16
C THR A 276 -14.56 -9.13 15.45
N ASP A 277 -14.68 -9.48 16.73
CA ASP A 277 -15.04 -10.84 17.11
C ASP A 277 -16.53 -11.02 17.26
N HIS A 278 -17.25 -10.00 17.73
CA HIS A 278 -18.70 -10.09 17.82
C HIS A 278 -19.34 -10.24 16.45
N SER A 279 -18.86 -9.47 15.46
CA SER A 279 -19.40 -9.60 14.11
C SER A 279 -19.10 -10.95 13.51
N ILE A 280 -17.89 -11.48 13.74
CA ILE A 280 -17.53 -12.80 13.22
C ILE A 280 -18.40 -13.87 13.86
N LYS A 281 -18.61 -13.78 15.17
CA LYS A 281 -19.47 -14.75 15.83
C LYS A 281 -20.92 -14.62 15.38
N GLU A 282 -21.38 -13.41 15.08
CA GLU A 282 -22.72 -13.24 14.52
C GLU A 282 -22.82 -13.88 13.14
N CYS A 283 -21.77 -13.75 12.34
CA CYS A 283 -21.74 -14.43 11.04
C CYS A 283 -21.81 -15.93 11.20
N GLN A 284 -21.05 -16.48 12.17
CA GLN A 284 -21.12 -17.91 12.43
C GLN A 284 -22.50 -18.32 12.90
N LYS A 285 -23.14 -17.48 13.73
CA LYS A 285 -24.50 -17.76 14.18
C LYS A 285 -25.46 -17.78 13.01
N SER A 286 -25.31 -16.84 12.06
CA SER A 286 -26.18 -16.82 10.89
C SER A 286 -25.98 -18.06 10.04
N LEU A 287 -24.74 -18.46 9.82
CA LEU A 287 -24.49 -19.66 9.02
C LEU A 287 -25.02 -20.91 9.71
N ASP A 288 -24.93 -20.98 11.04
CA ASP A 288 -25.53 -22.08 11.77
C ASP A 288 -27.05 -22.05 11.64
N PHE A 289 -27.64 -20.85 11.68
CA PHE A 289 -29.09 -20.72 11.59
C PHE A 289 -29.60 -21.18 10.22
N VAL A 290 -28.88 -20.87 9.16
CA VAL A 290 -29.36 -21.13 7.81
C VAL A 290 -29.06 -22.57 7.39
N LEU A 291 -27.78 -22.96 7.52
CA LEU A 291 -27.32 -24.24 6.99
C LEU A 291 -27.02 -25.27 8.09
N GLY A 292 -26.33 -24.85 9.16
CA GLY A 292 -26.07 -25.77 10.25
C GLY A 292 -27.35 -26.30 10.88
N TRP A 293 -28.42 -25.52 10.80
CA TRP A 293 -29.73 -25.95 11.29
C TRP A 293 -30.14 -27.29 10.73
N PHE A 294 -29.83 -27.53 9.45
CA PHE A 294 -30.12 -28.82 8.81
C PHE A 294 -28.90 -29.72 8.67
N ALA A 295 -27.70 -29.15 8.68
CA ALA A 295 -26.49 -29.93 8.43
C ALA A 295 -25.94 -30.60 9.67
N LYS A 296 -25.98 -29.92 10.82
CA LYS A 296 -25.41 -30.48 12.04
C LYS A 296 -26.12 -31.76 12.49
N PRO A 297 -27.45 -31.83 12.55
CA PRO A 297 -28.07 -33.09 13.01
C PRO A 297 -27.78 -34.29 12.12
N VAL A 298 -27.54 -34.08 10.83
CA VAL A 298 -27.31 -35.20 9.92
C VAL A 298 -25.84 -35.53 9.74
N PHE A 299 -24.93 -34.63 10.09
CA PHE A 299 -23.51 -34.83 9.82
C PHE A 299 -22.63 -34.91 11.06
N ILE A 300 -23.01 -34.27 12.16
CA ILE A 300 -22.11 -34.21 13.31
C ILE A 300 -22.60 -35.05 14.47
N ASP A 301 -23.73 -34.67 15.06
CA ASP A 301 -24.12 -35.34 16.30
C ASP A 301 -25.57 -35.84 16.30
N GLY A 302 -26.50 -35.09 15.71
CA GLY A 302 -27.90 -35.44 15.76
C GLY A 302 -28.80 -34.41 16.39
N ASP A 303 -28.29 -33.25 16.80
CA ASP A 303 -29.09 -32.21 17.41
C ASP A 303 -28.82 -30.87 16.74
N TYR A 304 -29.73 -29.93 16.95
CA TYR A 304 -29.61 -28.61 16.35
C TYR A 304 -28.37 -27.89 16.90
N PRO A 305 -27.81 -26.96 16.13
CA PRO A 305 -26.64 -26.23 16.63
C PRO A 305 -26.93 -25.48 17.91
N GLU A 306 -25.95 -25.46 18.81
CA GLU A 306 -26.14 -24.82 20.11
C GLU A 306 -26.20 -23.30 20.00
N SER A 307 -25.67 -22.71 18.92
CA SER A 307 -25.84 -21.29 18.69
C SER A 307 -27.29 -20.91 18.44
N MET A 308 -28.15 -21.89 18.15
CA MET A 308 -29.56 -21.66 17.90
C MET A 308 -30.47 -22.38 18.89
N LYS A 309 -29.98 -23.42 19.56
CA LYS A 309 -30.79 -24.12 20.55
C LYS A 309 -31.14 -23.22 21.73
N ASN A 310 -30.17 -22.43 22.21
CA ASN A 310 -30.38 -21.53 23.34
C ASN A 310 -30.91 -20.17 22.90
N ASN A 311 -31.45 -20.07 21.69
CA ASN A 311 -32.03 -18.83 21.20
C ASN A 311 -33.52 -18.93 20.92
N LEU A 312 -34.03 -20.12 20.59
CA LEU A 312 -35.44 -20.35 20.33
C LEU A 312 -35.91 -21.61 21.07
N SER A 313 -35.61 -21.66 22.38
CA SER A 313 -35.81 -22.88 23.14
C SER A 313 -37.26 -23.34 23.12
N SER A 314 -38.20 -22.41 23.28
CA SER A 314 -39.62 -22.76 23.28
C SER A 314 -40.22 -22.78 21.88
N ILE A 315 -39.44 -22.47 20.85
CA ILE A 315 -39.93 -22.42 19.49
C ILE A 315 -39.63 -23.71 18.73
N LEU A 316 -38.43 -24.25 18.89
CA LEU A 316 -38.06 -25.43 18.12
C LEU A 316 -38.14 -26.69 18.98
N PRO A 317 -38.69 -27.78 18.42
CA PRO A 317 -38.77 -29.03 19.17
C PRO A 317 -37.42 -29.68 19.38
N ASP A 318 -37.37 -30.75 20.16
CA ASP A 318 -36.12 -31.39 20.52
C ASP A 318 -36.17 -32.87 20.20
N PHE A 319 -35.03 -33.40 19.76
CA PHE A 319 -34.89 -34.83 19.51
C PHE A 319 -34.69 -35.59 20.81
N THR A 320 -35.30 -36.76 20.91
CA THR A 320 -34.92 -37.69 21.96
C THR A 320 -33.60 -38.37 21.61
N GLU A 321 -33.08 -39.16 22.55
CA GLU A 321 -31.81 -39.83 22.32
C GLU A 321 -31.90 -40.79 21.14
N SER A 322 -33.01 -41.52 21.03
CA SER A 322 -33.21 -42.40 19.89
C SER A 322 -33.25 -41.60 18.59
N GLU A 323 -33.94 -40.46 18.60
CA GLU A 323 -33.95 -39.61 17.42
C GLU A 323 -32.56 -39.05 17.13
N LYS A 324 -31.83 -38.66 18.18
CA LYS A 324 -30.48 -38.14 17.98
C LYS A 324 -29.58 -39.17 17.33
N LYS A 325 -29.71 -40.44 17.72
CA LYS A 325 -29.00 -41.51 17.03
C LYS A 325 -29.57 -41.80 15.65
N PHE A 326 -30.84 -41.45 15.42
CA PHE A 326 -31.47 -41.70 14.13
C PHE A 326 -31.02 -40.72 13.05
N ILE A 327 -30.72 -39.48 13.43
CA ILE A 327 -30.39 -38.45 12.45
C ILE A 327 -28.90 -38.42 12.15
N LYS A 328 -28.06 -38.77 13.13
CA LYS A 328 -26.63 -38.65 12.95
C LYS A 328 -26.11 -39.68 11.95
N GLY A 329 -25.24 -39.23 11.05
CA GLY A 329 -24.63 -40.11 10.07
C GLY A 329 -25.57 -40.71 9.06
N THR A 330 -26.48 -39.90 8.51
CA THR A 330 -27.42 -40.33 7.48
C THR A 330 -27.24 -39.51 6.21
N ALA A 331 -26.00 -39.30 5.81
CA ALA A 331 -25.69 -38.59 4.57
C ALA A 331 -24.30 -39.00 4.12
N ASP A 332 -24.21 -39.62 2.94
CA ASP A 332 -22.93 -40.12 2.47
C ASP A 332 -22.02 -38.99 2.01
N PHE A 333 -22.44 -38.23 1.00
CA PHE A 333 -21.72 -37.06 0.58
C PHE A 333 -22.39 -35.82 1.14
N PHE A 334 -21.87 -34.65 0.79
CA PHE A 334 -22.41 -33.37 1.23
C PHE A 334 -22.93 -32.63 0.01
N ALA A 335 -24.20 -32.83 -0.31
CA ALA A 335 -24.81 -32.09 -1.40
C ALA A 335 -24.97 -30.62 -1.00
N LEU A 336 -24.67 -29.73 -1.92
CA LEU A 336 -24.74 -28.29 -1.65
C LEU A 336 -25.49 -27.61 -2.78
N CYS A 337 -26.36 -26.66 -2.42
CA CYS A 337 -27.18 -25.93 -3.38
C CYS A 337 -26.89 -24.44 -3.19
N PHE A 338 -25.87 -23.95 -3.88
CA PHE A 338 -25.48 -22.54 -3.83
C PHE A 338 -25.83 -21.89 -5.17
N GLY A 339 -27.04 -21.34 -5.25
CA GLY A 339 -27.49 -20.65 -6.43
C GLY A 339 -28.26 -19.41 -6.09
N PRO A 340 -29.26 -19.07 -6.92
CA PRO A 340 -30.10 -17.90 -6.64
C PRO A 340 -31.37 -18.21 -5.87
N THR A 341 -31.69 -19.48 -5.65
CA THR A 341 -32.93 -19.83 -4.97
C THR A 341 -32.89 -19.46 -3.49
N LEU A 342 -31.72 -19.35 -2.89
CA LEU A 342 -31.61 -18.95 -1.49
C LEU A 342 -30.71 -17.74 -1.30
N SER A 343 -29.62 -17.65 -2.05
CA SER A 343 -28.69 -16.53 -1.90
C SER A 343 -29.31 -15.28 -2.53
N PHE A 344 -29.42 -14.22 -1.73
CA PHE A 344 -29.87 -12.88 -2.12
C PHE A 344 -31.34 -12.83 -2.51
N GLN A 345 -32.07 -13.94 -2.49
CA GLN A 345 -33.46 -13.95 -2.90
C GLN A 345 -34.41 -14.39 -1.79
N LEU A 346 -34.18 -15.56 -1.19
CA LEU A 346 -35.14 -16.15 -0.27
C LEU A 346 -34.61 -16.29 1.16
N LEU A 347 -33.44 -15.74 1.45
CA LEU A 347 -32.91 -15.79 2.80
C LEU A 347 -33.61 -14.75 3.67
N ASP A 348 -34.22 -15.20 4.75
CA ASP A 348 -34.89 -14.26 5.66
C ASP A 348 -33.85 -13.37 6.34
N PRO A 349 -34.04 -12.06 6.36
CA PRO A 349 -33.05 -11.18 6.98
C PRO A 349 -32.80 -11.47 8.45
N HIS A 350 -33.78 -12.04 9.15
CA HIS A 350 -33.56 -12.41 10.55
C HIS A 350 -32.45 -13.44 10.68
N MET A 351 -32.42 -14.43 9.77
CA MET A 351 -31.35 -15.40 9.76
C MET A 351 -30.02 -14.81 9.34
N LYS A 352 -30.00 -13.59 8.81
CA LYS A 352 -28.77 -12.95 8.39
C LYS A 352 -28.04 -12.24 9.52
N PHE A 353 -28.77 -11.78 10.54
CA PHE A 353 -28.19 -11.10 11.70
C PHE A 353 -27.40 -9.86 11.27
N ARG A 354 -28.03 -9.04 10.42
CA ARG A 354 -27.57 -7.70 10.04
C ARG A 354 -26.13 -7.68 9.53
N GLN A 355 -25.61 -8.83 9.09
CA GLN A 355 -24.29 -8.88 8.49
C GLN A 355 -24.42 -8.66 6.98
N LEU A 356 -23.34 -8.86 6.24
CA LEU A 356 -23.33 -8.60 4.80
C LEU A 356 -23.42 -9.92 4.04
N GLU A 357 -24.48 -10.08 3.25
CA GLU A 357 -24.59 -11.27 2.42
C GLU A 357 -23.56 -11.22 1.29
N SER A 358 -23.16 -12.40 0.82
CA SER A 358 -22.11 -12.51 -0.18
C SER A 358 -22.18 -13.85 -0.88
N PRO A 359 -22.13 -13.85 -2.23
CA PRO A 359 -22.13 -15.09 -3.01
C PRO A 359 -20.73 -15.61 -3.32
N ASN A 360 -19.92 -15.81 -2.29
CA ASN A 360 -18.56 -16.32 -2.47
C ASN A 360 -18.57 -17.83 -2.25
N LEU A 361 -18.45 -18.59 -3.34
CA LEU A 361 -18.53 -20.03 -3.25
C LEU A 361 -17.28 -20.63 -2.61
N ARG A 362 -16.11 -20.04 -2.85
CA ARG A 362 -14.87 -20.62 -2.37
C ARG A 362 -14.79 -20.58 -0.85
N GLN A 363 -15.12 -19.44 -0.25
CA GLN A 363 -15.07 -19.33 1.21
C GLN A 363 -16.12 -20.22 1.85
N LEU A 364 -17.29 -20.35 1.23
CA LEU A 364 -18.31 -21.26 1.74
C LEU A 364 -17.82 -22.70 1.70
N LEU A 365 -17.17 -23.08 0.60
CA LEU A 365 -16.65 -24.44 0.50
C LEU A 365 -15.59 -24.70 1.55
N SER A 366 -14.72 -23.72 1.80
CA SER A 366 -13.72 -23.87 2.85
C SER A 366 -14.39 -24.00 4.22
N TRP A 367 -15.44 -23.22 4.46
CA TRP A 367 -16.17 -23.32 5.72
C TRP A 367 -16.80 -24.69 5.89
N ILE A 368 -17.39 -25.23 4.82
CA ILE A 368 -17.97 -26.58 4.88
C ILE A 368 -16.89 -27.61 5.19
N ASP A 369 -15.76 -27.52 4.50
CA ASP A 369 -14.70 -28.50 4.67
C ASP A 369 -14.15 -28.46 6.10
N LEU A 370 -13.95 -27.26 6.65
CA LEU A 370 -13.47 -27.16 8.02
C LEU A 370 -14.52 -27.64 9.02
N GLU A 371 -15.78 -27.24 8.82
CA GLU A 371 -16.81 -27.46 9.83
C GLU A 371 -17.22 -28.92 9.92
N PHE A 372 -17.46 -29.56 8.78
CA PHE A 372 -18.12 -30.86 8.72
C PHE A 372 -17.17 -32.00 8.42
N ASN A 373 -15.95 -31.93 8.96
CA ASN A 373 -15.02 -33.06 9.01
C ASN A 373 -14.62 -33.53 7.60
N HIS A 374 -14.30 -32.57 6.73
CA HIS A 374 -13.74 -32.84 5.41
C HIS A 374 -14.59 -33.83 4.60
N PRO A 375 -15.85 -33.50 4.33
CA PRO A 375 -16.72 -34.44 3.60
C PRO A 375 -16.53 -34.29 2.10
N GLN A 376 -17.17 -35.21 1.37
CA GLN A 376 -17.16 -35.16 -0.09
C GLN A 376 -18.21 -34.17 -0.55
N ILE A 377 -17.81 -32.90 -0.68
CA ILE A 377 -18.74 -31.88 -1.13
C ILE A 377 -19.13 -32.17 -2.58
N PHE A 378 -20.38 -31.85 -2.91
CA PHE A 378 -20.93 -32.10 -4.25
C PHE A 378 -21.88 -30.94 -4.53
N ILE A 379 -21.44 -30.00 -5.35
CA ILE A 379 -22.29 -28.86 -5.68
C ILE A 379 -23.35 -29.37 -6.65
N VAL A 380 -24.54 -29.66 -6.12
CA VAL A 380 -25.59 -30.31 -6.89
C VAL A 380 -26.54 -29.30 -7.53
N GLU A 381 -26.36 -28.01 -7.28
CA GLU A 381 -27.12 -26.97 -7.97
C GLU A 381 -26.34 -25.66 -7.87
N ASN A 382 -26.13 -25.02 -9.01
CA ASN A 382 -25.36 -23.78 -9.05
C ASN A 382 -25.71 -23.02 -10.32
N GLY A 383 -25.32 -21.76 -10.35
CA GLY A 383 -25.54 -20.91 -11.51
C GLY A 383 -26.57 -19.83 -11.22
N TRP A 384 -26.30 -18.62 -11.70
CA TRP A 384 -27.18 -17.48 -11.46
C TRP A 384 -28.35 -17.50 -12.44
N PHE A 385 -29.09 -16.40 -12.50
CA PHE A 385 -30.24 -16.26 -13.37
C PHE A 385 -30.03 -15.13 -14.37
N VAL A 386 -30.96 -15.04 -15.32
CA VAL A 386 -31.00 -13.96 -16.30
C VAL A 386 -32.43 -13.42 -16.32
N SER A 387 -32.56 -12.18 -16.76
CA SER A 387 -33.90 -11.59 -16.90
C SER A 387 -34.70 -12.38 -17.92
N GLY A 388 -36.02 -12.44 -17.68
CA GLY A 388 -36.89 -13.37 -18.40
C GLY A 388 -37.04 -13.11 -19.88
N THR A 389 -36.65 -11.93 -20.37
CA THR A 389 -36.87 -11.57 -21.76
C THR A 389 -35.73 -11.99 -22.69
N THR A 390 -34.59 -12.41 -22.14
CA THR A 390 -33.42 -12.65 -22.97
C THR A 390 -33.54 -13.96 -23.73
N LYS A 391 -33.13 -13.91 -25.01
CA LYS A 391 -33.06 -15.08 -25.88
C LYS A 391 -31.80 -15.88 -25.59
N ARG A 392 -31.43 -16.77 -26.52
CA ARG A 392 -30.32 -17.70 -26.30
C ARG A 392 -28.97 -17.00 -26.15
N ASP A 393 -28.89 -15.68 -26.14
CA ASP A 393 -27.63 -14.96 -25.93
C ASP A 393 -27.67 -14.34 -24.53
N ASP A 394 -27.19 -15.10 -23.56
CA ASP A 394 -26.97 -14.58 -22.21
C ASP A 394 -25.47 -14.57 -21.90
N ALA A 395 -25.04 -13.55 -21.19
CA ALA A 395 -23.63 -13.43 -20.83
C ALA A 395 -23.39 -13.11 -19.37
N LYS A 396 -24.41 -12.65 -18.64
CA LYS A 396 -24.27 -12.57 -17.19
C LYS A 396 -24.26 -13.97 -16.58
N TYR A 397 -25.13 -14.86 -17.08
CA TYR A 397 -25.15 -16.23 -16.59
C TYR A 397 -23.86 -16.97 -16.91
N MET A 398 -23.34 -16.79 -18.12
CA MET A 398 -22.11 -17.49 -18.49
C MET A 398 -20.95 -17.09 -17.59
N TYR A 399 -20.80 -15.80 -17.34
CA TYR A 399 -19.68 -15.35 -16.51
C TYR A 399 -19.89 -15.67 -15.04
N TYR A 400 -21.14 -15.68 -14.56
CA TYR A 400 -21.40 -16.12 -13.20
C TYR A 400 -21.07 -17.59 -13.03
N LEU A 401 -21.47 -18.42 -13.99
CA LEU A 401 -21.12 -19.83 -13.95
C LEU A 401 -19.62 -20.04 -14.03
N LYS A 402 -18.94 -19.27 -14.88
CA LYS A 402 -17.49 -19.38 -15.00
C LYS A 402 -16.80 -19.00 -13.69
N LYS A 403 -17.28 -17.94 -13.04
CA LYS A 403 -16.73 -17.54 -11.76
C LYS A 403 -16.95 -18.61 -10.70
N PHE A 404 -18.14 -19.21 -10.67
CA PHE A 404 -18.42 -20.25 -9.68
C PHE A 404 -17.56 -21.48 -9.92
N ILE A 405 -17.37 -21.86 -11.19
CA ILE A 405 -16.52 -23.01 -11.49
C ILE A 405 -15.07 -22.72 -11.16
N MET A 406 -14.61 -21.49 -11.39
CA MET A 406 -13.27 -21.11 -10.98
C MET A 406 -13.13 -21.15 -9.46
N GLU A 407 -14.16 -20.72 -8.74
CA GLU A 407 -14.11 -20.79 -7.29
C GLU A 407 -14.03 -22.23 -6.81
N THR A 408 -14.80 -23.12 -7.43
CA THR A 408 -14.73 -24.54 -7.08
C THR A 408 -13.34 -25.10 -7.35
N LEU A 409 -12.75 -24.75 -8.51
CA LEU A 409 -11.41 -25.21 -8.83
C LEU A 409 -10.39 -24.68 -7.83
N LYS A 410 -10.51 -23.42 -7.43
CA LYS A 410 -9.61 -22.86 -6.44
C LYS A 410 -9.75 -23.57 -5.10
N ALA A 411 -10.98 -23.86 -4.69
CA ALA A 411 -11.18 -24.58 -3.44
C ALA A 411 -10.59 -25.99 -3.50
N ILE A 412 -10.68 -26.63 -4.66
CA ILE A 412 -10.08 -27.96 -4.81
C ILE A 412 -8.56 -27.87 -4.73
N LYS A 413 -7.97 -26.93 -5.47
CA LYS A 413 -6.51 -26.88 -5.58
C LYS A 413 -5.88 -26.12 -4.41
N LEU A 414 -6.24 -24.84 -4.26
CA LEU A 414 -5.53 -23.97 -3.31
C LEU A 414 -5.82 -24.30 -1.86
N ASP A 415 -6.96 -24.93 -1.56
CA ASP A 415 -7.34 -25.20 -0.19
C ASP A 415 -7.62 -26.67 0.10
N GLY A 416 -7.63 -27.53 -0.91
CA GLY A 416 -7.83 -28.95 -0.71
C GLY A 416 -9.18 -29.31 -0.13
N VAL A 417 -10.25 -29.07 -0.88
CA VAL A 417 -11.60 -29.41 -0.48
C VAL A 417 -12.09 -30.53 -1.37
N ASP A 418 -12.57 -31.62 -0.76
CA ASP A 418 -12.94 -32.82 -1.50
C ASP A 418 -14.26 -32.60 -2.23
N VAL A 419 -14.19 -31.80 -3.28
CA VAL A 419 -15.32 -31.58 -4.17
C VAL A 419 -15.31 -32.69 -5.22
N ILE A 420 -16.40 -33.44 -5.30
CA ILE A 420 -16.48 -34.61 -6.17
C ILE A 420 -17.40 -34.39 -7.35
N GLY A 421 -17.89 -33.17 -7.55
CA GLY A 421 -18.74 -32.92 -8.70
C GLY A 421 -19.20 -31.48 -8.75
N TYR A 422 -19.85 -31.14 -9.86
CA TYR A 422 -20.44 -29.83 -10.07
C TYR A 422 -21.68 -29.99 -10.93
N THR A 423 -22.70 -29.17 -10.65
CA THR A 423 -23.98 -29.28 -11.34
C THR A 423 -24.51 -27.89 -11.65
N ALA A 424 -24.31 -27.44 -12.88
CA ALA A 424 -25.01 -26.24 -13.36
C ALA A 424 -26.50 -26.52 -13.42
N TRP A 425 -27.30 -25.55 -13.02
CA TRP A 425 -28.72 -25.79 -12.82
C TRP A 425 -29.54 -25.49 -14.06
N SER A 426 -30.69 -26.17 -14.16
CA SER A 426 -31.71 -25.88 -15.17
C SER A 426 -31.15 -26.06 -16.58
N LEU A 427 -30.90 -27.33 -16.93
CA LEU A 427 -30.59 -27.69 -18.30
C LEU A 427 -31.45 -26.93 -19.30
N MET A 428 -32.74 -26.84 -19.04
CA MET A 428 -33.66 -26.05 -19.85
C MET A 428 -34.55 -25.21 -18.96
N ASP A 429 -35.08 -24.13 -19.53
CA ASP A 429 -35.83 -23.14 -18.78
C ASP A 429 -37.14 -23.73 -18.25
N GLY A 430 -37.76 -22.99 -17.33
CA GLY A 430 -39.01 -23.44 -16.75
C GLY A 430 -39.44 -22.53 -15.62
N PHE A 431 -40.32 -23.07 -14.77
CA PHE A 431 -40.84 -22.33 -13.62
C PHE A 431 -39.71 -21.92 -12.68
N GLU A 432 -40.01 -20.96 -11.81
CA GLU A 432 -39.04 -20.46 -10.83
C GLU A 432 -39.59 -20.46 -9.41
N TRP A 433 -40.81 -20.95 -9.22
CA TRP A 433 -41.47 -21.23 -7.95
C TRP A 433 -41.96 -20.01 -7.18
N HIS A 434 -41.44 -18.81 -7.47
CA HIS A 434 -42.14 -17.62 -7.01
C HIS A 434 -41.93 -16.46 -7.97
N ARG A 435 -41.06 -16.67 -8.97
CA ARG A 435 -40.74 -15.66 -9.94
C ARG A 435 -41.36 -15.96 -11.30
N GLY A 436 -42.28 -16.93 -11.35
CA GLY A 436 -43.00 -17.27 -12.56
C GLY A 436 -42.06 -17.63 -13.69
N TYR A 437 -42.41 -17.17 -14.88
CA TYR A 437 -41.57 -17.31 -16.06
C TYR A 437 -40.72 -16.08 -16.31
N SER A 438 -40.69 -15.15 -15.36
CA SER A 438 -39.96 -13.89 -15.50
C SER A 438 -38.47 -14.04 -15.24
N ILE A 439 -37.97 -15.25 -15.02
CA ILE A 439 -36.57 -15.48 -14.71
C ILE A 439 -36.11 -16.67 -15.54
N ARG A 440 -34.99 -16.52 -16.24
CA ARG A 440 -34.43 -17.58 -17.07
C ARG A 440 -33.14 -18.08 -16.43
N ARG A 441 -33.09 -19.39 -16.18
CA ARG A 441 -31.92 -20.04 -15.61
C ARG A 441 -31.43 -21.19 -16.47
N GLY A 442 -31.91 -21.31 -17.69
CA GLY A 442 -31.65 -22.50 -18.49
C GLY A 442 -30.34 -22.44 -19.25
N LEU A 443 -29.62 -23.56 -19.25
CA LEU A 443 -28.50 -23.72 -20.17
C LEU A 443 -28.99 -23.81 -21.61
N PHE A 444 -30.23 -24.25 -21.82
CA PHE A 444 -30.81 -24.37 -23.14
C PHE A 444 -32.06 -23.53 -23.22
N TYR A 445 -32.13 -22.65 -24.20
CA TYR A 445 -33.27 -21.74 -24.34
C TYR A 445 -34.46 -22.47 -24.93
N VAL A 446 -35.65 -22.08 -24.50
CA VAL A 446 -36.90 -22.63 -25.03
C VAL A 446 -37.98 -21.55 -24.93
N ASP A 447 -38.69 -21.33 -26.02
CA ASP A 447 -39.71 -20.29 -26.06
C ASP A 447 -41.06 -20.89 -25.65
N PHE A 448 -41.57 -20.44 -24.50
CA PHE A 448 -42.81 -20.97 -23.96
C PHE A 448 -44.03 -20.59 -24.78
N LEU A 449 -43.93 -19.61 -25.67
CA LEU A 449 -45.04 -19.26 -26.54
C LEU A 449 -45.14 -20.18 -27.76
N SER A 450 -44.16 -21.06 -27.96
CA SER A 450 -44.19 -22.00 -29.07
C SER A 450 -45.03 -23.22 -28.69
N GLN A 451 -45.01 -24.25 -29.55
CA GLN A 451 -45.70 -25.50 -29.25
C GLN A 451 -44.73 -26.66 -29.37
N ASP A 452 -43.71 -26.52 -30.21
CA ASP A 452 -42.69 -27.55 -30.33
C ASP A 452 -41.75 -27.53 -29.13
N LYS A 453 -41.36 -26.34 -28.67
CA LYS A 453 -40.49 -26.15 -27.52
C LYS A 453 -39.18 -26.93 -27.70
N MET A 454 -38.49 -26.61 -28.80
CA MET A 454 -37.21 -27.25 -29.12
C MET A 454 -36.09 -26.53 -28.40
N LEU A 455 -35.16 -27.29 -27.84
CA LEU A 455 -34.08 -26.75 -27.03
C LEU A 455 -33.01 -26.15 -27.92
N LEU A 456 -32.86 -24.83 -27.86
CA LEU A 456 -31.80 -24.14 -28.60
C LEU A 456 -30.65 -23.85 -27.65
N PRO A 457 -29.43 -24.28 -27.97
CA PRO A 457 -28.32 -24.11 -27.02
C PRO A 457 -27.98 -22.65 -26.80
N LYS A 458 -28.03 -22.22 -25.54
CA LYS A 458 -27.62 -20.87 -25.19
C LYS A 458 -26.11 -20.74 -25.29
N SER A 459 -25.63 -19.51 -25.09
CA SER A 459 -24.19 -19.28 -25.08
C SER A 459 -23.53 -19.98 -23.91
N SER A 460 -24.19 -19.99 -22.74
CA SER A 460 -23.66 -20.72 -21.60
C SER A 460 -23.58 -22.20 -21.87
N ALA A 461 -24.47 -22.73 -22.71
CA ALA A 461 -24.38 -24.13 -23.10
C ALA A 461 -23.10 -24.41 -23.86
N LEU A 462 -22.73 -23.52 -24.79
CA LEU A 462 -21.47 -23.69 -25.52
C LEU A 462 -20.27 -23.55 -24.59
N PHE A 463 -20.34 -22.61 -23.65
CA PHE A 463 -19.25 -22.46 -22.69
C PHE A 463 -19.10 -23.72 -21.85
N TYR A 464 -20.20 -24.30 -21.40
CA TYR A 464 -20.12 -25.52 -20.61
C TYR A 464 -19.62 -26.69 -21.46
N GLN A 465 -20.01 -26.75 -22.73
CA GLN A 465 -19.46 -27.74 -23.64
C GLN A 465 -17.94 -27.66 -23.66
N LYS A 466 -17.41 -26.46 -23.90
CA LYS A 466 -15.97 -26.30 -23.99
C LYS A 466 -15.29 -26.58 -22.66
N LEU A 467 -15.94 -26.23 -21.54
CA LEU A 467 -15.34 -26.47 -20.23
C LEU A 467 -15.29 -27.96 -19.91
N ILE A 468 -16.32 -28.70 -20.28
CA ILE A 468 -16.28 -30.15 -20.08
C ILE A 468 -15.23 -30.79 -20.98
N GLU A 469 -15.18 -30.38 -22.25
CA GLU A 469 -14.23 -30.97 -23.19
C GLU A 469 -12.80 -30.71 -22.76
N LYS A 470 -12.51 -29.49 -22.29
CA LYS A 470 -11.19 -29.18 -21.76
C LYS A 470 -10.98 -29.75 -20.36
N ASN A 471 -12.05 -30.05 -19.64
CA ASN A 471 -11.98 -30.53 -18.26
C ASN A 471 -11.20 -29.55 -17.38
N GLY A 472 -11.71 -28.34 -17.29
CA GLY A 472 -11.10 -27.30 -16.49
C GLY A 472 -10.50 -26.19 -17.33
N PHE A 473 -9.60 -25.43 -16.71
CA PHE A 473 -8.95 -24.29 -17.34
C PHE A 473 -7.47 -24.61 -17.52
N PRO A 474 -7.08 -25.26 -18.61
CA PRO A 474 -5.67 -25.57 -18.83
C PRO A 474 -4.93 -24.35 -19.34
N PRO A 475 -3.61 -24.31 -19.20
CA PRO A 475 -2.83 -23.18 -19.71
C PRO A 475 -2.98 -23.03 -21.22
N LEU A 476 -3.49 -21.87 -21.65
CA LEU A 476 -3.69 -21.62 -23.06
C LEU A 476 -2.37 -21.31 -23.76
N PRO A 477 -2.24 -21.66 -25.04
CA PRO A 477 -1.02 -21.32 -25.78
C PRO A 477 -0.83 -19.83 -25.98
N GLU A 478 -1.88 -19.03 -25.84
CA GLU A 478 -1.81 -17.59 -26.07
C GLU A 478 -1.46 -16.80 -24.81
N ASN A 479 -1.16 -17.49 -23.70
CA ASN A 479 -0.77 -16.81 -22.48
C ASN A 479 0.59 -17.26 -21.95
N GLN A 480 1.31 -18.10 -22.68
CA GLN A 480 2.65 -18.50 -22.26
C GLN A 480 3.62 -17.33 -22.46
N PRO A 481 4.41 -16.98 -21.45
CA PRO A 481 5.35 -15.87 -21.62
C PRO A 481 6.33 -16.13 -22.74
N LEU A 482 6.71 -15.07 -23.44
CA LEU A 482 7.60 -15.14 -24.59
C LEU A 482 8.99 -14.65 -24.20
N GLU A 483 10.01 -15.39 -24.62
CA GLU A 483 11.39 -14.98 -24.43
C GLU A 483 11.90 -14.33 -25.70
N GLY A 484 12.53 -13.18 -25.55
CA GLY A 484 13.00 -12.39 -26.67
C GLY A 484 13.19 -10.95 -26.24
N THR A 485 13.96 -10.22 -27.04
CA THR A 485 14.32 -8.85 -26.70
C THR A 485 13.64 -7.87 -27.66
N PHE A 486 13.27 -6.72 -27.11
CA PHE A 486 12.78 -5.63 -27.93
C PHE A 486 13.91 -5.13 -28.84
N PRO A 487 13.58 -4.51 -29.97
CA PRO A 487 14.62 -4.01 -30.86
C PRO A 487 15.43 -2.92 -30.18
N CYS A 488 16.67 -2.77 -30.64
CA CYS A 488 17.53 -1.69 -30.16
C CYS A 488 16.87 -0.33 -30.45
N ASP A 489 17.45 0.70 -29.84
CA ASP A 489 16.92 2.07 -29.84
C ASP A 489 15.46 2.14 -29.38
N PHE A 490 15.00 1.13 -28.65
CA PHE A 490 13.65 1.16 -28.10
C PHE A 490 13.51 2.30 -27.10
N ALA A 491 12.33 2.92 -27.10
CA ALA A 491 12.06 4.08 -26.25
C ALA A 491 11.39 3.59 -24.98
N TRP A 492 12.21 3.22 -24.00
CA TRP A 492 11.72 2.85 -22.68
C TRP A 492 11.62 4.11 -21.82
N GLY A 493 10.43 4.40 -21.32
CA GLY A 493 10.28 5.64 -20.58
C GLY A 493 9.19 5.56 -19.54
N VAL A 494 9.03 6.68 -18.82
CA VAL A 494 8.00 6.84 -17.82
C VAL A 494 7.21 8.10 -18.13
N VAL A 495 6.10 8.29 -17.42
CA VAL A 495 5.15 9.35 -17.73
C VAL A 495 4.76 10.09 -16.46
N ASP A 496 4.81 11.42 -16.53
CA ASP A 496 4.32 12.29 -15.45
C ASP A 496 3.78 13.56 -16.10
N ASN A 497 2.47 13.58 -16.36
CA ASN A 497 1.86 14.68 -17.08
C ASN A 497 1.34 15.78 -16.15
N TYR A 498 1.18 15.50 -14.86
CA TYR A 498 0.91 16.55 -13.89
C TYR A 498 2.21 17.03 -13.26
N ILE A 499 3.13 17.47 -14.12
CA ILE A 499 4.46 17.85 -13.66
C ILE A 499 4.35 18.96 -12.62
N GLN A 500 5.17 18.86 -11.58
CA GLN A 500 5.13 19.80 -10.46
C GLN A 500 6.04 20.98 -10.80
N VAL A 501 5.44 22.02 -11.38
CA VAL A 501 6.18 23.23 -11.73
C VAL A 501 6.38 24.05 -10.45
N ASP A 502 7.64 24.37 -10.16
CA ASP A 502 8.01 25.17 -8.99
C ASP A 502 9.20 26.02 -9.40
N THR A 503 8.91 27.23 -9.88
CA THR A 503 9.92 28.08 -10.53
C THR A 503 10.63 29.00 -9.54
N THR A 504 10.66 28.66 -8.26
CA THR A 504 11.40 29.45 -7.30
C THR A 504 12.91 29.31 -7.54
N LEU A 505 13.62 30.42 -7.42
CA LEU A 505 15.07 30.43 -7.64
C LEU A 505 15.77 30.24 -6.30
N SER A 506 16.66 29.25 -6.22
CA SER A 506 17.31 28.93 -4.96
C SER A 506 18.44 29.89 -4.64
N GLN A 507 19.34 30.11 -5.58
CA GLN A 507 20.56 30.88 -5.33
C GLN A 507 20.53 32.20 -6.09
N PHE A 508 21.39 33.12 -5.65
CA PHE A 508 21.58 34.43 -6.29
C PHE A 508 20.29 35.23 -6.32
N THR A 509 19.43 35.05 -5.32
CA THR A 509 18.13 35.72 -5.28
C THR A 509 18.05 36.79 -4.19
N ASP A 510 19.16 37.11 -3.53
CA ASP A 510 19.19 38.14 -2.49
C ASP A 510 20.18 39.21 -2.93
N LEU A 511 19.66 40.33 -3.42
CA LEU A 511 20.48 41.36 -4.05
C LEU A 511 21.13 42.31 -3.06
N ASN A 512 20.69 42.32 -1.80
CA ASN A 512 21.20 43.29 -0.85
C ASN A 512 22.65 43.00 -0.48
N VAL A 513 23.42 44.06 -0.26
CA VAL A 513 24.79 43.94 0.23
C VAL A 513 24.77 43.98 1.74
N TYR A 514 25.43 43.01 2.37
CA TYR A 514 25.52 42.92 3.82
C TYR A 514 26.92 43.26 4.28
N LEU A 515 27.04 43.55 5.57
CA LEU A 515 28.30 43.80 6.23
C LEU A 515 28.52 42.68 7.23
N TRP A 516 29.60 41.92 7.06
CA TRP A 516 29.82 40.67 7.77
C TRP A 516 30.97 40.87 8.74
N ASP A 517 30.65 41.34 9.94
CA ASP A 517 31.66 41.42 11.00
C ASP A 517 32.09 40.00 11.36
N VAL A 518 33.39 39.81 11.52
CA VAL A 518 33.96 38.47 11.58
C VAL A 518 34.78 38.23 12.84
N HIS A 519 34.69 39.12 13.83
CA HIS A 519 35.46 38.99 15.06
C HIS A 519 34.60 38.51 16.23
N HIS A 520 33.54 39.23 16.55
CA HIS A 520 32.62 38.90 17.65
C HIS A 520 31.21 38.71 17.09
N SER A 521 31.14 38.06 15.93
CA SER A 521 30.07 38.30 14.98
C SER A 521 30.00 37.12 14.01
N LYS A 522 29.58 37.40 12.76
CA LYS A 522 28.98 36.51 11.78
C LYS A 522 27.47 36.52 11.99
N ARG A 523 27.01 37.45 12.82
CA ARG A 523 25.64 37.96 12.73
C ARG A 523 25.62 39.14 11.77
N LEU A 524 25.77 38.83 10.48
CA LEU A 524 25.94 39.85 9.46
C LEU A 524 24.74 40.79 9.42
N ILE A 525 25.01 42.07 9.19
CA ILE A 525 24.02 43.13 9.32
C ILE A 525 23.81 43.80 7.98
N LYS A 526 22.54 44.03 7.62
CA LYS A 526 22.22 44.70 6.36
C LYS A 526 22.64 46.17 6.43
N VAL A 527 23.31 46.64 5.39
CA VAL A 527 23.62 48.05 5.21
C VAL A 527 22.68 48.62 4.17
N ASP A 528 22.02 49.73 4.51
CA ASP A 528 20.96 50.27 3.67
C ASP A 528 21.54 51.11 2.54
N GLY A 529 20.69 51.39 1.55
CA GLY A 529 21.03 52.27 0.46
C GLY A 529 21.69 51.62 -0.74
N VAL A 530 22.02 50.32 -0.66
CA VAL A 530 22.72 49.63 -1.73
C VAL A 530 21.97 48.35 -2.07
N VAL A 531 21.65 48.16 -3.34
CA VAL A 531 21.03 46.94 -3.85
C VAL A 531 21.75 46.59 -5.15
N THR A 532 22.47 45.48 -5.16
CA THR A 532 23.23 45.10 -6.34
C THR A 532 22.33 44.52 -7.42
N LYS A 533 22.90 44.35 -8.60
CA LYS A 533 22.18 43.77 -9.72
C LYS A 533 22.01 42.28 -9.53
N LYS A 534 21.08 41.70 -10.30
CA LYS A 534 20.78 40.28 -10.21
C LYS A 534 21.56 39.53 -11.28
N ARG A 535 22.24 38.47 -10.86
CA ARG A 535 22.97 37.64 -11.81
C ARG A 535 22.01 37.03 -12.82
N LYS A 536 22.51 36.82 -14.04
CA LYS A 536 21.67 36.28 -15.10
C LYS A 536 21.03 34.98 -14.64
N SER A 537 19.73 34.85 -14.88
CA SER A 537 18.98 33.74 -14.31
C SER A 537 19.33 32.44 -15.02
N TYR A 538 20.58 32.00 -14.87
CA TYR A 538 20.94 30.67 -15.36
C TYR A 538 20.13 29.62 -14.63
N CYS A 539 19.72 28.61 -15.37
CA CYS A 539 18.61 27.77 -14.92
C CYS A 539 19.05 26.61 -14.03
N VAL A 540 20.30 26.60 -13.57
CA VAL A 540 20.67 25.73 -12.45
C VAL A 540 20.00 26.19 -11.16
N ASP A 541 19.54 27.45 -11.12
CA ASP A 541 18.93 27.99 -9.91
C ASP A 541 17.67 27.25 -9.52
N PHE A 542 16.93 26.71 -10.48
CA PHE A 542 15.67 26.04 -10.19
C PHE A 542 15.92 24.80 -9.33
N ALA A 543 15.42 24.83 -8.10
CA ALA A 543 15.70 23.76 -7.15
C ALA A 543 14.88 22.50 -7.42
N ALA A 544 13.65 22.65 -7.91
CA ALA A 544 12.73 21.52 -8.05
C ALA A 544 12.94 20.75 -9.35
N ILE A 545 14.12 20.84 -9.95
CA ILE A 545 14.43 20.15 -11.19
C ILE A 545 15.33 18.95 -10.95
N GLN A 546 16.43 19.16 -10.22
CA GLN A 546 17.42 18.10 -10.04
C GLN A 546 16.88 16.85 -9.35
N PRO A 547 16.07 16.92 -8.28
CA PRO A 547 15.56 15.66 -7.70
C PRO A 547 14.79 14.79 -8.69
N GLN A 548 13.97 15.41 -9.54
CA GLN A 548 13.23 14.64 -10.53
C GLN A 548 14.16 14.00 -11.55
N ILE A 549 15.19 14.73 -11.99
CA ILE A 549 16.15 14.17 -12.94
C ILE A 549 16.91 13.01 -12.31
N ALA A 550 17.24 13.12 -11.02
CA ALA A 550 17.92 12.02 -10.34
C ALA A 550 17.02 10.80 -10.22
N LEU A 551 15.75 11.01 -9.87
CA LEU A 551 14.82 9.90 -9.77
C LEU A 551 14.65 9.21 -11.13
N LEU A 552 14.56 9.98 -12.20
CA LEU A 552 14.50 9.40 -13.53
C LEU A 552 15.79 8.65 -13.87
N GLN A 553 16.94 9.21 -13.47
CA GLN A 553 18.21 8.56 -13.73
C GLN A 553 18.33 7.23 -13.01
N GLU A 554 17.68 7.09 -11.86
CA GLU A 554 17.77 5.84 -11.11
C GLU A 554 17.13 4.68 -11.87
N MET A 555 15.92 4.88 -12.40
CA MET A 555 15.18 3.79 -13.03
C MET A 555 15.64 3.51 -14.46
N HIS A 556 16.69 4.18 -14.93
CA HIS A 556 17.29 3.91 -16.24
C HIS A 556 16.30 4.10 -17.39
N VAL A 557 15.37 5.05 -17.26
CA VAL A 557 14.48 5.33 -18.37
C VAL A 557 15.23 6.06 -19.47
N THR A 558 14.63 6.12 -20.64
CA THR A 558 15.22 6.77 -21.80
C THR A 558 14.30 7.83 -22.40
N HIS A 559 13.07 7.97 -21.89
CA HIS A 559 12.15 8.98 -22.41
C HIS A 559 11.21 9.39 -21.28
N PHE A 560 11.51 10.50 -20.63
CA PHE A 560 10.54 11.11 -19.72
C PHE A 560 9.49 11.85 -20.53
N ARG A 561 8.24 11.77 -20.09
CA ARG A 561 7.13 12.41 -20.78
C ARG A 561 6.36 13.28 -19.78
N PHE A 562 6.27 14.57 -20.07
CA PHE A 562 5.50 15.50 -19.26
C PHE A 562 4.62 16.34 -20.17
N SER A 563 3.85 17.25 -19.57
CA SER A 563 2.87 18.04 -20.29
C SER A 563 3.03 19.51 -19.95
N LEU A 564 2.97 20.36 -20.96
CA LEU A 564 3.01 21.79 -20.75
C LEU A 564 1.64 22.29 -20.29
N ASP A 565 1.65 23.43 -19.60
CA ASP A 565 0.45 24.02 -19.03
C ASP A 565 0.08 25.26 -19.84
N TRP A 566 -1.05 25.19 -20.54
CA TRP A 566 -1.51 26.34 -21.33
C TRP A 566 -1.87 27.50 -20.43
N ALA A 567 -2.49 27.23 -19.29
CA ALA A 567 -3.00 28.30 -18.43
C ALA A 567 -1.90 29.09 -17.74
N LEU A 568 -0.66 28.63 -17.79
CA LEU A 568 0.47 29.33 -17.17
C LEU A 568 1.36 30.04 -18.17
N ILE A 569 1.64 29.42 -19.32
CA ILE A 569 2.48 30.08 -20.32
C ILE A 569 1.80 31.31 -20.87
N LEU A 570 0.50 31.23 -21.15
CA LEU A 570 -0.29 32.36 -21.66
C LEU A 570 -1.53 32.49 -20.79
N PRO A 571 -1.40 33.08 -19.60
CA PRO A 571 -2.55 33.17 -18.70
C PRO A 571 -3.74 33.91 -19.27
N LEU A 572 -3.51 34.96 -20.06
CA LEU A 572 -4.63 35.73 -20.61
C LEU A 572 -5.32 34.99 -21.75
N GLY A 573 -4.57 34.22 -22.54
CA GLY A 573 -5.16 33.50 -23.65
C GLY A 573 -4.54 33.86 -24.98
N ASN A 574 -4.20 35.13 -25.15
CA ASN A 574 -3.52 35.60 -26.35
C ASN A 574 -2.03 35.79 -26.06
N GLN A 575 -1.28 36.17 -27.10
CA GLN A 575 0.17 36.24 -27.03
C GLN A 575 0.69 37.54 -26.39
N SER A 576 -0.16 38.28 -25.68
CA SER A 576 0.23 39.56 -25.11
C SER A 576 0.73 39.46 -23.68
N GLN A 577 0.59 38.31 -23.03
CA GLN A 577 0.97 38.14 -21.62
C GLN A 577 1.73 36.84 -21.43
N VAL A 578 2.76 36.63 -22.27
CA VAL A 578 3.57 35.42 -22.15
C VAL A 578 4.33 35.46 -20.83
N ASN A 579 4.25 34.36 -20.07
CA ASN A 579 4.96 34.24 -18.80
C ASN A 579 6.29 33.56 -19.08
N HIS A 580 7.33 34.37 -19.26
CA HIS A 580 8.62 33.85 -19.70
C HIS A 580 9.30 32.97 -18.66
N THR A 581 8.98 33.16 -17.37
CA THR A 581 9.62 32.36 -16.33
C THR A 581 9.21 30.90 -16.43
N ILE A 582 7.94 30.63 -16.71
CA ILE A 582 7.46 29.26 -16.88
C ILE A 582 8.15 28.60 -18.07
N LEU A 583 8.28 29.35 -19.18
CA LEU A 583 8.95 28.82 -20.35
C LEU A 583 10.42 28.53 -20.05
N GLN A 584 11.06 29.39 -19.27
CA GLN A 584 12.45 29.14 -18.86
C GLN A 584 12.55 27.87 -18.02
N TYR A 585 11.60 27.67 -17.11
CA TYR A 585 11.59 26.46 -16.30
C TYR A 585 11.46 25.21 -17.17
N TYR A 586 10.53 25.23 -18.12
CA TYR A 586 10.34 24.08 -18.98
C TYR A 586 11.56 23.85 -19.87
N ARG A 587 12.19 24.93 -20.34
CA ARG A 587 13.38 24.79 -21.16
C ARG A 587 14.53 24.18 -20.37
N CYS A 588 14.69 24.57 -19.09
CA CYS A 588 15.62 23.86 -18.22
C CYS A 588 15.26 22.40 -18.03
N MET A 589 13.98 22.09 -17.85
CA MET A 589 13.62 20.68 -17.65
C MET A 589 14.04 19.86 -18.87
N ALA A 590 13.75 20.38 -20.06
CA ALA A 590 14.15 19.69 -21.28
C ALA A 590 15.67 19.60 -21.40
N SER A 591 16.39 20.68 -21.07
CA SER A 591 17.83 20.68 -21.22
C SER A 591 18.49 19.70 -20.26
N GLU A 592 18.04 19.68 -19.00
CA GLU A 592 18.57 18.73 -18.04
C GLU A 592 18.25 17.30 -18.42
N LEU A 593 17.04 17.06 -18.94
CA LEU A 593 16.70 15.72 -19.39
C LEU A 593 17.60 15.27 -20.54
N VAL A 594 17.85 16.16 -21.50
CA VAL A 594 18.71 15.81 -22.64
C VAL A 594 20.15 15.62 -22.18
N ARG A 595 20.60 16.43 -21.22
CA ARG A 595 21.98 16.39 -20.79
C ARG A 595 22.36 15.05 -20.17
N VAL A 596 21.40 14.36 -19.56
CA VAL A 596 21.66 13.08 -18.91
C VAL A 596 21.16 11.91 -19.76
N ASN A 597 21.05 12.09 -21.07
CA ASN A 597 20.64 11.04 -22.00
C ASN A 597 19.24 10.52 -21.68
N ILE A 598 18.31 11.44 -21.46
CA ILE A 598 16.89 11.13 -21.30
C ILE A 598 16.14 12.03 -22.27
N THR A 599 15.86 11.53 -23.47
CA THR A 599 15.17 12.32 -24.47
C THR A 599 13.75 12.62 -24.01
N PRO A 600 13.34 13.88 -23.94
CA PRO A 600 12.01 14.20 -23.41
C PRO A 600 10.92 14.20 -24.47
N VAL A 601 9.72 13.87 -24.02
CA VAL A 601 8.52 13.90 -24.85
C VAL A 601 7.50 14.78 -24.14
N VAL A 602 7.03 15.82 -24.81
CA VAL A 602 6.12 16.75 -24.18
C VAL A 602 4.78 16.73 -24.90
N ALA A 603 3.73 17.06 -24.15
CA ALA A 603 2.38 17.12 -24.67
C ALA A 603 1.86 18.54 -24.52
N LEU A 604 1.37 19.12 -25.61
CA LEU A 604 1.01 20.53 -25.60
C LEU A 604 -0.28 20.79 -24.81
N TRP A 605 -1.23 19.85 -24.82
CA TRP A 605 -2.50 20.07 -24.16
C TRP A 605 -3.00 18.76 -23.58
N GLN A 606 -3.60 18.84 -22.40
CA GLN A 606 -4.21 17.69 -21.75
C GLN A 606 -5.51 18.12 -21.09
N PRO A 607 -6.57 17.32 -21.23
CA PRO A 607 -7.89 17.72 -20.73
C PRO A 607 -8.06 17.63 -19.21
N MET A 608 -7.01 17.30 -18.47
CA MET A 608 -7.11 17.11 -17.02
C MET A 608 -6.72 18.43 -16.36
N ALA A 609 -7.74 19.25 -16.08
CA ALA A 609 -7.55 20.55 -15.47
C ALA A 609 -8.91 21.06 -15.01
N PRO A 610 -8.95 22.10 -14.16
CA PRO A 610 -10.26 22.62 -13.73
C PRO A 610 -11.14 23.05 -14.88
N ASN A 611 -10.59 23.66 -15.93
CA ASN A 611 -11.37 24.03 -17.12
C ASN A 611 -10.62 23.56 -18.37
N GLN A 612 -10.78 22.29 -18.71
CA GLN A 612 -10.39 21.70 -20.00
C GLN A 612 -8.95 22.04 -20.41
N GLY A 613 -8.09 22.35 -19.46
CA GLY A 613 -6.70 22.66 -19.78
C GLY A 613 -6.53 23.87 -20.67
N LEU A 614 -7.29 24.93 -20.41
CA LEU A 614 -7.33 26.12 -21.24
C LEU A 614 -7.19 27.36 -20.37
N PRO A 615 -6.79 28.49 -20.96
CA PRO A 615 -6.84 29.75 -20.23
C PRO A 615 -8.28 30.12 -19.89
N ARG A 616 -8.44 30.86 -18.80
CA ARG A 616 -9.78 31.20 -18.32
C ARG A 616 -10.57 31.95 -19.39
N LEU A 617 -9.92 32.82 -20.15
CA LEU A 617 -10.62 33.55 -21.20
C LEU A 617 -11.18 32.60 -22.25
N LEU A 618 -10.38 31.64 -22.70
CA LEU A 618 -10.89 30.63 -23.62
C LEU A 618 -11.93 29.75 -22.92
N ALA A 619 -11.68 29.39 -21.67
CA ALA A 619 -12.58 28.49 -20.95
C ALA A 619 -13.95 29.12 -20.68
N ARG A 620 -14.06 30.44 -20.78
CA ARG A 620 -15.33 31.13 -20.55
C ARG A 620 -16.05 31.46 -21.85
N GLN A 621 -15.69 30.79 -22.96
CA GLN A 621 -16.32 31.01 -24.24
C GLN A 621 -16.61 29.69 -24.94
N GLY A 622 -17.07 28.70 -24.18
CA GLY A 622 -17.29 27.37 -24.73
C GLY A 622 -16.04 26.52 -24.67
N ALA A 623 -14.90 27.14 -25.00
CA ALA A 623 -13.56 26.60 -24.83
C ALA A 623 -13.18 25.50 -25.81
N TRP A 624 -14.14 24.98 -26.56
CA TRP A 624 -13.81 24.20 -27.75
C TRP A 624 -14.78 24.39 -28.90
N GLU A 625 -15.85 25.18 -28.72
CA GLU A 625 -16.80 25.38 -29.80
C GLU A 625 -16.35 26.48 -30.76
N ASN A 626 -15.70 27.52 -30.26
CA ASN A 626 -15.20 28.58 -31.13
C ASN A 626 -14.03 28.07 -31.94
N PRO A 627 -14.00 28.29 -33.26
CA PRO A 627 -12.77 28.04 -34.02
C PRO A 627 -11.61 28.91 -33.58
N TYR A 628 -11.88 30.04 -32.93
CA TYR A 628 -10.80 30.85 -32.38
C TYR A 628 -10.02 30.06 -31.33
N THR A 629 -10.63 29.08 -30.69
CA THR A 629 -9.88 28.21 -29.79
C THR A 629 -8.83 27.43 -30.57
N ALA A 630 -9.20 26.93 -31.75
CA ALA A 630 -8.23 26.24 -32.59
C ALA A 630 -7.13 27.18 -33.06
N LEU A 631 -7.48 28.41 -33.43
CA LEU A 631 -6.46 29.36 -33.86
C LEU A 631 -5.53 29.74 -32.72
N ALA A 632 -6.07 29.92 -31.52
CA ALA A 632 -5.25 30.23 -30.37
C ALA A 632 -4.34 29.08 -30.02
N PHE A 633 -4.83 27.84 -30.15
CA PHE A 633 -3.96 26.69 -29.93
C PHE A 633 -2.86 26.63 -30.99
N ALA A 634 -3.17 27.02 -32.22
CA ALA A 634 -2.13 27.07 -33.25
C ALA A 634 -1.04 28.06 -32.86
N GLU A 635 -1.44 29.26 -32.41
CA GLU A 635 -0.45 30.25 -32.00
C GLU A 635 0.36 29.77 -30.79
N TYR A 636 -0.30 29.15 -29.83
CA TYR A 636 0.39 28.66 -28.64
C TYR A 636 1.34 27.52 -28.98
N ALA A 637 0.94 26.65 -29.90
CA ALA A 637 1.82 25.58 -30.35
C ALA A 637 3.03 26.14 -31.09
N ARG A 638 2.83 27.17 -31.90
CA ARG A 638 3.97 27.80 -32.57
C ARG A 638 4.93 28.40 -31.55
N LEU A 639 4.39 29.06 -30.52
CA LEU A 639 5.23 29.64 -29.48
C LEU A 639 6.03 28.55 -28.77
N CYS A 640 5.37 27.46 -28.38
CA CYS A 640 6.07 26.39 -27.68
C CYS A 640 7.07 25.68 -28.58
N PHE A 641 6.80 25.63 -29.89
CA PHE A 641 7.77 25.05 -30.81
C PHE A 641 8.99 25.95 -30.97
N GLN A 642 8.81 27.26 -30.89
CA GLN A 642 9.94 28.15 -31.03
C GLN A 642 10.69 28.40 -29.72
N GLU A 643 10.10 28.05 -28.58
CA GLU A 643 10.80 28.20 -27.30
C GLU A 643 11.53 26.92 -26.90
N LEU A 644 10.82 25.81 -26.76
CA LEU A 644 11.40 24.54 -26.33
C LEU A 644 11.85 23.67 -27.49
N GLY A 645 11.73 24.14 -28.72
CA GLY A 645 11.87 23.26 -29.88
C GLY A 645 13.28 22.73 -30.10
N HIS A 646 14.30 23.43 -29.62
CA HIS A 646 15.66 22.99 -29.87
C HIS A 646 16.11 21.89 -28.90
N HIS A 647 15.39 21.70 -27.80
CA HIS A 647 15.68 20.64 -26.85
C HIS A 647 14.72 19.47 -26.97
N VAL A 648 13.41 19.73 -26.92
CA VAL A 648 12.42 18.69 -27.11
C VAL A 648 12.29 18.40 -28.61
N LYS A 649 12.26 17.13 -28.97
CA LYS A 649 12.11 16.78 -30.38
C LYS A 649 11.11 15.65 -30.60
N LEU A 650 10.35 15.25 -29.58
CA LEU A 650 9.20 14.37 -29.74
C LEU A 650 8.00 15.10 -29.16
N TRP A 651 7.24 15.76 -30.04
CA TRP A 651 6.08 16.54 -29.63
C TRP A 651 4.82 15.71 -29.71
N ILE A 652 3.94 15.88 -28.72
CA ILE A 652 2.62 15.27 -28.73
C ILE A 652 1.61 16.41 -28.65
N THR A 653 0.72 16.49 -29.63
CA THR A 653 -0.13 17.67 -29.74
C THR A 653 -1.17 17.70 -28.62
N MET A 654 -2.04 16.68 -28.56
CA MET A 654 -3.11 16.65 -27.59
C MET A 654 -3.09 15.30 -26.90
N ASN A 655 -2.94 15.32 -25.57
CA ASN A 655 -2.63 14.12 -24.81
C ASN A 655 -3.90 13.46 -24.30
N GLU A 656 -4.25 12.31 -24.89
CA GLU A 656 -5.38 11.48 -24.51
C GLU A 656 -6.66 12.30 -24.31
N PRO A 657 -7.25 12.83 -25.37
CA PRO A 657 -8.53 13.53 -25.22
C PRO A 657 -9.63 12.56 -24.81
N TYR A 658 -10.56 13.07 -24.00
CA TYR A 658 -11.72 12.29 -23.61
C TYR A 658 -12.64 12.11 -24.81
N THR A 659 -12.79 10.88 -25.28
CA THR A 659 -13.66 10.59 -26.41
C THR A 659 -15.08 10.28 -25.99
N ARG A 660 -15.38 10.32 -24.70
CA ARG A 660 -16.73 10.08 -24.20
C ARG A 660 -17.36 11.33 -23.61
N ASN A 661 -16.69 11.97 -22.65
CA ASN A 661 -17.19 13.20 -22.03
C ASN A 661 -16.81 14.42 -22.90
N MET A 662 -17.25 14.37 -24.15
CA MET A 662 -16.91 15.43 -25.11
C MET A 662 -17.91 15.39 -26.25
N THR A 663 -18.29 16.57 -26.73
CA THR A 663 -19.30 16.69 -27.78
C THR A 663 -18.67 16.41 -29.13
N TYR A 664 -19.42 16.67 -30.21
CA TYR A 664 -18.96 16.42 -31.57
C TYR A 664 -18.38 17.65 -32.22
N SER A 665 -18.96 18.82 -31.98
CA SER A 665 -18.33 20.06 -32.41
C SER A 665 -17.00 20.28 -31.71
N ALA A 666 -16.93 19.93 -30.42
CA ALA A 666 -15.67 20.02 -29.69
C ALA A 666 -14.63 19.10 -30.30
N GLY A 667 -15.01 17.88 -30.67
CA GLY A 667 -14.06 16.99 -31.32
C GLY A 667 -13.63 17.48 -32.68
N HIS A 668 -14.56 18.09 -33.43
CA HIS A 668 -14.20 18.65 -34.73
C HIS A 668 -13.19 19.77 -34.58
N ASN A 669 -13.42 20.67 -33.62
CA ASN A 669 -12.47 21.77 -33.41
C ASN A 669 -11.15 21.26 -32.84
N LEU A 670 -11.19 20.21 -32.03
CA LEU A 670 -9.94 19.59 -31.57
C LEU A 670 -9.13 19.04 -32.74
N LEU A 671 -9.80 18.36 -33.67
CA LEU A 671 -9.10 17.86 -34.85
C LEU A 671 -8.52 19.01 -35.67
N LYS A 672 -9.29 20.08 -35.85
CA LYS A 672 -8.80 21.22 -36.60
C LYS A 672 -7.59 21.87 -35.93
N ALA A 673 -7.64 22.00 -34.60
CA ALA A 673 -6.51 22.58 -33.87
C ALA A 673 -5.27 21.69 -33.95
N HIS A 674 -5.46 20.38 -33.86
CA HIS A 674 -4.31 19.48 -34.00
C HIS A 674 -3.70 19.57 -35.39
N ALA A 675 -4.55 19.65 -36.41
CA ALA A 675 -4.02 19.82 -37.77
C ALA A 675 -3.26 21.13 -37.90
N LEU A 676 -3.80 22.21 -37.32
CA LEU A 676 -3.11 23.49 -37.37
C LEU A 676 -1.75 23.42 -36.72
N ALA A 677 -1.68 22.82 -35.53
CA ALA A 677 -0.40 22.70 -34.83
C ALA A 677 0.59 21.84 -35.59
N TRP A 678 0.13 20.71 -36.14
CA TRP A 678 1.03 19.84 -36.87
C TRP A 678 1.56 20.52 -38.13
N HIS A 679 0.71 21.25 -38.84
CA HIS A 679 1.20 21.93 -40.04
C HIS A 679 2.10 23.10 -39.69
N VAL A 680 1.86 23.75 -38.54
CA VAL A 680 2.77 24.77 -38.05
C VAL A 680 4.15 24.17 -37.81
N TYR A 681 4.21 23.00 -37.20
CA TYR A 681 5.49 22.33 -37.00
C TYR A 681 6.12 21.95 -38.33
N ASN A 682 5.36 21.30 -39.21
CA ASN A 682 5.93 20.75 -40.43
C ASN A 682 6.47 21.84 -41.35
N GLU A 683 5.75 22.95 -41.46
CA GLU A 683 6.15 24.00 -42.40
C GLU A 683 7.16 24.99 -41.81
N LYS A 684 7.41 24.97 -40.51
CA LYS A 684 8.28 25.96 -39.89
C LYS A 684 9.48 25.34 -39.17
N PHE A 685 9.26 24.31 -38.36
CA PHE A 685 10.32 23.83 -37.48
C PHE A 685 10.60 22.34 -37.64
N ARG A 686 10.74 21.89 -38.88
CA ARG A 686 11.21 20.54 -39.17
C ARG A 686 12.59 20.51 -39.81
N HIS A 687 12.82 21.36 -40.80
CA HIS A 687 14.16 21.47 -41.39
C HIS A 687 15.16 22.15 -40.45
N ALA A 688 14.70 22.71 -39.33
CA ALA A 688 15.57 23.36 -38.37
C ALA A 688 15.78 22.57 -37.09
N GLN A 689 14.81 21.72 -36.71
CA GLN A 689 14.92 20.95 -35.48
C GLN A 689 14.81 19.45 -35.69
N ASN A 690 14.21 18.98 -36.79
CA ASN A 690 14.17 17.57 -37.14
C ASN A 690 13.54 16.71 -36.05
N GLY A 691 12.41 17.18 -35.51
CA GLY A 691 11.66 16.43 -34.52
C GLY A 691 10.54 15.61 -35.12
N LYS A 692 9.66 15.13 -34.25
CA LYS A 692 8.49 14.38 -34.66
C LYS A 692 7.30 14.81 -33.80
N ILE A 693 6.12 14.80 -34.41
CA ILE A 693 4.91 15.30 -33.74
C ILE A 693 3.70 14.53 -34.26
N SER A 694 2.85 14.12 -33.33
CA SER A 694 1.57 13.48 -33.65
C SER A 694 0.72 13.50 -32.39
N ILE A 695 -0.50 12.99 -32.51
CA ILE A 695 -1.46 13.02 -31.41
C ILE A 695 -1.38 11.72 -30.64
N ALA A 696 -1.81 11.76 -29.37
CA ALA A 696 -1.83 10.60 -28.49
C ALA A 696 -3.27 10.33 -28.09
N LEU A 697 -3.83 9.22 -28.57
CA LEU A 697 -5.20 8.85 -28.27
C LEU A 697 -5.25 7.97 -27.02
N GLN A 698 -6.42 7.41 -26.73
CA GLN A 698 -6.60 6.42 -25.68
C GLN A 698 -7.31 5.22 -26.29
N ALA A 699 -6.67 4.05 -26.24
CA ALA A 699 -7.17 2.85 -26.90
C ALA A 699 -7.26 1.71 -25.90
N ASP A 700 -8.39 1.63 -25.20
CA ASP A 700 -8.74 0.47 -24.41
C ASP A 700 -9.46 -0.54 -25.29
N TRP A 701 -9.27 -1.82 -24.99
CA TRP A 701 -9.79 -2.87 -25.86
C TRP A 701 -11.23 -3.20 -25.51
N ILE A 702 -12.01 -3.52 -26.54
CA ILE A 702 -13.43 -3.80 -26.41
C ILE A 702 -13.65 -5.19 -27.00
N GLU A 703 -13.87 -6.17 -26.13
CA GLU A 703 -14.02 -7.57 -26.53
C GLU A 703 -15.49 -7.99 -26.48
N PRO A 704 -15.98 -8.75 -27.46
CA PRO A 704 -17.34 -9.26 -27.37
C PRO A 704 -17.48 -10.20 -26.18
N ALA A 705 -18.61 -10.07 -25.47
CA ALA A 705 -18.83 -10.87 -24.27
C ALA A 705 -18.96 -12.35 -24.60
N CYS A 706 -19.73 -12.69 -25.64
CA CYS A 706 -19.86 -14.07 -26.07
C CYS A 706 -18.94 -14.28 -27.26
N PRO A 707 -17.87 -15.07 -27.12
CA PRO A 707 -16.85 -15.13 -28.16
C PRO A 707 -17.27 -15.86 -29.43
N PHE A 708 -18.47 -16.41 -29.51
CA PHE A 708 -18.90 -17.15 -30.69
C PHE A 708 -20.07 -16.52 -31.44
N SER A 709 -20.71 -15.49 -30.88
CA SER A 709 -21.84 -14.85 -31.53
C SER A 709 -21.38 -13.61 -32.30
N GLN A 710 -22.11 -13.29 -33.36
CA GLN A 710 -21.70 -12.22 -34.27
C GLN A 710 -22.32 -10.88 -33.96
N LYS A 711 -23.43 -10.84 -33.21
CA LYS A 711 -24.06 -9.56 -32.90
C LYS A 711 -23.15 -8.72 -32.00
N ASP A 712 -22.66 -9.30 -30.92
CA ASP A 712 -21.77 -8.56 -30.03
C ASP A 712 -20.41 -8.31 -30.66
N LYS A 713 -20.02 -9.08 -31.67
CA LYS A 713 -18.80 -8.78 -32.41
C LYS A 713 -18.91 -7.44 -33.13
N GLU A 714 -19.98 -7.27 -33.91
CA GLU A 714 -20.19 -5.99 -34.59
C GLU A 714 -20.51 -4.89 -33.61
N VAL A 715 -21.07 -5.23 -32.44
CA VAL A 715 -21.30 -4.21 -31.42
C VAL A 715 -19.98 -3.73 -30.83
N ALA A 716 -19.03 -4.65 -30.61
CA ALA A 716 -17.69 -4.26 -30.19
C ALA A 716 -17.03 -3.40 -31.25
N GLU A 717 -17.21 -3.75 -32.52
CA GLU A 717 -16.68 -2.92 -33.60
C GLU A 717 -17.26 -1.51 -33.55
N ARG A 718 -18.58 -1.41 -33.32
CA ARG A 718 -19.21 -0.10 -33.24
C ARG A 718 -18.66 0.71 -32.06
N VAL A 719 -18.50 0.07 -30.90
CA VAL A 719 -17.97 0.78 -29.74
C VAL A 719 -16.53 1.22 -29.98
N LEU A 720 -15.74 0.37 -30.62
CA LEU A 720 -14.36 0.73 -30.94
C LEU A 720 -14.32 1.95 -31.86
N GLU A 721 -15.09 1.92 -32.95
CA GLU A 721 -15.10 3.05 -33.87
C GLU A 721 -15.80 4.27 -33.29
N PHE A 722 -16.54 4.13 -32.19
CA PHE A 722 -17.05 5.27 -31.46
C PHE A 722 -16.05 5.82 -30.45
N ASP A 723 -15.06 5.02 -30.03
CA ASP A 723 -14.08 5.46 -29.05
C ASP A 723 -12.73 5.78 -29.68
N ILE A 724 -12.14 4.84 -30.41
CA ILE A 724 -10.83 5.03 -31.01
C ILE A 724 -10.92 5.72 -32.37
N GLY A 725 -11.76 5.18 -33.26
CA GLY A 725 -11.79 5.64 -34.63
C GLY A 725 -12.48 6.98 -34.84
N TRP A 726 -13.11 7.54 -33.80
CA TRP A 726 -13.74 8.83 -33.95
C TRP A 726 -12.69 9.93 -34.15
N LEU A 727 -11.65 9.93 -33.33
CA LEU A 727 -10.61 10.95 -33.37
C LEU A 727 -9.35 10.45 -34.06
N ALA A 728 -9.41 9.34 -34.79
CA ALA A 728 -8.19 8.74 -35.34
C ALA A 728 -8.29 8.51 -36.84
N GLU A 729 -9.49 8.27 -37.35
CA GLU A 729 -9.64 8.05 -38.78
C GLU A 729 -9.43 9.34 -39.58
N PRO A 730 -9.90 10.50 -39.10
CA PRO A 730 -9.51 11.75 -39.78
C PRO A 730 -8.01 11.98 -39.81
N ILE A 731 -7.31 11.61 -38.75
CA ILE A 731 -5.86 11.85 -38.68
C ILE A 731 -5.10 10.71 -39.37
N PHE A 732 -5.25 9.49 -38.86
CA PHE A 732 -4.49 8.36 -39.37
C PHE A 732 -5.18 7.63 -40.52
N GLY A 733 -6.50 7.59 -40.51
CA GLY A 733 -7.21 6.79 -41.50
C GLY A 733 -7.48 7.47 -42.82
N SER A 734 -8.70 7.35 -43.32
CA SER A 734 -9.03 7.87 -44.65
C SER A 734 -9.13 9.40 -44.66
N GLY A 735 -9.48 10.00 -43.53
CA GLY A 735 -9.60 11.44 -43.48
C GLY A 735 -10.98 11.90 -43.02
N ASP A 736 -12.01 11.17 -43.42
CA ASP A 736 -13.37 11.47 -42.99
C ASP A 736 -13.69 10.72 -41.70
N TYR A 737 -14.80 11.11 -41.07
CA TYR A 737 -15.22 10.48 -39.84
C TYR A 737 -15.55 9.01 -40.11
N PRO A 738 -15.40 8.14 -39.11
CA PRO A 738 -15.59 6.71 -39.35
C PRO A 738 -16.99 6.40 -39.88
N TRP A 739 -17.04 5.52 -40.88
CA TRP A 739 -18.28 5.28 -41.60
C TRP A 739 -19.32 4.59 -40.72
N VAL A 740 -18.86 3.69 -39.83
CA VAL A 740 -19.77 3.04 -38.90
C VAL A 740 -20.42 4.08 -37.99
N MET A 741 -19.63 5.04 -37.51
CA MET A 741 -20.18 6.08 -36.64
C MET A 741 -21.23 6.92 -37.37
N ARG A 742 -20.94 7.29 -38.62
CA ARG A 742 -21.90 8.09 -39.39
C ARG A 742 -23.18 7.30 -39.66
N ASP A 743 -23.04 6.01 -39.99
CA ASP A 743 -24.22 5.18 -40.19
C ASP A 743 -25.05 5.08 -38.91
N TRP A 744 -24.39 4.88 -37.78
CA TRP A 744 -25.12 4.75 -36.52
C TRP A 744 -25.83 6.04 -36.16
N LEU A 745 -25.17 7.17 -36.41
CA LEU A 745 -25.79 8.45 -36.07
C LEU A 745 -26.91 8.82 -37.03
N ASN A 746 -26.83 8.35 -38.28
CA ASN A 746 -27.91 8.60 -39.23
C ASN A 746 -29.11 7.70 -38.98
N GLN A 747 -28.87 6.44 -38.59
CA GLN A 747 -29.99 5.53 -38.33
C GLN A 747 -30.84 6.00 -37.16
N ARG A 748 -30.20 6.49 -36.10
CA ARG A 748 -30.91 7.05 -34.97
C ARG A 748 -31.41 8.47 -35.23
N ASN A 749 -31.20 8.99 -36.43
CA ASN A 749 -31.61 10.35 -36.80
C ASN A 749 -31.01 11.39 -35.88
N ASN A 750 -29.76 11.15 -35.46
CA ASN A 750 -28.98 12.12 -34.69
C ASN A 750 -27.97 12.76 -35.62
N PHE A 751 -28.42 13.79 -36.33
CA PHE A 751 -27.60 14.46 -37.34
C PHE A 751 -26.73 15.54 -36.70
N LEU A 752 -25.93 15.11 -35.72
CA LEU A 752 -25.06 16.01 -34.97
C LEU A 752 -23.58 15.78 -35.27
N LEU A 753 -23.26 15.02 -36.31
CA LEU A 753 -21.87 14.81 -36.69
C LEU A 753 -21.47 15.80 -37.75
N PRO A 754 -20.53 16.70 -37.48
CA PRO A 754 -20.12 17.68 -38.50
C PRO A 754 -19.50 16.99 -39.71
N TYR A 755 -19.72 17.57 -40.88
CA TYR A 755 -19.14 17.06 -42.12
C TYR A 755 -17.82 17.76 -42.39
N PHE A 756 -16.88 17.02 -42.96
CA PHE A 756 -15.58 17.58 -43.31
C PHE A 756 -15.64 18.22 -44.70
N THR A 757 -15.34 19.52 -44.74
CA THR A 757 -15.17 20.18 -46.03
C THR A 757 -13.94 19.62 -46.72
N GLU A 758 -13.87 19.82 -48.04
CA GLU A 758 -12.73 19.31 -48.81
C GLU A 758 -11.42 19.90 -48.29
N ASP A 759 -11.43 21.20 -47.94
CA ASP A 759 -10.24 21.83 -47.39
C ASP A 759 -9.84 21.19 -46.07
N GLU A 760 -10.80 20.96 -45.17
CA GLU A 760 -10.48 20.33 -43.90
C GLU A 760 -10.10 18.86 -44.07
N LYS A 761 -10.72 18.17 -45.03
CA LYS A 761 -10.37 16.78 -45.28
C LYS A 761 -8.95 16.64 -45.84
N LYS A 762 -8.53 17.60 -46.66
CA LYS A 762 -7.14 17.59 -47.14
C LYS A 762 -6.17 18.04 -46.05
N LEU A 763 -6.58 18.98 -45.20
CA LEU A 763 -5.71 19.46 -44.14
C LEU A 763 -5.39 18.37 -43.14
N ILE A 764 -6.38 17.56 -42.76
CA ILE A 764 -6.26 16.68 -41.61
C ILE A 764 -5.83 15.26 -41.99
N GLN A 765 -5.89 14.91 -43.28
CA GLN A 765 -5.78 13.51 -43.67
C GLN A 765 -4.46 12.88 -43.26
N GLY A 766 -3.40 13.66 -43.12
CA GLY A 766 -2.10 13.08 -42.84
C GLY A 766 -1.26 13.77 -41.80
N THR A 767 -1.89 14.37 -40.79
CA THR A 767 -1.16 15.10 -39.75
C THR A 767 -0.74 14.15 -38.64
N PHE A 768 0.26 13.32 -38.95
CA PHE A 768 0.81 12.40 -37.96
C PHE A 768 2.20 11.98 -38.39
N ASP A 769 3.04 11.68 -37.39
CA ASP A 769 4.34 11.08 -37.62
C ASP A 769 4.53 9.75 -36.91
N PHE A 770 3.74 9.48 -35.88
CA PHE A 770 3.79 8.19 -35.20
C PHE A 770 2.46 7.97 -34.49
N LEU A 771 1.90 6.77 -34.63
CA LEU A 771 0.71 6.44 -33.86
C LEU A 771 1.07 6.32 -32.39
N ALA A 772 0.21 6.83 -31.53
CA ALA A 772 0.46 6.81 -30.09
C ALA A 772 -0.82 6.40 -29.37
N LEU A 773 -0.84 5.17 -28.86
CA LEU A 773 -2.01 4.72 -28.11
C LEU A 773 -1.68 4.73 -26.62
N SER A 774 -2.69 4.39 -25.80
CA SER A 774 -2.51 4.34 -24.35
C SER A 774 -3.52 3.33 -23.82
N HIS A 775 -3.05 2.13 -23.52
CA HIS A 775 -3.92 1.02 -23.15
C HIS A 775 -3.87 0.82 -21.64
N TYR A 776 -5.05 0.66 -21.03
CA TYR A 776 -5.17 0.47 -19.59
C TYR A 776 -5.86 -0.82 -19.20
N THR A 777 -6.93 -1.20 -19.90
CA THR A 777 -7.76 -2.32 -19.48
C THR A 777 -8.52 -2.86 -20.68
N THR A 778 -9.52 -3.69 -20.43
CA THR A 778 -10.37 -4.29 -21.45
C THR A 778 -11.79 -4.38 -20.93
N ILE A 779 -12.76 -4.11 -21.78
CA ILE A 779 -14.16 -4.15 -21.42
C ILE A 779 -14.90 -5.08 -22.38
N LEU A 780 -15.75 -5.95 -21.84
CA LEU A 780 -16.56 -6.80 -22.70
C LEU A 780 -17.88 -6.10 -22.98
N VAL A 781 -18.41 -6.36 -24.18
CA VAL A 781 -19.67 -5.76 -24.61
C VAL A 781 -20.58 -6.86 -25.14
N ASP A 782 -21.85 -6.80 -24.74
CA ASP A 782 -22.86 -7.72 -25.24
C ASP A 782 -24.05 -6.91 -25.73
N SER A 783 -24.75 -7.45 -26.72
CA SER A 783 -25.82 -6.75 -27.43
C SER A 783 -27.20 -7.20 -27.00
N GLU A 784 -27.40 -7.51 -25.71
CA GLU A 784 -28.69 -7.96 -25.21
C GLU A 784 -29.11 -7.04 -24.06
N LYS A 785 -30.28 -6.43 -24.19
CA LYS A 785 -30.83 -5.59 -23.14
C LYS A 785 -31.55 -6.48 -22.12
N GLU A 786 -31.02 -6.53 -20.90
CA GLU A 786 -31.64 -7.29 -19.83
C GLU A 786 -31.94 -6.45 -18.59
N ASP A 787 -31.25 -5.35 -18.39
CA ASP A 787 -31.61 -4.36 -17.37
C ASP A 787 -31.30 -2.98 -17.93
N PRO A 788 -32.31 -2.24 -18.37
CA PRO A 788 -32.06 -0.94 -19.00
C PRO A 788 -31.49 0.11 -18.07
N ILE A 789 -31.40 -0.17 -16.76
CA ILE A 789 -30.80 0.78 -15.84
C ILE A 789 -29.33 1.02 -16.17
N LYS A 790 -28.59 -0.07 -16.41
CA LYS A 790 -27.18 0.02 -16.76
C LYS A 790 -26.93 -0.12 -18.25
N TYR A 791 -27.98 -0.29 -19.05
CA TYR A 791 -27.83 -0.35 -20.50
C TYR A 791 -27.37 1.01 -21.02
N ASN A 792 -26.72 0.98 -22.18
CA ASN A 792 -26.26 2.20 -22.86
C ASN A 792 -27.14 2.38 -24.09
N ASP A 793 -28.28 3.06 -23.89
CA ASP A 793 -29.27 3.17 -24.95
C ASP A 793 -28.75 3.92 -26.16
N TYR A 794 -27.84 4.88 -25.95
CA TYR A 794 -27.32 5.66 -27.08
C TYR A 794 -26.55 4.77 -28.05
N LEU A 795 -25.70 3.88 -27.54
CA LEU A 795 -24.94 2.96 -28.38
C LEU A 795 -25.58 1.59 -28.51
N GLU A 796 -26.66 1.32 -27.78
CA GLU A 796 -27.27 0.00 -27.71
C GLU A 796 -26.23 -1.07 -27.37
N VAL A 797 -25.48 -0.79 -26.30
CA VAL A 797 -24.42 -1.68 -25.82
C VAL A 797 -24.66 -1.98 -24.36
N GLN A 798 -24.33 -3.20 -23.95
CA GLN A 798 -24.35 -3.61 -22.56
C GLN A 798 -22.91 -3.90 -22.15
N GLU A 799 -22.33 -3.03 -21.35
CA GLU A 799 -20.92 -3.08 -21.01
C GLU A 799 -20.73 -3.89 -19.74
N MET A 800 -20.10 -5.06 -19.87
CA MET A 800 -19.80 -5.91 -18.74
C MET A 800 -18.30 -6.11 -18.62
N THR A 801 -17.90 -6.71 -17.50
CA THR A 801 -16.52 -7.11 -17.26
C THR A 801 -16.50 -8.52 -16.69
N ASP A 802 -15.56 -9.33 -17.15
CA ASP A 802 -15.38 -10.64 -16.57
C ASP A 802 -14.91 -10.50 -15.13
N ILE A 803 -15.38 -11.42 -14.27
CA ILE A 803 -15.06 -11.37 -12.85
C ILE A 803 -13.96 -12.35 -12.46
N THR A 804 -13.49 -13.17 -13.40
CA THR A 804 -12.34 -14.01 -13.14
C THR A 804 -11.02 -13.30 -13.39
N TRP A 805 -11.06 -12.09 -13.95
CA TRP A 805 -9.87 -11.27 -14.11
C TRP A 805 -9.47 -10.64 -12.78
N LEU A 806 -8.19 -10.29 -12.67
CA LEU A 806 -7.75 -9.55 -11.51
C LEU A 806 -8.28 -8.12 -11.56
N ASN A 807 -8.52 -7.55 -10.39
CA ASN A 807 -9.08 -6.21 -10.28
C ASN A 807 -8.25 -5.39 -9.32
N SER A 808 -7.81 -4.22 -9.77
CA SER A 808 -7.16 -3.27 -8.90
C SER A 808 -8.19 -2.66 -7.96
N PRO A 809 -7.75 -2.06 -6.83
CA PRO A 809 -8.70 -1.45 -5.89
C PRO A 809 -9.68 -0.47 -6.51
N SER A 810 -9.39 0.00 -7.73
CA SER A 810 -10.30 0.86 -8.47
C SER A 810 -11.25 0.07 -9.37
N GLN A 811 -11.30 -1.26 -9.20
CA GLN A 811 -12.18 -2.13 -9.99
C GLN A 811 -11.88 -2.03 -11.49
N VAL A 812 -10.60 -1.95 -11.83
CA VAL A 812 -10.16 -1.95 -13.21
C VAL A 812 -9.54 -3.30 -13.53
N ALA A 813 -9.81 -3.80 -14.73
CA ALA A 813 -9.47 -5.17 -15.11
C ALA A 813 -8.04 -5.24 -15.62
N VAL A 814 -7.30 -6.25 -15.15
CA VAL A 814 -5.94 -6.51 -15.61
C VAL A 814 -6.05 -7.57 -16.71
N VAL A 815 -5.97 -7.13 -17.96
CA VAL A 815 -6.14 -7.99 -19.11
C VAL A 815 -4.92 -7.86 -20.01
N PRO A 816 -3.97 -8.78 -19.93
CA PRO A 816 -2.75 -8.65 -20.74
C PRO A 816 -2.99 -8.71 -22.23
N TRP A 817 -3.74 -9.69 -22.72
CA TRP A 817 -3.90 -9.87 -24.16
C TRP A 817 -4.65 -8.73 -24.83
N GLY A 818 -5.31 -7.87 -24.07
CA GLY A 818 -6.00 -6.75 -24.66
C GLY A 818 -5.06 -5.81 -25.40
N LEU A 819 -3.85 -5.63 -24.87
CA LEU A 819 -2.88 -4.76 -25.51
C LEU A 819 -2.48 -5.30 -26.88
N ARG A 820 -2.18 -6.60 -26.95
CA ARG A 820 -1.83 -7.20 -28.24
C ARG A 820 -3.00 -7.14 -29.20
N LYS A 821 -4.22 -7.38 -28.70
CA LYS A 821 -5.39 -7.31 -29.57
C LYS A 821 -5.59 -5.91 -30.13
N VAL A 822 -5.42 -4.89 -29.30
CA VAL A 822 -5.63 -3.53 -29.77
C VAL A 822 -4.51 -3.10 -30.71
N LEU A 823 -3.28 -3.55 -30.47
CA LEU A 823 -2.20 -3.24 -31.41
C LEU A 823 -2.46 -3.87 -32.77
N ASN A 824 -2.90 -5.13 -32.79
CA ASN A 824 -3.21 -5.79 -34.05
C ASN A 824 -4.38 -5.11 -34.75
N TRP A 825 -5.39 -4.69 -33.98
CA TRP A 825 -6.51 -3.97 -34.56
C TRP A 825 -6.07 -2.66 -35.17
N LEU A 826 -5.20 -1.91 -34.48
CA LEU A 826 -4.72 -0.65 -35.01
C LEU A 826 -3.92 -0.86 -36.29
N LYS A 827 -3.05 -1.86 -36.31
CA LYS A 827 -2.28 -2.13 -37.52
C LYS A 827 -3.18 -2.55 -38.67
N PHE A 828 -4.21 -3.35 -38.39
CA PHE A 828 -5.11 -3.80 -39.45
C PHE A 828 -5.99 -2.67 -39.97
N LYS A 829 -6.34 -1.72 -39.10
CA LYS A 829 -7.27 -0.66 -39.48
C LYS A 829 -6.58 0.54 -40.11
N TYR A 830 -5.40 0.92 -39.63
CA TYR A 830 -4.74 2.16 -40.06
C TYR A 830 -3.39 1.89 -40.72
N GLY A 831 -3.23 0.71 -41.34
CA GLY A 831 -1.98 0.40 -41.99
C GLY A 831 -0.87 0.13 -40.99
N ASP A 832 0.36 0.11 -41.52
CA ASP A 832 1.55 -0.18 -40.73
C ASP A 832 2.20 1.15 -40.33
N LEU A 833 2.16 1.47 -39.05
CA LEU A 833 2.69 2.70 -38.52
C LEU A 833 3.56 2.43 -37.30
N PRO A 834 4.51 3.30 -37.00
CA PRO A 834 5.23 3.20 -35.73
C PRO A 834 4.30 3.55 -34.57
N MET A 835 4.26 2.68 -33.56
CA MET A 835 3.33 2.84 -32.45
C MET A 835 4.08 3.01 -31.14
N TYR A 836 3.71 4.05 -30.39
CA TYR A 836 4.18 4.28 -29.04
C TYR A 836 3.06 3.93 -28.07
N ILE A 837 3.44 3.42 -26.91
CA ILE A 837 2.49 3.17 -25.82
C ILE A 837 2.74 4.30 -24.82
N ILE A 838 1.99 5.39 -25.00
CA ILE A 838 2.24 6.62 -24.27
C ILE A 838 1.94 6.47 -22.78
N SER A 839 0.93 5.69 -22.42
CA SER A 839 0.63 5.50 -21.01
C SER A 839 0.02 4.13 -20.80
N ASN A 840 0.57 3.38 -19.84
CA ASN A 840 0.06 2.04 -19.56
C ASN A 840 0.42 1.70 -18.11
N GLY A 841 -0.57 1.78 -17.22
CA GLY A 841 -0.32 1.50 -15.82
C GLY A 841 -1.62 1.38 -15.06
N ILE A 842 -1.54 0.73 -13.90
CA ILE A 842 -2.68 0.55 -13.00
C ILE A 842 -2.40 1.24 -11.68
N ASP A 843 -3.39 1.23 -10.80
CA ASP A 843 -3.33 1.96 -9.53
C ASP A 843 -3.36 0.99 -8.36
N ASP A 844 -3.14 1.54 -7.17
CA ASP A 844 -3.16 0.80 -5.92
C ASP A 844 -3.93 1.57 -4.88
N GLY A 845 -4.48 0.84 -3.91
CA GLY A 845 -5.12 1.49 -2.79
C GLY A 845 -4.41 1.21 -1.48
N LEU A 846 -3.84 0.00 -1.38
CA LEU A 846 -3.05 -0.37 -0.22
C LEU A 846 -1.57 -0.11 -0.49
N HIS A 847 -0.70 -0.62 0.37
CA HIS A 847 0.74 -0.46 0.19
C HIS A 847 1.53 -1.74 0.31
N ALA A 848 0.96 -2.82 0.85
CA ALA A 848 1.73 -4.03 1.10
C ALA A 848 1.83 -4.90 -0.15
N GLU A 849 0.69 -5.37 -0.66
CA GLU A 849 0.68 -6.31 -1.77
C GLU A 849 0.12 -5.74 -3.06
N ASP A 850 -0.45 -4.54 -3.03
CA ASP A 850 -1.03 -3.97 -4.24
C ASP A 850 0.05 -3.64 -5.28
N ASP A 851 1.25 -3.28 -4.84
CA ASP A 851 2.33 -3.03 -5.79
C ASP A 851 2.75 -4.30 -6.50
N GLN A 852 2.55 -5.46 -5.88
CA GLN A 852 2.81 -6.73 -6.55
C GLN A 852 1.87 -6.91 -7.75
N LEU A 853 0.63 -6.44 -7.61
CA LEU A 853 -0.27 -6.44 -8.75
C LEU A 853 0.27 -5.58 -9.87
N ARG A 854 0.85 -4.42 -9.54
CA ARG A 854 1.47 -3.58 -10.55
C ARG A 854 2.64 -4.31 -11.22
N VAL A 855 3.45 -5.01 -10.43
CA VAL A 855 4.57 -5.76 -11.00
C VAL A 855 4.08 -6.80 -12.00
N TYR A 856 3.09 -7.59 -11.58
CA TYR A 856 2.54 -8.63 -12.46
C TYR A 856 1.94 -8.01 -13.72
N TYR A 857 1.15 -6.95 -13.57
CA TYR A 857 0.49 -6.35 -14.72
C TYR A 857 1.51 -5.77 -15.69
N MET A 858 2.52 -5.07 -15.18
CA MET A 858 3.52 -4.50 -16.06
C MET A 858 4.32 -5.58 -16.78
N GLN A 859 4.72 -6.63 -16.06
CA GLN A 859 5.48 -7.70 -16.70
C GLN A 859 4.66 -8.34 -17.82
N ASN A 860 3.38 -8.65 -17.54
CA ASN A 860 2.58 -9.32 -18.55
C ASN A 860 2.23 -8.39 -19.71
N TYR A 861 2.00 -7.11 -19.45
CA TYR A 861 1.68 -6.19 -20.54
C TYR A 861 2.90 -5.94 -21.42
N ILE A 862 4.08 -5.81 -20.84
CA ILE A 862 5.30 -5.69 -21.63
C ILE A 862 5.52 -6.97 -22.45
N ASN A 863 5.24 -8.12 -21.84
CA ASN A 863 5.37 -9.38 -22.58
C ASN A 863 4.40 -9.43 -23.76
N GLU A 864 3.17 -8.96 -23.55
CA GLU A 864 2.21 -8.94 -24.65
C GLU A 864 2.63 -7.98 -25.74
N ALA A 865 3.19 -6.83 -25.36
CA ALA A 865 3.71 -5.90 -26.38
C ALA A 865 4.84 -6.53 -27.17
N LEU A 866 5.73 -7.24 -26.48
CA LEU A 866 6.80 -7.95 -27.17
C LEU A 866 6.26 -9.02 -28.12
N LYS A 867 5.23 -9.74 -27.67
CA LYS A 867 4.57 -10.72 -28.54
C LYS A 867 4.02 -10.06 -29.79
N ALA A 868 3.31 -8.95 -29.61
CA ALA A 868 2.74 -8.23 -30.75
C ALA A 868 3.82 -7.71 -31.68
N HIS A 869 4.98 -7.36 -31.14
CA HIS A 869 6.07 -6.89 -31.99
C HIS A 869 6.69 -8.03 -32.79
N ILE A 870 6.90 -9.18 -32.16
CA ILE A 870 7.70 -10.23 -32.77
C ILE A 870 6.90 -11.03 -33.79
N LEU A 871 5.85 -11.71 -33.33
CA LEU A 871 5.15 -12.68 -34.16
C LEU A 871 3.89 -12.12 -34.81
N ASP A 872 3.67 -10.80 -34.72
CA ASP A 872 2.60 -10.16 -35.45
C ASP A 872 3.08 -9.19 -36.51
N GLY A 873 4.31 -8.68 -36.38
CA GLY A 873 4.91 -7.84 -37.39
C GLY A 873 4.69 -6.35 -37.21
N ILE A 874 4.02 -5.92 -36.14
CA ILE A 874 3.79 -4.49 -35.95
C ILE A 874 5.12 -3.78 -35.68
N ASN A 875 5.10 -2.47 -35.91
CA ASN A 875 6.30 -1.64 -35.79
C ASN A 875 6.40 -0.95 -34.43
N LEU A 876 5.85 -1.58 -33.39
CA LEU A 876 5.88 -1.02 -32.04
C LEU A 876 7.31 -0.75 -31.60
N CYS A 877 7.68 0.51 -31.42
CA CYS A 877 9.02 0.89 -30.99
C CYS A 877 8.96 1.95 -29.89
N GLY A 878 8.15 1.69 -28.87
CA GLY A 878 8.15 2.54 -27.70
C GLY A 878 7.31 1.95 -26.60
N TYR A 879 7.55 2.41 -25.37
CA TYR A 879 6.74 2.03 -24.23
C TYR A 879 6.98 3.04 -23.12
N PHE A 880 5.90 3.54 -22.52
CA PHE A 880 5.96 4.55 -21.48
C PHE A 880 5.13 4.09 -20.30
N ALA A 881 5.79 3.60 -19.25
CA ALA A 881 5.08 3.28 -18.03
C ALA A 881 4.48 4.53 -17.42
N TYR A 882 3.28 4.39 -16.86
CA TYR A 882 2.54 5.53 -16.34
C TYR A 882 3.07 5.93 -14.97
N SER A 883 2.75 7.17 -14.57
CA SER A 883 2.86 7.62 -13.18
C SER A 883 4.29 7.52 -12.64
N PHE A 884 5.13 8.42 -13.16
CA PHE A 884 6.53 8.49 -12.72
C PHE A 884 6.66 8.53 -11.21
N ASN A 885 5.80 9.29 -10.52
CA ASN A 885 5.87 9.39 -9.07
C ASN A 885 4.45 9.45 -8.50
N ASP A 886 4.37 9.35 -7.18
CA ASP A 886 3.09 9.26 -6.48
C ASP A 886 2.60 10.60 -5.95
N ARG A 887 3.37 11.68 -6.12
CA ARG A 887 2.91 12.98 -5.65
C ARG A 887 2.05 13.67 -6.70
N THR A 888 2.43 13.57 -7.97
CA THR A 888 1.63 14.17 -9.05
C THR A 888 0.44 13.30 -9.41
N ALA A 889 0.66 11.99 -9.53
CA ALA A 889 -0.42 11.06 -9.83
C ALA A 889 -0.63 10.14 -8.63
N PRO A 890 -1.56 10.46 -7.73
CA PRO A 890 -1.73 9.63 -6.54
C PRO A 890 -2.25 8.24 -6.87
N ARG A 891 -1.91 7.29 -6.01
CA ARG A 891 -2.30 5.88 -6.08
C ARG A 891 -1.72 5.17 -7.29
N PHE A 892 -0.94 5.86 -8.13
CA PHE A 892 -0.48 5.32 -9.39
C PHE A 892 1.04 5.22 -9.50
N GLY A 893 1.78 6.03 -8.76
CA GLY A 893 3.19 6.23 -9.06
C GLY A 893 4.07 5.04 -8.72
N LEU A 894 5.15 4.90 -9.49
CA LEU A 894 6.18 3.93 -9.16
C LEU A 894 6.98 4.38 -7.94
N TYR A 895 7.24 5.67 -7.83
CA TYR A 895 7.98 6.25 -6.71
C TYR A 895 6.96 6.75 -5.69
N ARG A 896 6.76 5.99 -4.62
CA ARG A 896 5.82 6.41 -3.59
C ARG A 896 6.35 7.65 -2.88
N TYR A 897 5.43 8.50 -2.47
CA TYR A 897 5.75 9.79 -1.86
C TYR A 897 5.20 9.81 -0.43
N ALA A 898 6.06 9.51 0.53
CA ALA A 898 5.66 9.45 1.93
C ALA A 898 6.60 10.30 2.77
N ALA A 899 6.02 11.07 3.69
CA ALA A 899 6.78 11.94 4.59
C ALA A 899 7.70 12.88 3.82
N ASP A 900 7.19 13.41 2.70
CA ASP A 900 7.95 14.28 1.82
C ASP A 900 9.25 13.64 1.36
N GLN A 901 9.19 12.33 1.09
CA GLN A 901 10.35 11.57 0.63
C GLN A 901 9.88 10.56 -0.40
N PHE A 902 10.68 10.42 -1.46
CA PHE A 902 10.36 9.53 -2.57
C PHE A 902 11.08 8.20 -2.37
N GLU A 903 10.32 7.13 -2.16
CA GLU A 903 10.91 5.80 -2.09
C GLU A 903 10.39 4.92 -3.21
N PRO A 904 11.26 4.16 -3.87
CA PRO A 904 10.81 3.30 -4.97
C PRO A 904 9.98 2.14 -4.48
N LYS A 905 9.10 1.66 -5.36
CA LYS A 905 8.36 0.43 -5.14
C LYS A 905 9.08 -0.72 -5.86
N ALA A 906 8.66 -1.94 -5.54
CA ALA A 906 9.24 -3.10 -6.22
C ALA A 906 8.92 -3.07 -7.71
N SER A 907 7.83 -2.41 -8.10
CA SER A 907 7.51 -2.26 -9.51
C SER A 907 8.59 -1.47 -10.23
N MET A 908 9.15 -0.46 -9.58
CA MET A 908 10.23 0.30 -10.21
C MET A 908 11.43 -0.58 -10.47
N LYS A 909 11.81 -1.41 -9.49
CA LYS A 909 12.98 -2.27 -9.66
C LYS A 909 12.74 -3.32 -10.74
N HIS A 910 11.55 -3.90 -10.79
CA HIS A 910 11.26 -4.87 -11.86
C HIS A 910 11.24 -4.19 -13.22
N TYR A 911 10.69 -2.98 -13.31
CA TYR A 911 10.70 -2.24 -14.56
C TYR A 911 12.12 -1.94 -15.01
N ARG A 912 13.00 -1.54 -14.07
CA ARG A 912 14.38 -1.29 -14.41
C ARG A 912 15.07 -2.57 -14.88
N LYS A 913 14.78 -3.69 -14.21
CA LYS A 913 15.34 -4.98 -14.62
C LYS A 913 14.91 -5.33 -16.04
N ILE A 914 13.67 -5.02 -16.39
CA ILE A 914 13.21 -5.23 -17.76
C ILE A 914 13.92 -4.27 -18.71
N ILE A 915 14.15 -3.03 -18.26
CA ILE A 915 14.68 -1.99 -19.15
C ILE A 915 16.14 -2.27 -19.50
N ASP A 916 17.00 -2.35 -18.49
CA ASP A 916 18.43 -2.48 -18.78
C ASP A 916 18.77 -3.82 -19.42
N SER A 917 17.88 -4.80 -19.34
CA SER A 917 18.05 -6.04 -20.08
C SER A 917 17.35 -6.01 -21.44
N ASN A 918 16.62 -4.93 -21.74
CA ASN A 918 15.94 -4.75 -23.02
C ASN A 918 14.96 -5.89 -23.31
N GLY A 919 14.03 -6.08 -22.39
CA GLY A 919 12.98 -7.05 -22.58
C GLY A 919 13.15 -8.34 -21.81
N PHE A 920 12.91 -9.48 -22.47
CA PHE A 920 12.96 -10.79 -21.84
C PHE A 920 13.89 -11.68 -22.66
N PRO A 921 15.20 -11.57 -22.45
CA PRO A 921 16.15 -12.31 -23.30
C PRO A 921 16.21 -13.79 -23.01
N GLY A 922 15.67 -14.25 -21.88
CA GLY A 922 15.77 -15.64 -21.52
C GLY A 922 17.18 -16.02 -21.14
N PRO A 923 17.64 -17.20 -21.60
CA PRO A 923 19.00 -17.63 -21.26
C PRO A 923 20.07 -17.02 -22.16
N GLU A 924 19.71 -16.51 -23.33
CA GLU A 924 20.69 -15.95 -24.27
C GLU A 924 20.81 -14.44 -24.09
N THR A 925 21.15 -14.04 -22.86
CA THR A 925 21.29 -12.62 -22.52
C THR A 925 22.76 -12.17 -22.66
N LEU A 926 23.31 -12.40 -23.86
CA LEU A 926 24.70 -12.06 -24.11
C LEU A 926 24.92 -11.42 -25.48
N GLU A 927 23.91 -10.74 -26.03
CA GLU A 927 24.02 -10.16 -27.36
C GLU A 927 23.53 -8.72 -27.37
N ARG A 928 24.15 -7.91 -28.22
CA ARG A 928 23.70 -6.56 -28.51
C ARG A 928 23.27 -6.44 -29.97
N PHE A 929 24.15 -6.77 -30.90
CA PHE A 929 23.83 -6.98 -32.31
C PHE A 929 23.29 -5.72 -33.00
N CYS A 930 23.46 -4.55 -32.39
CA CYS A 930 22.95 -3.30 -32.96
C CYS A 930 24.00 -2.20 -32.91
N PRO A 931 25.01 -2.27 -33.78
CA PRO A 931 25.85 -1.10 -33.99
C PRO A 931 25.31 -0.21 -35.10
N GLU A 932 25.11 1.07 -34.81
CA GLU A 932 24.51 2.01 -35.77
C GLU A 932 23.14 1.52 -36.24
N GLU A 933 22.21 1.52 -35.27
CA GLU A 933 20.88 0.96 -35.49
C GLU A 933 20.19 1.62 -36.68
N PHE A 934 19.58 0.80 -37.52
CA PHE A 934 18.95 1.24 -38.77
C PHE A 934 17.46 0.94 -38.82
N THR A 935 16.83 0.69 -37.67
CA THR A 935 15.40 0.43 -37.64
C THR A 935 14.63 1.70 -37.97
N VAL A 936 13.87 1.68 -39.06
CA VAL A 936 13.22 2.91 -39.56
C VAL A 936 11.86 2.99 -38.89
N CYS A 937 11.87 3.50 -37.65
CA CYS A 937 10.68 4.04 -37.01
C CYS A 937 10.95 5.33 -36.25
N THR A 938 12.20 5.56 -35.82
CA THR A 938 12.58 6.75 -35.08
C THR A 938 12.94 7.87 -36.05
N GLU A 939 13.64 8.89 -35.56
CA GLU A 939 13.98 10.04 -36.38
C GLU A 939 14.98 9.63 -37.47
N CYS A 940 14.46 9.27 -38.64
CA CYS A 940 15.29 8.80 -39.74
C CYS A 940 15.00 9.61 -41.00
N SER A 941 15.51 9.14 -42.15
CA SER A 941 15.38 9.85 -43.41
C SER A 941 13.98 9.72 -44.03
N PHE A 942 13.03 9.10 -43.33
CA PHE A 942 11.67 8.93 -43.83
C PHE A 942 11.64 8.22 -45.18
N THR B 1 0.26 -17.32 48.41
CA THR B 1 0.91 -18.11 47.37
C THR B 1 2.34 -17.66 47.14
N GLY B 2 3.15 -18.54 46.55
CA GLY B 2 4.52 -18.24 46.24
C GLY B 2 4.78 -17.67 44.87
N ALA B 3 3.74 -17.36 44.11
CA ALA B 3 3.93 -16.80 42.78
C ALA B 3 4.52 -15.40 42.88
N PRO B 4 5.47 -15.05 42.02
CA PRO B 4 6.06 -13.72 42.06
C PRO B 4 5.05 -12.65 41.65
N TYR B 5 5.21 -11.46 42.22
CA TYR B 5 4.35 -10.33 41.92
C TYR B 5 5.16 -9.05 42.06
N TRP B 6 4.87 -8.08 41.19
CA TRP B 6 5.60 -6.82 41.21
C TRP B 6 5.22 -6.00 42.44
N THR B 7 6.22 -5.53 43.17
CA THR B 7 5.96 -4.74 44.37
C THR B 7 5.38 -3.38 44.01
N ARG B 8 5.99 -2.69 43.06
CA ARG B 8 5.53 -1.37 42.63
C ARG B 8 5.30 -1.38 41.12
N PRO B 9 4.05 -1.35 40.66
CA PRO B 9 3.79 -1.34 39.22
C PRO B 9 4.03 0.04 38.60
N GLU B 10 3.86 1.09 39.40
CA GLU B 10 4.07 2.45 38.89
C GLU B 10 5.53 2.77 38.62
N ARG B 11 6.46 1.93 39.07
CA ARG B 11 7.87 2.12 38.81
C ARG B 11 8.36 1.33 37.60
N MET B 12 7.45 0.68 36.88
CA MET B 12 7.80 -0.20 35.76
C MET B 12 7.17 0.32 34.46
N ASP B 13 7.26 1.63 34.23
CA ASP B 13 6.64 2.24 33.06
C ASP B 13 7.62 2.79 32.04
N LYS B 14 8.90 2.92 32.39
CA LYS B 14 9.90 3.42 31.45
C LYS B 14 10.27 2.28 30.50
N LYS B 15 9.42 2.09 29.49
CA LYS B 15 9.65 1.01 28.53
C LYS B 15 10.88 1.29 27.67
N LEU B 16 10.99 2.49 27.12
CA LEU B 16 12.11 2.89 26.28
C LEU B 16 12.90 3.97 27.02
N LEU B 17 14.10 3.61 27.48
CA LEU B 17 14.97 4.53 28.20
C LEU B 17 16.15 4.88 27.30
N ALA B 18 16.25 6.16 26.93
CA ALA B 18 17.36 6.67 26.15
C ALA B 18 18.13 7.69 26.97
N VAL B 19 19.44 7.73 26.79
CA VAL B 19 20.30 8.58 27.61
C VAL B 19 21.50 9.02 26.77
N PRO B 20 22.03 10.22 26.97
CA PRO B 20 23.32 10.56 26.35
C PRO B 20 24.43 9.67 26.89
N ALA B 21 25.44 9.44 26.05
CA ALA B 21 26.51 8.53 26.39
C ALA B 21 27.28 9.01 27.61
N ALA B 22 28.12 8.12 28.14
CA ALA B 22 28.93 8.34 29.34
C ALA B 22 28.10 8.58 30.58
N ASN B 23 26.80 8.29 30.54
CA ASN B 23 25.91 8.49 31.67
C ASN B 23 25.67 7.15 32.36
N THR B 24 24.75 7.14 33.34
CA THR B 24 24.42 5.95 34.10
C THR B 24 22.93 5.65 33.96
N VAL B 25 22.60 4.36 33.81
CA VAL B 25 21.23 3.91 33.70
C VAL B 25 20.90 3.02 34.89
N ARG B 26 19.61 2.97 35.22
CA ARG B 26 19.14 2.37 36.47
C ARG B 26 17.84 1.63 36.22
N PHE B 27 17.93 0.33 35.95
CA PHE B 27 16.75 -0.51 35.82
C PHE B 27 16.38 -1.09 37.17
N ARG B 28 15.09 -1.39 37.34
CA ARG B 28 14.65 -2.08 38.55
C ARG B 28 13.38 -2.84 38.27
N CYS B 29 13.25 -4.02 38.87
CA CYS B 29 12.05 -4.85 38.77
C CYS B 29 11.69 -5.30 40.18
N PRO B 30 11.10 -4.42 40.98
CA PRO B 30 10.80 -4.77 42.38
C PRO B 30 9.71 -5.81 42.52
N ALA B 31 10.08 -7.02 42.95
CA ALA B 31 9.15 -8.11 43.12
C ALA B 31 9.32 -8.73 44.50
N ALA B 32 8.44 -9.66 44.83
CA ALA B 32 8.48 -10.35 46.11
C ALA B 32 7.77 -11.69 45.96
N GLY B 33 8.01 -12.57 46.94
CA GLY B 33 7.38 -13.88 46.91
C GLY B 33 7.78 -14.68 48.13
N ASN B 34 7.17 -15.86 48.24
CA ASN B 34 7.43 -16.80 49.34
C ASN B 34 7.78 -18.15 48.74
N PRO B 35 9.08 -18.44 48.58
CA PRO B 35 10.25 -17.62 48.92
C PRO B 35 10.54 -16.55 47.88
N THR B 36 11.51 -15.68 48.15
CA THR B 36 11.83 -14.59 47.23
C THR B 36 12.38 -15.15 45.92
N PRO B 37 11.79 -14.83 44.78
CA PRO B 37 12.29 -15.35 43.50
C PRO B 37 13.65 -14.79 43.16
N SER B 38 14.42 -15.57 42.40
CA SER B 38 15.71 -15.11 41.92
C SER B 38 15.54 -14.32 40.63
N ILE B 39 16.54 -13.49 40.32
CA ILE B 39 16.52 -12.61 39.16
C ILE B 39 17.54 -13.12 38.15
N SER B 40 17.10 -13.21 36.88
CA SER B 40 17.99 -13.43 35.76
C SER B 40 17.87 -12.25 34.82
N TRP B 41 18.99 -11.56 34.59
CA TRP B 41 19.05 -10.41 33.71
C TRP B 41 19.67 -10.82 32.39
N LEU B 42 18.90 -10.72 31.31
CA LEU B 42 19.33 -11.14 29.99
C LEU B 42 19.50 -9.93 29.08
N LYS B 43 20.66 -9.83 28.45
CA LYS B 43 20.94 -8.80 27.46
C LYS B 43 20.53 -9.33 26.09
N ASN B 44 19.48 -8.72 25.51
CA ASN B 44 18.91 -9.18 24.25
C ASN B 44 18.49 -10.64 24.32
N GLY B 45 18.00 -11.07 25.48
CA GLY B 45 17.58 -12.45 25.67
C GLY B 45 18.68 -13.42 26.01
N ARG B 46 19.91 -12.94 26.22
CA ARG B 46 21.04 -13.80 26.52
C ARG B 46 21.60 -13.42 27.90
N GLU B 47 21.98 -14.44 28.66
CA GLU B 47 22.46 -14.22 30.03
C GLU B 47 23.65 -13.27 30.04
N PHE B 48 23.62 -12.29 30.95
CA PHE B 48 24.65 -11.27 30.99
C PHE B 48 24.89 -10.85 32.44
N ARG B 49 26.16 -10.61 32.76
CA ARG B 49 26.56 -10.03 34.03
C ARG B 49 27.72 -9.09 33.75
N GLY B 50 28.43 -8.68 34.79
CA GLY B 50 29.56 -7.79 34.62
C GLY B 50 30.77 -8.49 34.06
N GLU B 51 30.67 -8.99 32.83
CA GLU B 51 31.73 -9.75 32.20
C GLU B 51 32.22 -9.14 30.90
N HIS B 52 31.31 -8.70 30.02
CA HIS B 52 31.68 -8.05 28.78
C HIS B 52 31.56 -6.54 28.83
N ARG B 53 31.15 -5.98 29.96
CA ARG B 53 31.01 -4.53 30.11
C ARG B 53 32.28 -3.97 30.74
N ILE B 54 32.91 -3.01 30.05
CA ILE B 54 34.10 -2.36 30.59
C ILE B 54 33.66 -1.40 31.70
N GLY B 55 34.26 -1.53 32.87
CA GLY B 55 33.92 -0.74 34.03
C GLY B 55 33.07 -1.48 35.05
N GLY B 56 32.43 -2.58 34.68
CA GLY B 56 31.68 -3.38 35.60
C GLY B 56 30.29 -2.85 35.93
N ILE B 57 29.37 -3.75 36.24
CA ILE B 57 28.01 -3.39 36.63
C ILE B 57 27.74 -3.95 38.02
N LYS B 58 26.74 -3.38 38.68
CA LYS B 58 26.31 -3.80 40.01
C LYS B 58 24.91 -4.38 39.92
N LEU B 59 24.71 -5.52 40.57
CA LEU B 59 23.45 -6.27 40.51
C LEU B 59 22.93 -6.56 41.92
N ARG B 60 22.86 -5.53 42.75
CA ARG B 60 22.46 -5.69 44.14
C ARG B 60 21.05 -6.28 44.24
N HIS B 61 20.90 -7.27 45.12
CA HIS B 61 19.64 -7.98 45.32
C HIS B 61 18.73 -7.30 46.34
N GLN B 62 19.25 -6.40 47.17
CA GLN B 62 18.42 -5.81 48.22
C GLN B 62 17.33 -4.90 47.68
N GLN B 63 17.56 -4.24 46.54
CA GLN B 63 16.56 -3.36 45.96
C GLN B 63 15.98 -3.89 44.65
N TRP B 64 16.44 -5.04 44.17
CA TRP B 64 16.01 -5.59 42.88
C TRP B 64 16.29 -4.60 41.76
N SER B 65 17.55 -4.17 41.65
CA SER B 65 17.93 -3.14 40.69
C SER B 65 19.24 -3.52 40.01
N LEU B 66 19.40 -3.01 38.79
CA LEU B 66 20.61 -3.16 38.01
C LEU B 66 21.06 -1.78 37.54
N VAL B 67 22.29 -1.41 37.88
CA VAL B 67 22.83 -0.11 37.53
C VAL B 67 23.96 -0.30 36.52
N MET B 68 24.14 0.68 35.65
CA MET B 68 25.24 0.70 34.70
C MET B 68 25.84 2.09 34.69
N GLU B 69 27.11 2.20 35.07
CA GLU B 69 27.80 3.48 35.16
C GLU B 69 28.64 3.71 33.91
N SER B 70 28.63 4.94 33.41
CA SER B 70 29.39 5.34 32.23
C SER B 70 29.00 4.49 31.02
N VAL B 71 27.74 4.62 30.61
CA VAL B 71 27.24 3.84 29.49
C VAL B 71 27.97 4.23 28.21
N VAL B 72 27.92 3.34 27.23
CA VAL B 72 28.62 3.51 25.96
C VAL B 72 27.66 3.16 24.82
N PRO B 73 27.96 3.64 23.61
CA PRO B 73 27.09 3.30 22.47
C PRO B 73 26.95 1.82 22.23
N SER B 74 27.92 1.00 22.62
CA SER B 74 27.80 -0.45 22.49
C SER B 74 27.04 -1.06 23.66
N ASP B 75 25.86 -0.48 23.95
CA ASP B 75 24.99 -0.99 24.99
C ASP B 75 23.53 -0.93 24.59
N ARG B 76 23.22 -0.64 23.33
CA ARG B 76 21.85 -0.54 22.86
C ARG B 76 21.20 -1.91 22.78
N GLY B 77 19.90 -1.96 23.04
CA GLY B 77 19.16 -3.19 22.89
C GLY B 77 18.13 -3.46 23.98
N ASN B 78 17.51 -4.63 23.92
CA ASN B 78 16.55 -5.03 24.93
C ASN B 78 17.26 -5.58 26.16
N TYR B 79 16.66 -5.36 27.32
CA TYR B 79 17.19 -5.83 28.60
C TYR B 79 16.03 -6.44 29.37
N THR B 80 16.05 -7.77 29.54
CA THR B 80 14.93 -8.48 30.13
C THR B 80 15.28 -8.92 31.54
N CYS B 81 14.47 -8.48 32.52
CA CYS B 81 14.58 -8.96 33.89
C CYS B 81 13.57 -10.08 34.09
N VAL B 82 13.99 -11.15 34.74
CA VAL B 82 13.13 -12.29 35.02
C VAL B 82 13.19 -12.57 36.52
N VAL B 83 12.01 -12.64 37.15
CA VAL B 83 11.90 -13.09 38.53
C VAL B 83 11.23 -14.45 38.51
N GLU B 84 11.91 -15.45 39.08
CA GLU B 84 11.47 -16.83 38.97
C GLU B 84 11.62 -17.55 40.30
N ASN B 85 10.63 -18.37 40.62
CA ASN B 85 10.69 -19.29 41.75
C ASN B 85 9.83 -20.50 41.40
N LYS B 86 9.86 -21.50 42.27
CA LYS B 86 9.23 -22.79 42.00
C LYS B 86 7.71 -22.68 41.85
N PHE B 87 7.17 -21.47 42.01
CA PHE B 87 5.73 -21.24 41.87
C PHE B 87 5.41 -20.15 40.86
N GLY B 88 6.32 -19.85 39.94
CA GLY B 88 6.04 -18.91 38.87
C GLY B 88 7.27 -18.14 38.43
N SER B 89 7.30 -17.82 37.14
CA SER B 89 8.37 -17.03 36.56
C SER B 89 7.78 -15.99 35.62
N ILE B 90 8.18 -14.72 35.79
CA ILE B 90 7.68 -13.64 34.95
C ILE B 90 8.85 -12.76 34.51
N ARG B 91 8.62 -12.03 33.43
CA ARG B 91 9.65 -11.23 32.78
C ARG B 91 9.13 -9.83 32.47
N GLN B 92 10.07 -8.89 32.36
CA GLN B 92 9.78 -7.53 31.93
C GLN B 92 10.96 -7.03 31.14
N THR B 93 10.71 -6.50 29.94
CA THR B 93 11.75 -6.12 29.00
C THR B 93 11.80 -4.61 28.84
N TYR B 94 12.85 -4.00 29.36
CA TYR B 94 13.16 -2.61 29.07
C TYR B 94 13.95 -2.52 27.77
N THR B 95 14.10 -1.30 27.26
CA THR B 95 14.90 -1.05 26.07
C THR B 95 15.84 0.12 26.34
N LEU B 96 17.10 -0.02 25.95
CA LEU B 96 18.09 1.03 26.11
C LEU B 96 18.57 1.48 24.75
N ASP B 97 18.58 2.79 24.51
CA ASP B 97 19.05 3.38 23.26
C ASP B 97 19.95 4.55 23.65
N VAL B 98 21.24 4.27 23.82
CA VAL B 98 22.19 5.29 24.23
C VAL B 98 22.53 6.16 23.03
N LEU B 99 22.32 7.46 23.18
CA LEU B 99 22.61 8.42 22.12
C LEU B 99 24.05 8.91 22.23
N GLU B 100 24.43 9.80 21.32
CA GLU B 100 25.78 10.38 21.30
C GLU B 100 25.63 11.87 21.02
N ARG B 101 25.74 12.68 22.07
CA ARG B 101 25.53 14.12 21.97
C ARG B 101 26.87 14.83 21.97
N SER B 102 27.12 15.65 20.95
CA SER B 102 28.37 16.37 20.79
C SER B 102 28.07 17.85 20.54
N PRO B 103 27.92 18.63 21.61
CA PRO B 103 27.62 20.08 21.48
C PRO B 103 28.85 20.95 21.23
N HIS B 104 29.26 21.04 19.97
CA HIS B 104 30.39 21.87 19.56
C HIS B 104 29.98 22.68 18.34
N ARG B 105 30.91 23.55 17.90
CA ARG B 105 30.68 24.34 16.71
C ARG B 105 30.56 23.44 15.48
N PRO B 106 29.87 23.90 14.43
CA PRO B 106 29.72 23.07 13.23
C PRO B 106 31.07 22.76 12.59
N ILE B 107 31.46 21.50 12.61
CA ILE B 107 32.73 21.07 12.03
C ILE B 107 32.47 20.68 10.58
N LEU B 108 33.12 21.38 9.66
CA LEU B 108 32.90 21.17 8.24
C LEU B 108 34.19 20.70 7.58
N GLN B 109 34.02 19.93 6.50
CA GLN B 109 35.12 19.16 5.93
C GLN B 109 36.30 20.05 5.54
N ALA B 110 37.49 19.58 5.86
CA ALA B 110 38.71 20.33 5.56
C ALA B 110 39.02 20.30 4.07
N GLY B 111 39.53 21.41 3.56
CA GLY B 111 39.86 21.53 2.15
C GLY B 111 38.69 21.85 1.26
N LEU B 112 37.48 21.96 1.81
CA LEU B 112 36.29 22.27 1.05
C LEU B 112 35.63 23.49 1.67
N PRO B 113 35.39 24.56 0.92
CA PRO B 113 35.69 24.74 -0.52
C PRO B 113 37.16 25.02 -0.77
N ALA B 114 37.63 24.76 -1.99
CA ALA B 114 39.04 24.94 -2.34
C ALA B 114 39.19 25.96 -3.45
N ASN B 115 40.40 26.50 -3.58
CA ASN B 115 40.68 27.48 -4.61
C ASN B 115 40.44 26.89 -6.00
N GLN B 116 39.87 27.69 -6.88
CA GLN B 116 39.50 27.22 -8.21
C GLN B 116 39.85 28.26 -9.27
N THR B 117 40.13 27.77 -10.47
CA THR B 117 40.34 28.62 -11.63
C THR B 117 39.48 28.10 -12.78
N ALA B 118 39.05 29.01 -13.64
CA ALA B 118 38.13 28.66 -14.70
C ALA B 118 38.32 29.57 -15.90
N VAL B 119 38.17 29.01 -17.09
CA VAL B 119 38.17 29.79 -18.32
C VAL B 119 36.81 30.45 -18.48
N LEU B 120 36.83 31.72 -18.91
CA LEU B 120 35.59 32.47 -19.07
C LEU B 120 34.64 31.73 -20.02
N GLY B 121 33.40 31.55 -19.59
CA GLY B 121 32.41 30.79 -20.32
C GLY B 121 32.16 29.39 -19.77
N SER B 122 32.99 28.91 -18.85
CA SER B 122 32.80 27.60 -18.25
C SER B 122 31.94 27.74 -16.99
N ASP B 123 31.80 26.65 -16.24
CA ASP B 123 31.01 26.65 -15.01
C ASP B 123 31.79 25.95 -13.91
N VAL B 124 31.58 26.40 -12.67
CA VAL B 124 32.27 25.87 -11.50
C VAL B 124 31.24 25.54 -10.43
N GLU B 125 31.70 24.86 -9.39
CA GLU B 125 30.87 24.60 -8.23
C GLU B 125 31.75 24.44 -7.00
N PHE B 126 31.32 25.04 -5.90
CA PHE B 126 32.00 24.93 -4.62
C PHE B 126 31.24 23.97 -3.71
N HIS B 127 31.99 23.24 -2.89
CA HIS B 127 31.41 22.27 -1.97
C HIS B 127 31.81 22.59 -0.55
N CYS B 128 30.86 22.48 0.37
CA CYS B 128 31.15 22.49 1.80
C CYS B 128 30.15 21.59 2.49
N LYS B 129 30.65 20.70 3.34
CA LYS B 129 29.82 19.74 4.07
C LYS B 129 30.10 19.89 5.55
N VAL B 130 29.06 20.16 6.33
CA VAL B 130 29.21 20.40 7.75
C VAL B 130 28.83 19.14 8.52
N TYR B 131 29.33 19.04 9.75
CA TYR B 131 29.07 17.90 10.63
C TYR B 131 28.80 18.45 12.03
N SER B 132 27.54 18.66 12.36
CA SER B 132 27.14 19.09 13.69
C SER B 132 25.72 18.60 13.95
N ASP B 133 25.47 18.18 15.19
CA ASP B 133 24.22 17.53 15.55
C ASP B 133 23.10 18.51 15.91
N ALA B 134 23.39 19.81 15.97
CA ALA B 134 22.42 20.80 16.42
C ALA B 134 21.67 21.47 15.28
N GLN B 135 21.48 20.76 14.15
CA GLN B 135 20.78 21.28 12.99
C GLN B 135 21.39 22.61 12.55
N PRO B 136 22.58 22.61 11.98
CA PRO B 136 23.23 23.87 11.61
C PRO B 136 22.58 24.52 10.41
N HIS B 137 22.72 25.84 10.32
CA HIS B 137 22.23 26.63 9.20
C HIS B 137 23.42 27.06 8.37
N ILE B 138 23.34 26.84 7.05
CA ILE B 138 24.45 27.04 6.15
C ILE B 138 24.08 28.10 5.12
N GLN B 139 24.99 29.04 4.89
CA GLN B 139 24.82 30.03 3.85
C GLN B 139 26.16 30.23 3.13
N TRP B 140 26.09 30.87 1.98
CA TRP B 140 27.27 31.21 1.19
C TRP B 140 27.36 32.71 1.03
N LEU B 141 28.57 33.25 1.17
CA LEU B 141 28.80 34.68 1.07
C LEU B 141 29.86 34.95 0.02
N LYS B 142 29.58 35.89 -0.87
CA LYS B 142 30.58 36.38 -1.82
C LYS B 142 31.10 37.73 -1.34
N HIS B 143 32.42 37.86 -1.29
CA HIS B 143 33.04 39.10 -0.83
C HIS B 143 33.04 40.11 -1.97
N VAL B 144 32.41 41.26 -1.75
CA VAL B 144 32.25 42.29 -2.76
C VAL B 144 32.64 43.64 -2.16
N GLU B 145 32.91 44.60 -3.05
CA GLU B 145 33.16 45.98 -2.66
C GLU B 145 31.96 46.83 -3.07
N VAL B 146 31.48 47.65 -2.13
CA VAL B 146 30.25 48.40 -2.36
C VAL B 146 30.53 49.72 -3.07
N ASN B 147 31.36 50.58 -2.47
CA ASN B 147 31.71 51.85 -3.09
C ASN B 147 33.19 51.94 -3.42
N GLY B 148 34.06 51.73 -2.43
CA GLY B 148 35.49 51.78 -2.66
C GLY B 148 36.16 50.43 -2.48
N SER B 149 36.78 50.21 -1.33
CA SER B 149 37.41 48.93 -1.03
C SER B 149 36.37 47.93 -0.56
N LYS B 150 36.81 46.70 -0.33
CA LYS B 150 35.96 45.62 0.15
C LYS B 150 35.88 45.57 1.68
N VAL B 151 36.19 46.69 2.34
CA VAL B 151 36.29 46.74 3.79
C VAL B 151 35.45 47.90 4.30
N GLY B 152 34.66 47.66 5.34
CA GLY B 152 33.80 48.68 5.89
C GLY B 152 34.54 49.64 6.79
N PRO B 153 33.80 50.56 7.43
CA PRO B 153 34.46 51.55 8.30
C PRO B 153 35.12 50.95 9.53
N ASP B 154 34.74 49.74 9.94
CA ASP B 154 35.30 49.10 11.12
C ASP B 154 36.23 47.94 10.79
N GLY B 155 36.63 47.80 9.52
CA GLY B 155 37.39 46.65 9.09
C GLY B 155 36.56 45.44 8.74
N THR B 156 35.25 45.53 8.86
CA THR B 156 34.35 44.42 8.58
C THR B 156 34.15 44.27 7.08
N PRO B 157 34.37 43.07 6.52
CA PRO B 157 34.23 42.89 5.07
C PRO B 157 32.79 43.02 4.61
N TYR B 158 32.64 43.38 3.33
CA TYR B 158 31.34 43.46 2.68
C TYR B 158 31.07 42.16 1.94
N VAL B 159 29.99 41.48 2.28
CA VAL B 159 29.62 40.23 1.62
C VAL B 159 28.16 40.31 1.21
N THR B 160 27.82 39.54 0.18
CA THR B 160 26.45 39.34 -0.26
C THR B 160 26.12 37.86 -0.17
N VAL B 161 24.97 37.52 0.41
CA VAL B 161 24.59 36.13 0.53
C VAL B 161 24.16 35.59 -0.83
N LEU B 162 24.48 34.33 -1.10
CA LEU B 162 24.16 33.69 -2.36
C LEU B 162 23.11 32.60 -2.23
N LYS B 163 23.23 31.75 -1.20
CA LYS B 163 22.27 30.67 -0.99
C LYS B 163 22.18 30.42 0.51
N THR B 164 21.04 30.75 1.11
CA THR B 164 20.82 30.56 2.52
C THR B 164 20.01 29.29 2.78
N ALA B 165 19.78 28.99 4.06
CA ALA B 165 19.09 27.78 4.47
C ALA B 165 17.66 28.12 4.84
N GLY B 166 16.75 27.94 3.88
CA GLY B 166 15.34 28.08 4.17
C GLY B 166 14.71 26.77 4.59
N ALA B 167 13.50 26.86 5.14
CA ALA B 167 12.77 25.67 5.53
C ALA B 167 12.25 24.86 4.35
N ASN B 168 12.23 25.46 3.14
CA ASN B 168 11.73 24.80 1.96
C ASN B 168 12.83 24.17 1.10
N THR B 169 14.08 24.24 1.53
CA THR B 169 15.20 23.65 0.81
C THR B 169 15.90 22.64 1.70
N THR B 170 16.15 21.45 1.17
CA THR B 170 16.87 20.43 1.90
C THR B 170 18.35 20.81 2.02
N ASP B 171 19.10 20.02 2.79
CA ASP B 171 20.51 20.27 2.98
C ASP B 171 21.38 19.53 1.97
N LYS B 172 20.78 18.72 1.10
CA LYS B 172 21.55 18.11 0.02
C LYS B 172 21.85 19.11 -1.08
N GLU B 173 20.94 20.05 -1.33
CA GLU B 173 21.08 21.02 -2.39
C GLU B 173 21.72 22.32 -1.92
N LEU B 174 22.23 22.35 -0.69
CA LEU B 174 22.90 23.52 -0.15
C LEU B 174 24.39 23.30 0.03
N GLU B 175 24.85 22.05 0.06
CA GLU B 175 26.27 21.75 0.18
C GLU B 175 27.03 21.99 -1.12
N VAL B 176 26.35 22.36 -2.19
CA VAL B 176 26.97 22.70 -3.46
C VAL B 176 26.45 24.04 -3.93
N LEU B 177 27.36 24.94 -4.29
CA LEU B 177 27.03 26.23 -4.88
C LEU B 177 27.53 26.21 -6.32
N SER B 178 26.60 26.22 -7.28
CA SER B 178 26.92 26.04 -8.69
C SER B 178 26.88 27.41 -9.38
N LEU B 179 28.03 27.84 -9.89
CA LEU B 179 28.14 29.05 -10.69
C LEU B 179 28.21 28.65 -12.15
N HIS B 180 27.12 28.88 -12.89
CA HIS B 180 27.02 28.49 -14.29
C HIS B 180 27.38 29.67 -15.18
N ASN B 181 28.26 29.44 -16.16
CA ASN B 181 28.73 30.45 -17.10
C ASN B 181 29.31 31.65 -16.35
N VAL B 182 30.42 31.37 -15.67
CA VAL B 182 31.05 32.37 -14.81
C VAL B 182 31.64 33.49 -15.66
N THR B 183 31.32 34.73 -15.30
CA THR B 183 31.84 35.90 -15.97
C THR B 183 33.04 36.45 -15.19
N PHE B 184 33.53 37.61 -15.60
CA PHE B 184 34.68 38.21 -14.93
C PHE B 184 34.31 38.83 -13.59
N GLU B 185 33.09 39.35 -13.46
CA GLU B 185 32.70 40.02 -12.23
C GLU B 185 32.52 39.04 -11.07
N ASP B 186 32.27 37.77 -11.36
CA ASP B 186 32.08 36.76 -10.31
C ASP B 186 33.41 36.03 -10.08
N ALA B 187 34.35 36.75 -9.48
CA ALA B 187 35.65 36.18 -9.13
C ALA B 187 36.15 36.91 -7.88
N GLY B 188 35.90 36.30 -6.72
CA GLY B 188 36.31 36.88 -5.45
C GLY B 188 36.51 35.81 -4.42
N GLU B 189 36.05 36.07 -3.19
CA GLU B 189 36.18 35.14 -2.08
C GLU B 189 34.80 34.61 -1.73
N TYR B 190 34.63 33.29 -1.84
CA TYR B 190 33.38 32.62 -1.53
C TYR B 190 33.56 31.87 -0.21
N THR B 191 32.76 32.23 0.78
CA THR B 191 32.86 31.66 2.12
C THR B 191 31.59 30.87 2.42
N CYS B 192 31.76 29.60 2.76
CA CYS B 192 30.67 28.80 3.30
C CYS B 192 30.64 28.99 4.81
N LEU B 193 29.55 29.55 5.32
CA LEU B 193 29.39 29.85 6.73
C LEU B 193 28.29 28.98 7.32
N ALA B 194 28.58 28.33 8.43
CA ALA B 194 27.63 27.45 9.08
C ALA B 194 27.52 27.83 10.54
N GLY B 195 26.31 27.75 11.07
CA GLY B 195 26.09 28.15 12.44
C GLY B 195 25.05 27.33 13.18
N ASN B 196 25.37 26.94 14.40
CA ASN B 196 24.42 26.31 15.30
C ASN B 196 24.42 27.04 16.63
N SER B 197 23.76 26.48 17.65
CA SER B 197 23.65 27.16 18.93
C SER B 197 25.01 27.41 19.58
N ILE B 198 26.04 26.65 19.20
CA ILE B 198 27.35 26.83 19.82
C ILE B 198 28.07 28.03 19.23
N GLY B 199 28.11 28.13 17.90
CA GLY B 199 28.83 29.22 17.28
C GLY B 199 28.81 29.11 15.77
N PHE B 200 29.78 29.75 15.15
CA PHE B 200 29.89 29.80 13.69
C PHE B 200 31.25 29.27 13.24
N SER B 201 31.24 28.53 12.14
CA SER B 201 32.46 28.10 11.47
C SER B 201 32.31 28.34 9.98
N HIS B 202 33.35 28.92 9.39
CA HIS B 202 33.30 29.29 7.98
C HIS B 202 34.61 28.93 7.30
N HIS B 203 34.51 28.54 6.04
CA HIS B 203 35.67 28.24 5.22
C HIS B 203 35.61 29.02 3.92
N SER B 204 36.75 29.62 3.54
CA SER B 204 36.82 30.50 2.39
C SER B 204 37.56 29.83 1.24
N ALA B 205 37.20 30.22 0.02
CA ALA B 205 37.87 29.76 -1.19
C ALA B 205 37.90 30.91 -2.19
N TRP B 206 38.79 30.80 -3.16
CA TRP B 206 38.99 31.84 -4.16
C TRP B 206 38.79 31.27 -5.55
N LEU B 207 37.98 31.95 -6.35
CA LEU B 207 37.74 31.58 -7.74
C LEU B 207 38.31 32.66 -8.65
N VAL B 208 39.16 32.24 -9.59
CA VAL B 208 39.78 33.15 -10.55
C VAL B 208 39.38 32.74 -11.95
N VAL B 209 38.88 33.70 -12.73
CA VAL B 209 38.43 33.46 -14.09
C VAL B 209 39.42 34.11 -15.05
N LEU B 210 39.89 33.32 -16.01
CA LEU B 210 40.86 33.76 -17.02
C LEU B 210 40.19 33.87 -18.38
N PRO B 211 40.59 34.86 -19.19
CA PRO B 211 40.00 35.05 -20.52
C PRO B 211 40.54 34.04 -21.53
N THR C 1 20.01 17.42 76.04
CA THR C 1 21.01 18.30 76.64
C THR C 1 22.31 18.27 75.84
N GLY C 2 22.90 17.08 75.72
CA GLY C 2 24.14 16.95 74.99
C GLY C 2 23.96 17.17 73.50
N ALA C 3 25.04 17.58 72.85
CA ALA C 3 25.01 17.83 71.43
C ALA C 3 24.96 16.50 70.67
N PRO C 4 24.22 16.44 69.57
CA PRO C 4 24.17 15.20 68.77
C PRO C 4 25.50 14.93 68.08
N TYR C 5 25.69 13.67 67.72
CA TYR C 5 26.91 13.22 67.05
C TYR C 5 26.52 12.34 65.88
N TRP C 6 27.50 11.66 65.30
CA TRP C 6 27.30 10.84 64.12
C TRP C 6 27.30 9.35 64.49
N THR C 7 26.73 8.54 63.59
CA THR C 7 26.71 7.10 63.76
C THR C 7 27.89 6.42 63.08
N ARG C 8 28.28 6.89 61.90
CA ARG C 8 29.40 6.33 61.14
C ARG C 8 30.34 7.47 60.76
N PRO C 9 31.17 7.93 61.70
CA PRO C 9 32.07 9.05 61.40
C PRO C 9 33.24 8.68 60.51
N GLU C 10 33.44 7.39 60.21
CA GLU C 10 34.58 6.98 59.38
C GLU C 10 34.42 7.40 57.93
N ARG C 11 33.21 7.66 57.46
CA ARG C 11 32.98 8.07 56.08
C ARG C 11 32.97 9.59 55.91
N MET C 12 33.15 10.34 56.99
CA MET C 12 33.14 11.79 56.92
C MET C 12 34.52 12.40 56.77
N ASP C 13 35.57 11.57 56.67
CA ASP C 13 36.93 12.07 56.51
C ASP C 13 37.25 12.46 55.07
N LYS C 14 36.37 12.18 54.12
CA LYS C 14 36.60 12.45 52.70
C LYS C 14 35.78 13.67 52.29
N LYS C 15 36.37 14.86 52.52
CA LYS C 15 35.72 16.08 52.05
C LYS C 15 35.77 16.18 50.53
N LEU C 16 36.87 15.73 49.92
CA LEU C 16 37.10 15.90 48.49
C LEU C 16 36.71 14.63 47.74
N LEU C 17 35.98 14.81 46.64
CA LEU C 17 35.59 13.72 45.76
C LEU C 17 35.98 14.08 44.34
N ALA C 18 36.77 13.22 43.70
CA ALA C 18 37.17 13.42 42.32
C ALA C 18 36.26 12.63 41.38
N VAL C 19 34.97 12.99 41.40
CA VAL C 19 33.96 12.30 40.62
C VAL C 19 34.10 12.67 39.15
N PRO C 20 33.78 11.77 38.23
CA PRO C 20 33.76 12.13 36.81
C PRO C 20 32.44 12.77 36.42
N ALA C 21 32.47 13.46 35.28
CA ALA C 21 31.26 14.07 34.77
C ALA C 21 30.30 13.01 34.23
N ALA C 22 29.04 13.41 34.07
CA ALA C 22 27.98 12.52 33.59
C ALA C 22 27.85 11.27 34.46
N ASN C 23 28.01 11.45 35.77
CA ASN C 23 27.89 10.36 36.73
C ASN C 23 27.22 10.88 37.98
N THR C 24 26.22 10.15 38.47
CA THR C 24 25.51 10.57 39.68
C THR C 24 26.43 10.48 40.89
N VAL C 25 26.12 11.28 41.91
CA VAL C 25 26.90 11.32 43.13
C VAL C 25 25.96 11.34 44.33
N ARG C 26 26.44 10.81 45.45
CA ARG C 26 25.70 10.72 46.70
C ARG C 26 26.57 11.22 47.84
N PHE C 27 25.96 11.97 48.76
CA PHE C 27 26.64 12.57 49.90
C PHE C 27 25.96 12.03 51.16
N ARG C 28 26.66 11.20 51.91
CA ARG C 28 26.11 10.56 53.09
C ARG C 28 26.61 11.30 54.34
N CYS C 29 25.67 11.87 55.10
CA CYS C 29 25.98 12.63 56.30
C CYS C 29 25.08 12.14 57.43
N PRO C 30 25.35 10.96 57.98
CA PRO C 30 24.52 10.43 59.05
C PRO C 30 24.86 11.05 60.41
N ALA C 31 23.85 11.11 61.27
CA ALA C 31 24.02 11.66 62.61
C ALA C 31 22.94 11.09 63.52
N ALA C 32 23.17 11.21 64.82
CA ALA C 32 22.22 10.72 65.82
C ALA C 32 22.27 11.61 67.04
N GLY C 33 21.15 11.65 67.76
CA GLY C 33 21.06 12.46 68.96
C GLY C 33 19.68 12.42 69.54
N ASN C 34 19.52 13.08 70.68
CA ASN C 34 18.24 13.17 71.38
C ASN C 34 17.85 14.62 71.55
N PRO C 35 16.85 15.13 70.81
CA PRO C 35 16.04 14.44 69.81
C PRO C 35 16.73 14.36 68.45
N THR C 36 16.00 13.96 67.42
CA THR C 36 16.58 13.79 66.09
C THR C 36 16.89 15.15 65.48
N PRO C 37 18.13 15.42 65.08
CA PRO C 37 18.45 16.69 64.43
C PRO C 37 17.82 16.79 63.05
N SER C 38 17.57 18.02 62.62
CA SER C 38 16.95 18.25 61.32
C SER C 38 17.93 17.91 60.20
N ILE C 39 17.38 17.42 59.09
CA ILE C 39 18.19 17.05 57.92
C ILE C 39 18.14 18.22 56.96
N SER C 40 19.17 19.05 56.99
CA SER C 40 19.26 20.23 56.14
C SER C 40 20.63 20.31 55.49
N TRP C 41 20.67 20.94 54.32
CA TRP C 41 21.90 21.08 53.55
C TRP C 41 21.99 22.51 53.02
N LEU C 42 23.21 22.90 52.62
CA LEU C 42 23.43 24.24 52.10
C LEU C 42 24.57 24.19 51.09
N LYS C 43 24.62 25.19 50.21
CA LYS C 43 25.66 25.28 49.17
C LYS C 43 26.34 26.64 49.28
N ASN C 44 27.33 26.72 50.16
CA ASN C 44 28.23 27.87 50.31
C ASN C 44 27.50 29.20 50.09
N GLY C 45 26.41 29.38 50.82
CA GLY C 45 25.58 30.55 50.62
C GLY C 45 24.12 30.32 50.96
N ARG C 46 23.24 30.58 50.00
CA ARG C 46 21.80 30.42 50.20
C ARG C 46 21.43 28.96 50.42
N GLU C 47 20.14 28.71 50.69
CA GLU C 47 19.68 27.34 50.87
C GLU C 47 19.73 26.58 49.54
N PHE C 48 20.30 25.37 49.58
CA PHE C 48 20.48 24.56 48.38
C PHE C 48 19.24 23.71 48.15
N ARG C 49 18.21 24.35 47.60
CA ARG C 49 16.95 23.68 47.33
C ARG C 49 17.01 23.02 45.95
N GLY C 50 15.90 22.41 45.52
CA GLY C 50 15.92 21.57 44.34
C GLY C 50 15.82 22.30 43.02
N GLU C 51 15.67 23.62 43.04
CA GLU C 51 15.50 24.39 41.82
C GLU C 51 16.76 25.17 41.43
N HIS C 52 17.92 24.82 41.99
CA HIS C 52 19.18 25.46 41.65
C HIS C 52 20.17 24.45 41.08
N ARG C 53 19.67 23.54 40.24
CA ARG C 53 20.53 22.60 39.54
C ARG C 53 19.74 22.04 38.37
N ILE C 54 20.48 21.59 37.35
CA ILE C 54 19.89 20.99 36.17
C ILE C 54 19.70 19.51 36.46
N GLY C 55 18.44 19.10 36.66
CA GLY C 55 18.10 17.73 37.01
C GLY C 55 17.58 17.56 38.42
N GLY C 56 17.73 18.57 39.27
CA GLY C 56 17.22 18.52 40.62
C GLY C 56 18.12 17.72 41.55
N ILE C 57 17.74 17.71 42.83
CA ILE C 57 18.43 16.96 43.86
C ILE C 57 17.41 16.12 44.61
N LYS C 58 17.87 15.05 45.25
CA LYS C 58 17.01 14.21 46.06
C LYS C 58 17.59 14.09 47.47
N LEU C 59 16.71 14.18 48.47
CA LEU C 59 17.09 14.07 49.86
C LEU C 59 16.47 12.81 50.46
N ARG C 60 17.30 11.95 51.03
CA ARG C 60 16.86 10.71 51.64
C ARG C 60 16.99 10.84 53.16
N HIS C 61 15.88 10.64 53.86
CA HIS C 61 15.84 10.79 55.31
C HIS C 61 16.09 9.48 56.05
N GLN C 62 16.40 8.40 55.33
CA GLN C 62 16.65 7.11 55.99
C GLN C 62 18.09 7.06 56.52
N GLN C 63 19.07 7.22 55.64
CA GLN C 63 20.45 7.38 56.06
C GLN C 63 20.96 8.81 55.92
N TRP C 64 20.05 9.76 55.69
CA TRP C 64 20.35 11.20 55.67
C TRP C 64 21.39 11.52 54.59
N SER C 65 20.98 11.29 53.34
CA SER C 65 21.86 11.47 52.20
C SER C 65 21.27 12.50 51.24
N LEU C 66 22.15 13.10 50.44
CA LEU C 66 21.78 14.02 49.39
C LEU C 66 22.39 13.52 48.08
N VAL C 67 21.55 13.23 47.09
CA VAL C 67 22.03 12.65 45.84
C VAL C 67 21.69 13.58 44.69
N MET C 68 22.60 13.68 43.73
CA MET C 68 22.39 14.43 42.51
C MET C 68 22.78 13.57 41.32
N GLU C 69 21.88 13.47 40.34
CA GLU C 69 22.06 12.59 39.20
C GLU C 69 22.64 13.35 38.02
N SER C 70 23.54 12.69 37.28
CA SER C 70 24.15 13.24 36.07
C SER C 70 24.86 14.57 36.40
N VAL C 71 25.91 14.44 37.21
CA VAL C 71 26.62 15.61 37.71
C VAL C 71 27.09 16.49 36.55
N VAL C 72 27.22 17.79 36.84
CA VAL C 72 27.53 18.81 35.85
C VAL C 72 28.71 19.61 36.37
N PRO C 73 29.63 20.08 35.51
CA PRO C 73 30.77 20.86 36.01
C PRO C 73 30.37 22.09 36.81
N SER C 74 29.14 22.60 36.64
CA SER C 74 28.67 23.71 37.45
C SER C 74 28.38 23.32 38.89
N ASP C 75 28.40 22.03 39.21
CA ASP C 75 28.13 21.56 40.56
C ASP C 75 29.34 21.64 41.49
N ARG C 76 30.50 22.05 40.98
CA ARG C 76 31.68 22.18 41.81
C ARG C 76 31.46 23.25 42.87
N GLY C 77 32.02 23.03 44.05
CA GLY C 77 31.88 24.00 45.12
C GLY C 77 32.14 23.37 46.48
N ASN C 78 31.54 23.99 47.49
CA ASN C 78 31.71 23.59 48.89
C ASN C 78 30.33 23.41 49.51
N TYR C 79 29.78 22.21 49.40
CA TYR C 79 28.52 21.90 50.06
C TYR C 79 28.74 21.80 51.57
N THR C 80 27.68 22.08 52.33
CA THR C 80 27.73 22.00 53.78
C THR C 80 26.55 21.16 54.27
N CYS C 81 26.86 20.06 54.94
CA CYS C 81 25.86 19.30 55.69
C CYS C 81 25.75 19.93 57.07
N VAL C 82 24.64 20.62 57.31
CA VAL C 82 24.38 21.28 58.58
C VAL C 82 23.16 20.59 59.18
N VAL C 83 23.35 19.91 60.30
CA VAL C 83 22.25 19.22 60.98
C VAL C 83 21.93 19.98 62.25
N GLU C 84 20.70 20.51 62.33
CA GLU C 84 20.29 21.42 63.38
C GLU C 84 19.45 20.68 64.41
N ASN C 85 19.80 20.85 65.68
CA ASN C 85 19.03 20.32 66.80
C ASN C 85 18.81 21.45 67.80
N LYS C 86 17.79 21.30 68.64
CA LYS C 86 17.53 22.30 69.67
C LYS C 86 18.71 22.44 70.61
N PHE C 87 19.46 21.36 70.83
CA PHE C 87 20.68 21.40 71.65
C PHE C 87 21.91 21.50 70.75
N GLY C 88 21.99 22.61 70.02
CA GLY C 88 23.11 22.88 69.14
C GLY C 88 22.99 22.20 67.79
N SER C 89 23.89 22.59 66.88
CA SER C 89 23.94 22.07 65.53
C SER C 89 25.32 21.53 65.22
N ILE C 90 25.41 20.74 64.16
CA ILE C 90 26.65 20.11 63.74
C ILE C 90 26.93 20.49 62.29
N ARG C 91 28.17 20.91 62.03
CA ARG C 91 28.63 21.39 60.73
C ARG C 91 29.59 20.39 60.11
N GLN C 92 29.46 20.17 58.81
CA GLN C 92 30.45 19.39 58.07
C GLN C 92 30.45 19.88 56.63
N THR C 93 31.58 19.71 55.95
CA THR C 93 31.77 20.26 54.62
C THR C 93 32.14 19.18 53.62
N TYR C 94 31.85 19.46 52.34
CA TYR C 94 32.26 18.64 51.21
C TYR C 94 32.79 19.57 50.12
N THR C 95 34.04 19.36 49.71
CA THR C 95 34.62 20.10 48.60
C THR C 95 34.54 19.22 47.36
N LEU C 96 33.67 19.58 46.41
CA LEU C 96 33.41 18.76 45.24
C LEU C 96 33.95 19.46 43.99
N ASP C 97 34.82 18.76 43.26
CA ASP C 97 35.29 19.17 41.94
C ASP C 97 35.09 18.01 40.98
N VAL C 98 34.66 18.33 39.75
CA VAL C 98 34.25 17.33 38.79
C VAL C 98 35.34 17.19 37.72
N LEU C 99 35.85 15.98 37.55
CA LEU C 99 36.74 15.71 36.42
C LEU C 99 35.94 15.73 35.13
N GLU C 100 36.43 16.48 34.15
CA GLU C 100 35.67 16.67 32.91
C GLU C 100 35.64 15.40 32.08
N ARG C 101 34.48 15.12 31.49
CA ARG C 101 34.34 14.04 30.52
C ARG C 101 33.65 14.58 29.27
N SER C 102 33.34 13.72 28.32
CA SER C 102 32.76 14.17 27.07
C SER C 102 31.87 13.10 26.48
N PRO C 103 30.59 13.38 26.24
CA PRO C 103 29.66 12.39 25.68
C PRO C 103 29.82 12.18 24.18
N HIS C 104 31.07 12.04 23.73
CA HIS C 104 31.33 11.78 22.32
C HIS C 104 32.70 11.13 22.17
N ARG C 105 32.87 10.43 21.05
CA ARG C 105 34.19 10.01 20.61
C ARG C 105 34.97 11.25 20.21
N PRO C 106 36.29 11.16 20.15
CA PRO C 106 37.08 12.32 19.66
C PRO C 106 36.66 12.66 18.24
N ILE C 107 36.10 13.85 18.08
CA ILE C 107 35.48 14.24 16.82
C ILE C 107 36.56 14.37 15.75
N LEU C 108 36.67 13.37 14.90
CA LEU C 108 37.67 13.38 13.84
C LEU C 108 37.25 14.36 12.76
N GLN C 109 38.13 15.32 12.45
CA GLN C 109 37.84 16.28 11.40
C GLN C 109 37.80 15.55 10.07
N ALA C 110 36.60 15.40 9.50
CA ALA C 110 36.44 14.56 8.33
C ALA C 110 37.18 15.15 7.13
N GLY C 111 37.63 14.25 6.25
CA GLY C 111 38.41 14.62 5.09
C GLY C 111 39.91 14.54 5.29
N LEU C 112 40.38 14.37 6.52
CA LEU C 112 41.79 14.25 6.81
C LEU C 112 42.13 12.80 7.16
N PRO C 113 43.15 12.21 6.54
CA PRO C 113 44.06 12.79 5.55
C PRO C 113 43.59 12.57 4.11
N ALA C 114 44.43 12.87 3.13
CA ALA C 114 44.09 12.73 1.72
C ALA C 114 44.94 11.62 1.09
N ASN C 115 44.79 11.48 -0.23
CA ASN C 115 45.55 10.49 -1.00
C ASN C 115 46.66 11.21 -1.79
N GLN C 116 47.73 11.58 -1.09
CA GLN C 116 48.87 12.14 -1.80
C GLN C 116 49.68 11.03 -2.46
N THR C 117 50.53 11.43 -3.40
CA THR C 117 51.36 10.51 -4.17
C THR C 117 52.83 10.73 -3.82
N ALA C 118 53.47 9.69 -3.28
CA ALA C 118 54.89 9.74 -2.96
C ALA C 118 55.74 9.17 -4.10
N VAL C 119 55.55 9.72 -5.30
CA VAL C 119 56.25 9.23 -6.49
C VAL C 119 57.67 9.76 -6.49
N LEU C 120 58.59 8.97 -7.05
CA LEU C 120 60.01 9.34 -7.17
C LEU C 120 60.63 9.62 -5.80
N GLY C 121 60.26 8.82 -4.80
CA GLY C 121 60.83 8.94 -3.48
C GLY C 121 60.58 10.27 -2.80
N SER C 122 59.37 10.80 -2.92
CA SER C 122 59.01 12.07 -2.30
C SER C 122 58.61 11.85 -0.85
N ASP C 123 58.28 12.95 -0.17
CA ASP C 123 57.88 12.92 1.22
C ASP C 123 56.37 13.11 1.33
N VAL C 124 55.79 12.60 2.41
CA VAL C 124 54.35 12.65 2.63
C VAL C 124 54.06 13.18 4.02
N GLU C 125 52.99 13.97 4.14
CA GLU C 125 52.51 14.48 5.41
C GLU C 125 51.03 14.15 5.54
N PHE C 126 50.64 13.64 6.71
CA PHE C 126 49.29 13.18 6.95
C PHE C 126 48.70 13.92 8.15
N HIS C 127 47.41 14.22 8.08
CA HIS C 127 46.76 15.10 9.05
C HIS C 127 45.63 14.36 9.76
N CYS C 128 45.52 14.62 11.07
CA CYS C 128 44.48 14.02 11.90
C CYS C 128 44.18 14.98 13.05
N LYS C 129 43.04 15.66 12.99
CA LYS C 129 42.64 16.64 13.99
C LYS C 129 41.39 16.13 14.70
N VAL C 130 41.42 16.11 16.02
CA VAL C 130 40.30 15.64 16.84
C VAL C 130 39.87 16.79 17.75
N TYR C 131 38.59 17.16 17.66
CA TYR C 131 38.04 18.29 18.40
C TYR C 131 37.42 17.87 19.74
N SER C 132 38.20 17.20 20.58
CA SER C 132 37.69 16.73 21.86
C SER C 132 37.85 17.80 22.94
N ASP C 133 36.97 17.74 23.95
CA ASP C 133 37.06 18.67 25.07
C ASP C 133 38.33 18.44 25.87
N ALA C 134 38.64 17.18 26.16
CA ALA C 134 39.82 16.78 26.91
C ALA C 134 40.96 16.55 25.95
N GLN C 135 42.01 15.89 26.44
CA GLN C 135 43.13 15.51 25.59
C GLN C 135 42.99 14.03 25.19
N PRO C 136 42.71 13.72 23.92
CA PRO C 136 42.42 12.35 23.52
C PRO C 136 43.57 11.37 23.67
N HIS C 137 43.32 10.14 23.26
CA HIS C 137 44.30 9.06 23.25
C HIS C 137 44.46 8.62 21.79
N ILE C 138 45.54 9.04 21.15
CA ILE C 138 45.65 9.02 19.69
C ILE C 138 46.86 8.18 19.29
N GLN C 139 46.62 7.17 18.46
CA GLN C 139 47.66 6.44 17.74
C GLN C 139 47.46 6.59 16.23
N TRP C 140 48.55 6.39 15.49
CA TRP C 140 48.56 6.60 14.04
C TRP C 140 48.23 5.33 13.27
N LEU C 141 48.87 4.21 13.65
CA LEU C 141 48.60 2.89 13.06
C LEU C 141 48.83 2.91 11.55
N LYS C 142 50.10 3.09 11.18
CA LYS C 142 50.49 2.83 9.80
C LYS C 142 50.36 1.34 9.51
N HIS C 143 49.71 1.01 8.40
CA HIS C 143 49.33 -0.37 8.13
C HIS C 143 50.55 -1.24 7.86
N VAL C 144 50.38 -2.53 8.09
CA VAL C 144 51.44 -3.53 7.90
C VAL C 144 51.08 -4.39 6.70
N GLU C 145 52.04 -4.56 5.79
CA GLU C 145 51.83 -5.35 4.57
C GLU C 145 52.02 -6.83 4.88
N VAL C 146 51.01 -7.40 5.54
CA VAL C 146 51.00 -8.83 5.85
C VAL C 146 49.66 -9.39 5.38
N ASN C 147 49.72 -10.44 4.55
CA ASN C 147 48.55 -11.15 4.04
C ASN C 147 47.72 -10.29 3.10
N GLY C 148 48.12 -9.03 2.91
CA GLY C 148 47.40 -8.13 2.03
C GLY C 148 46.17 -7.50 2.67
N SER C 149 45.35 -8.33 3.32
CA SER C 149 44.13 -7.87 3.96
C SER C 149 44.46 -7.28 5.32
N LYS C 150 44.07 -6.03 5.55
CA LYS C 150 44.29 -5.39 6.84
C LYS C 150 43.46 -6.03 7.94
N VAL C 151 42.35 -6.67 7.61
CA VAL C 151 41.51 -7.38 8.57
C VAL C 151 41.71 -8.87 8.32
N GLY C 152 42.42 -9.53 9.22
CA GLY C 152 42.65 -10.95 9.12
C GLY C 152 41.71 -11.73 10.01
N PRO C 153 42.22 -12.22 11.15
CA PRO C 153 41.33 -12.87 12.13
C PRO C 153 40.47 -11.87 12.88
N ASP C 154 39.66 -11.11 12.15
CA ASP C 154 38.75 -10.12 12.72
C ASP C 154 39.52 -9.08 13.55
N GLY C 155 40.33 -8.29 12.85
CA GLY C 155 41.07 -7.22 13.50
C GLY C 155 42.46 -7.60 13.95
N THR C 156 43.27 -8.12 13.02
CA THR C 156 44.64 -8.47 13.34
C THR C 156 45.42 -7.23 13.76
N PRO C 157 46.32 -7.35 14.74
CA PRO C 157 47.07 -6.18 15.25
C PRO C 157 48.16 -5.68 14.30
N TYR C 158 47.74 -4.87 13.32
CA TYR C 158 48.66 -4.23 12.39
C TYR C 158 49.11 -2.85 12.88
N VAL C 159 49.10 -2.62 14.18
CA VAL C 159 49.43 -1.30 14.73
C VAL C 159 50.94 -1.15 14.80
N THR C 160 51.45 -0.10 14.16
CA THR C 160 52.87 0.25 14.20
C THR C 160 53.03 1.75 14.41
N VAL C 161 52.29 2.27 15.40
CA VAL C 161 52.34 3.70 15.70
C VAL C 161 53.71 4.07 16.26
N LEU C 162 54.26 5.18 15.78
CA LEU C 162 55.55 5.67 16.24
C LEU C 162 55.44 6.86 17.20
N LYS C 163 54.26 7.48 17.31
CA LYS C 163 54.01 8.56 18.25
C LYS C 163 52.80 8.18 19.10
N THR C 164 53.06 7.63 20.29
CA THR C 164 52.01 7.16 21.17
C THR C 164 51.56 8.27 22.10
N ALA C 165 50.74 7.93 23.09
CA ALA C 165 50.24 8.92 24.03
C ALA C 165 51.36 9.44 24.92
N GLY C 166 51.23 10.70 25.32
CA GLY C 166 52.23 11.32 26.18
C GLY C 166 52.09 12.83 26.17
N ALA C 167 53.17 13.50 26.57
CA ALA C 167 53.17 14.96 26.58
C ALA C 167 53.10 15.53 25.18
N ASN C 168 53.59 14.81 24.18
CA ASN C 168 53.55 15.24 22.79
C ASN C 168 52.25 14.85 22.10
N THR C 169 51.34 14.19 22.80
CA THR C 169 50.06 13.75 22.23
C THR C 169 48.97 14.67 22.77
N THR C 170 48.70 15.75 22.03
CA THR C 170 47.68 16.73 22.39
C THR C 170 46.96 17.15 21.12
N ASP C 171 46.21 18.24 21.22
CA ASP C 171 45.44 18.79 20.10
C ASP C 171 46.14 19.98 19.45
N LYS C 172 47.44 20.08 19.57
CA LYS C 172 48.18 21.25 19.11
C LYS C 172 49.30 20.93 18.13
N GLU C 173 50.04 19.84 18.33
CA GLU C 173 51.23 19.57 17.53
C GLU C 173 51.29 18.18 16.92
N LEU C 174 50.62 17.18 17.47
CA LEU C 174 50.64 15.83 16.93
C LEU C 174 49.64 15.63 15.80
N GLU C 175 49.16 16.73 15.20
CA GLU C 175 48.19 16.62 14.12
C GLU C 175 48.79 16.04 12.85
N VAL C 176 50.10 16.20 12.66
CA VAL C 176 50.76 15.86 11.40
C VAL C 176 51.77 14.75 11.63
N LEU C 177 51.66 13.70 10.82
CA LEU C 177 52.67 12.65 10.73
C LEU C 177 53.48 12.89 9.46
N SER C 178 54.79 13.00 9.59
CA SER C 178 55.67 13.31 8.48
C SER C 178 56.55 12.11 8.17
N LEU C 179 56.34 11.49 7.01
CA LEU C 179 57.19 10.41 6.52
C LEU C 179 58.09 10.99 5.44
N HIS C 180 59.39 10.93 5.66
CA HIS C 180 60.38 11.56 4.78
C HIS C 180 61.19 10.49 4.06
N ASN C 181 61.58 10.82 2.82
CA ASN C 181 62.32 9.91 1.94
C ASN C 181 61.59 8.57 1.82
N VAL C 182 60.36 8.65 1.30
CA VAL C 182 59.47 7.49 1.24
C VAL C 182 59.68 6.79 -0.10
N THR C 183 60.30 5.62 -0.06
CA THR C 183 60.42 4.77 -1.23
C THR C 183 59.23 3.80 -1.26
N PHE C 184 59.30 2.79 -2.13
CA PHE C 184 58.21 1.83 -2.29
C PHE C 184 58.23 0.86 -1.12
N GLU C 185 57.76 1.33 0.03
CA GLU C 185 57.70 0.50 1.23
C GLU C 185 56.43 0.68 2.05
N ASP C 186 55.47 1.49 1.58
CA ASP C 186 54.21 1.68 2.32
C ASP C 186 53.11 1.94 1.29
N ALA C 187 52.35 0.89 0.97
CA ALA C 187 51.25 0.98 0.03
C ALA C 187 49.93 0.68 0.74
N GLY C 188 48.84 0.79 -0.01
CA GLY C 188 47.54 0.48 0.55
C GLY C 188 46.92 1.68 1.21
N GLU C 189 46.47 1.51 2.45
CA GLU C 189 45.82 2.56 3.21
C GLU C 189 46.45 2.63 4.60
N TYR C 190 46.24 3.77 5.26
CA TYR C 190 46.59 3.97 6.65
C TYR C 190 45.31 4.06 7.48
N THR C 191 45.47 4.36 8.77
CA THR C 191 44.34 4.52 9.67
C THR C 191 44.63 5.69 10.60
N CYS C 192 43.73 5.94 11.55
CA CYS C 192 43.90 7.02 12.51
C CYS C 192 43.02 6.71 13.72
N LEU C 193 43.66 6.34 14.83
CA LEU C 193 42.94 5.95 16.03
C LEU C 193 42.92 7.10 17.03
N ALA C 194 41.72 7.46 17.49
CA ALA C 194 41.55 8.37 18.61
C ALA C 194 40.54 7.77 19.57
N GLY C 195 40.71 8.00 20.86
CA GLY C 195 39.78 7.41 21.81
C GLY C 195 39.90 7.98 23.20
N ASN C 196 38.83 7.78 23.97
CA ASN C 196 38.77 8.12 25.38
C ASN C 196 37.84 7.11 26.04
N SER C 197 37.36 7.44 27.24
CA SER C 197 36.58 6.51 28.06
C SER C 197 35.26 6.08 27.41
N ILE C 198 34.95 6.50 26.18
CA ILE C 198 33.70 6.14 25.52
C ILE C 198 33.93 5.23 24.32
N GLY C 199 34.65 5.71 23.31
CA GLY C 199 34.78 4.93 22.09
C GLY C 199 36.02 5.23 21.27
N PHE C 200 36.06 4.73 20.04
CA PHE C 200 37.21 4.85 19.16
C PHE C 200 36.78 5.44 17.82
N SER C 201 37.36 6.58 17.46
CA SER C 201 37.23 7.14 16.13
C SER C 201 38.38 6.62 15.26
N HIS C 202 38.03 6.03 14.12
CA HIS C 202 39.01 5.33 13.29
C HIS C 202 38.53 5.42 11.84
N HIS C 203 39.17 6.29 11.06
CA HIS C 203 38.83 6.46 9.65
C HIS C 203 40.03 7.00 8.90
N SER C 204 40.16 6.58 7.64
CA SER C 204 41.20 7.06 6.73
C SER C 204 40.82 6.65 5.32
N ALA C 205 41.73 6.86 4.37
CA ALA C 205 41.45 6.59 2.96
C ALA C 205 42.68 5.93 2.33
N TRP C 206 42.65 5.82 1.00
CA TRP C 206 43.72 5.18 0.25
C TRP C 206 44.99 6.04 0.26
N LEU C 207 46.10 5.43 -0.11
CA LEU C 207 47.38 6.10 -0.21
C LEU C 207 48.02 5.78 -1.55
N VAL C 208 48.86 6.71 -2.03
CA VAL C 208 49.61 6.52 -3.26
C VAL C 208 51.08 6.74 -2.93
N VAL C 209 51.92 5.76 -3.26
CA VAL C 209 53.36 5.84 -3.08
C VAL C 209 54.02 5.22 -4.31
N LEU C 210 54.69 6.03 -5.11
CA LEU C 210 55.30 5.60 -6.36
C LEU C 210 54.30 4.87 -7.26
N TYR D 1 38.73 -6.76 19.08
CA TYR D 1 38.78 -5.31 18.92
C TYR D 1 37.38 -4.70 18.84
N PRO D 2 37.21 -3.54 19.47
CA PRO D 2 35.93 -2.83 19.37
C PRO D 2 35.74 -2.17 18.02
N ASN D 3 35.20 -2.91 17.06
CA ASN D 3 35.02 -2.41 15.69
C ASN D 3 34.28 -1.08 15.71
N ALA D 4 34.69 -0.18 14.81
CA ALA D 4 34.22 1.19 14.84
C ALA D 4 32.73 1.28 14.57
N SER D 5 32.06 2.13 15.35
CA SER D 5 30.65 2.43 15.13
C SER D 5 30.48 3.32 13.92
N PRO D 6 29.27 3.41 13.37
CA PRO D 6 29.03 4.32 12.24
C PRO D 6 29.43 5.75 12.57
N LEU D 7 29.72 6.50 11.50
CA LEU D 7 30.31 7.82 11.64
C LEU D 7 29.40 8.77 12.40
N LEU D 8 30.00 9.59 13.27
CA LEU D 8 29.30 10.64 13.97
C LEU D 8 29.12 11.86 13.07
N GLY D 9 28.25 12.77 13.50
CA GLY D 9 28.02 13.98 12.75
C GLY D 9 26.69 14.04 12.02
N SER D 10 26.72 13.82 10.71
CA SER D 10 25.55 14.02 9.86
C SER D 10 24.52 12.94 10.16
N SER D 11 23.53 13.28 10.99
CA SER D 11 22.42 12.39 11.26
C SER D 11 21.09 13.13 11.34
N TRP D 12 21.06 14.44 11.10
CA TRP D 12 19.87 15.25 11.25
C TRP D 12 19.15 15.50 9.93
N GLY D 13 19.65 14.96 8.83
CA GLY D 13 18.94 15.08 7.57
C GLY D 13 17.95 13.96 7.41
N GLY D 14 16.69 14.24 7.73
CA GLY D 14 15.65 13.24 7.77
C GLY D 14 14.79 13.44 9.00
N LEU D 15 14.00 12.42 9.31
CA LEU D 15 13.01 12.51 10.38
C LEU D 15 13.65 12.23 11.73
N ILE D 16 13.18 12.95 12.76
CA ILE D 16 13.62 12.74 14.13
C ILE D 16 12.40 12.71 15.03
N HIS D 17 12.59 12.13 16.22
CA HIS D 17 11.57 12.10 17.26
C HIS D 17 12.15 12.66 18.55
N LEU D 18 11.37 13.50 19.23
CA LEU D 18 11.85 14.18 20.42
C LEU D 18 11.42 13.39 21.65
N TYR D 19 12.34 12.58 22.16
CA TYR D 19 12.09 11.76 23.34
C TYR D 19 12.41 12.54 24.61
N THR D 20 11.65 12.26 25.67
CA THR D 20 11.89 12.87 26.97
C THR D 20 11.34 11.95 28.06
N ALA D 21 11.78 12.20 29.30
CA ALA D 21 11.37 11.39 30.42
C ALA D 21 11.64 12.15 31.71
N THR D 22 11.03 11.67 32.80
CA THR D 22 11.24 12.23 34.13
C THR D 22 11.51 11.14 35.16
N ALA D 23 12.03 10.00 34.72
CA ALA D 23 12.27 8.81 35.53
C ALA D 23 10.99 8.21 36.10
N ARG D 24 9.84 8.56 35.54
CA ARG D 24 8.57 7.96 35.92
C ARG D 24 7.82 7.49 34.68
N ASN D 25 8.06 8.15 33.56
CA ASN D 25 7.46 7.76 32.28
C ASN D 25 8.28 8.38 31.16
N SER D 26 8.15 7.78 29.97
CA SER D 26 8.89 8.22 28.80
C SER D 26 7.91 8.53 27.68
N TYR D 27 8.09 9.69 27.04
CA TYR D 27 7.18 10.15 25.99
C TYR D 27 7.95 10.71 24.81
N HIS D 28 7.48 10.41 23.61
CA HIS D 28 7.95 11.04 22.39
C HIS D 28 6.94 12.11 21.99
N LEU D 29 7.43 13.32 21.71
CA LEU D 29 6.55 14.39 21.29
C LEU D 29 5.85 14.01 19.99
N GLN D 30 4.54 14.25 19.93
CA GLN D 30 3.72 13.79 18.82
C GLN D 30 2.67 14.84 18.51
N ILE D 31 2.49 15.11 17.22
CA ILE D 31 1.56 16.13 16.73
C ILE D 31 0.39 15.43 16.07
N HIS D 32 -0.82 15.75 16.51
CA HIS D 32 -2.04 15.16 15.99
C HIS D 32 -2.67 16.05 14.93
N LYS D 33 -3.46 15.42 14.05
CA LYS D 33 -4.11 16.16 12.97
C LYS D 33 -5.04 17.25 13.50
N ASN D 34 -5.64 17.02 14.68
CA ASN D 34 -6.56 18.00 15.27
C ASN D 34 -5.83 19.10 16.03
N GLY D 35 -4.54 19.29 15.76
CA GLY D 35 -3.78 20.33 16.43
C GLY D 35 -3.44 20.03 17.87
N HIS D 36 -3.40 18.76 18.24
CA HIS D 36 -3.06 18.34 19.60
C HIS D 36 -1.65 17.80 19.64
N VAL D 37 -0.89 18.24 20.63
CA VAL D 37 0.50 17.83 20.82
C VAL D 37 0.59 17.13 22.17
N ASP D 38 1.11 15.90 22.16
CA ASP D 38 1.13 15.10 23.37
C ASP D 38 2.25 14.08 23.29
N GLY D 39 2.53 13.45 24.44
CA GLY D 39 3.56 12.45 24.51
C GLY D 39 3.07 11.04 24.25
N ALA D 40 3.45 10.47 23.11
CA ALA D 40 3.16 9.07 22.83
C ALA D 40 4.18 8.18 23.52
N PRO D 41 3.75 7.18 24.30
CA PRO D 41 4.72 6.24 24.89
C PRO D 41 5.67 5.62 23.89
N HIS D 42 5.20 5.26 22.70
CA HIS D 42 5.99 4.63 21.66
C HIS D 42 6.25 5.62 20.54
N GLN D 43 6.94 5.15 19.50
CA GLN D 43 7.20 5.94 18.30
C GLN D 43 6.02 5.79 17.34
N THR D 44 5.23 6.84 17.22
CA THR D 44 4.11 6.87 16.28
C THR D 44 4.47 7.67 15.05
N ILE D 45 3.82 7.34 13.93
CA ILE D 45 4.04 8.08 12.70
C ILE D 45 3.61 9.54 12.84
N TYR D 46 2.81 9.84 13.85
CA TYR D 46 2.44 11.23 14.15
C TYR D 46 3.46 11.92 15.04
N SER D 47 4.50 11.21 15.46
CA SER D 47 5.57 11.78 16.27
C SER D 47 6.84 12.02 15.46
N ALA D 48 6.78 11.90 14.14
CA ALA D 48 7.95 12.03 13.28
C ALA D 48 8.10 13.48 12.87
N LEU D 49 8.91 14.23 13.61
CA LEU D 49 9.18 15.62 13.31
C LEU D 49 10.36 15.72 12.35
N MET D 50 10.39 16.82 11.60
CA MET D 50 11.52 17.15 10.73
C MET D 50 11.94 18.57 11.10
N ILE D 51 13.01 18.69 11.89
CA ILE D 51 13.48 19.99 12.35
C ILE D 51 14.30 20.62 11.24
N ARG D 52 13.97 21.87 10.90
CA ARG D 52 14.73 22.64 9.92
C ARG D 52 15.12 23.98 10.51
N SER D 53 16.36 24.37 10.30
CA SER D 53 16.86 25.62 10.86
C SER D 53 16.78 26.74 9.85
N GLU D 54 16.55 27.96 10.34
CA GLU D 54 16.56 29.15 9.52
C GLU D 54 17.74 30.05 9.84
N ASP D 55 17.85 30.51 11.09
CA ASP D 55 19.01 31.23 11.57
C ASP D 55 19.95 30.27 12.27
N ALA D 56 20.98 30.82 12.91
CA ALA D 56 21.93 30.01 13.68
C ALA D 56 21.40 29.88 15.10
N GLY D 57 20.68 28.79 15.34
CA GLY D 57 20.07 28.55 16.63
C GLY D 57 18.60 28.89 16.72
N PHE D 58 17.84 28.72 15.64
CA PHE D 58 16.40 29.00 15.66
C PHE D 58 15.75 27.97 14.74
N VAL D 59 15.21 26.92 15.34
CA VAL D 59 14.68 25.79 14.60
C VAL D 59 13.18 25.93 14.43
N VAL D 60 12.65 25.26 13.41
CA VAL D 60 11.21 25.10 13.22
C VAL D 60 10.93 23.61 13.10
N ILE D 61 9.89 23.16 13.80
CA ILE D 61 9.57 21.74 13.94
C ILE D 61 8.28 21.47 13.18
N THR D 62 8.34 20.63 12.15
CA THR D 62 7.21 20.43 11.26
C THR D 62 6.38 19.20 11.62
N GLY D 63 6.96 18.01 11.54
CA GLY D 63 6.15 16.81 11.59
C GLY D 63 5.58 16.50 10.22
N VAL D 64 5.69 15.25 9.77
CA VAL D 64 5.46 14.94 8.36
C VAL D 64 4.12 14.25 8.11
N MET D 65 3.38 13.89 9.15
CA MET D 65 2.05 13.31 8.97
C MET D 65 0.94 14.31 9.25
N SER D 66 0.98 15.01 10.38
CA SER D 66 -0.03 16.02 10.67
C SER D 66 0.08 17.22 9.74
N ARG D 67 1.23 17.42 9.10
CA ARG D 67 1.54 18.58 8.27
C ARG D 67 1.45 19.89 9.05
N ARG D 68 1.32 19.82 10.37
CA ARG D 68 1.25 20.99 11.20
C ARG D 68 2.64 21.60 11.38
N TYR D 69 2.70 22.73 12.07
CA TYR D 69 3.94 23.30 12.57
C TYR D 69 3.79 23.43 14.07
N LEU D 70 4.84 23.06 14.80
CA LEU D 70 4.84 23.22 16.25
C LEU D 70 4.85 24.69 16.57
N CYS D 71 3.70 25.23 16.97
CA CYS D 71 3.56 26.64 17.26
C CYS D 71 3.02 26.83 18.67
N MET D 72 3.15 28.06 19.16
CA MET D 72 2.97 28.35 20.57
C MET D 72 2.03 29.53 20.74
N ASP D 73 1.54 29.70 21.96
CA ASP D 73 0.68 30.81 22.35
C ASP D 73 1.31 31.57 23.53
N PHE D 74 0.59 32.59 24.00
CA PHE D 74 1.16 33.48 25.01
C PHE D 74 1.25 32.83 26.38
N ARG D 75 0.44 31.81 26.67
CA ARG D 75 0.52 31.12 27.95
C ARG D 75 1.36 29.85 27.89
N GLY D 76 1.99 29.58 26.74
CA GLY D 76 2.92 28.47 26.62
C GLY D 76 2.32 27.17 26.11
N ASN D 77 1.00 27.10 25.92
CA ASN D 77 0.36 25.86 25.51
C ASN D 77 0.79 25.50 24.09
N ILE D 78 1.54 24.41 23.95
CA ILE D 78 1.99 23.95 22.64
C ILE D 78 0.79 23.51 21.82
N PHE D 79 0.83 23.81 20.51
CA PHE D 79 -0.19 23.30 19.61
C PHE D 79 0.40 23.20 18.21
N GLY D 80 -0.40 22.70 17.27
CA GLY D 80 0.01 22.55 15.88
C GLY D 80 -0.81 23.44 14.98
N SER D 81 -0.13 24.16 14.10
CA SER D 81 -0.77 25.07 13.16
C SER D 81 -0.61 24.54 11.74
N HIS D 82 -1.18 25.26 10.78
CA HIS D 82 -1.02 24.93 9.37
C HIS D 82 -0.27 25.99 8.58
N TYR D 83 -0.27 27.23 9.03
CA TYR D 83 0.42 28.32 8.37
C TYR D 83 1.53 28.85 9.28
N PHE D 84 2.62 29.29 8.67
CA PHE D 84 3.77 29.76 9.42
C PHE D 84 3.42 30.99 10.24
N ASP D 85 3.92 31.03 11.47
CA ASP D 85 3.73 32.15 12.39
C ASP D 85 5.14 32.52 12.87
N PRO D 86 5.91 33.22 12.05
CA PRO D 86 7.34 33.42 12.37
C PRO D 86 7.57 34.16 13.68
N GLU D 87 6.70 35.09 14.05
CA GLU D 87 6.90 35.85 15.28
C GLU D 87 6.65 35.03 16.53
N ASN D 88 5.97 33.89 16.40
CA ASN D 88 5.55 33.10 17.56
C ASN D 88 5.86 31.61 17.45
N CYS D 89 6.04 31.08 16.24
CA CYS D 89 6.12 29.64 16.01
C CYS D 89 7.50 29.29 15.45
N ARG D 90 8.54 29.81 16.11
CA ARG D 90 9.92 29.56 15.71
C ARG D 90 10.77 29.64 16.97
N PHE D 91 11.24 28.49 17.47
CA PHE D 91 11.85 28.40 18.79
C PHE D 91 13.36 28.49 18.68
N GLN D 92 13.97 29.25 19.58
CA GLN D 92 15.41 29.20 19.76
C GLN D 92 15.80 27.87 20.38
N HIS D 93 16.69 27.15 19.70
CA HIS D 93 17.25 25.91 20.21
C HIS D 93 18.41 26.20 21.15
N GLN D 94 18.62 25.27 22.09
CA GLN D 94 19.78 25.35 22.97
C GLN D 94 20.09 23.94 23.44
N THR D 95 21.36 23.71 23.80
CA THR D 95 21.81 22.42 24.29
C THR D 95 22.33 22.61 25.71
N LEU D 96 21.69 21.92 26.65
CA LEU D 96 22.08 22.06 28.05
C LEU D 96 23.44 21.42 28.29
N GLU D 97 23.91 21.51 29.53
CA GLU D 97 25.24 21.07 29.90
C GLU D 97 25.33 19.56 30.15
N ASN D 98 24.32 18.80 29.69
CA ASN D 98 24.36 17.35 29.82
C ASN D 98 23.86 16.67 28.56
N GLY D 99 24.00 17.32 27.40
CA GLY D 99 23.59 16.73 26.14
C GLY D 99 22.11 16.77 25.85
N TYR D 100 21.31 17.41 26.71
CA TYR D 100 19.86 17.46 26.53
C TYR D 100 19.46 18.78 25.88
N ASP D 101 18.59 18.71 24.88
CA ASP D 101 18.15 19.90 24.18
C ASP D 101 17.01 20.59 24.92
N VAL D 102 16.90 21.90 24.70
CA VAL D 102 15.76 22.70 25.16
C VAL D 102 15.39 23.64 24.03
N TYR D 103 14.10 23.96 23.95
CA TYR D 103 13.56 24.78 22.87
C TYR D 103 12.68 25.85 23.52
N HIS D 104 13.12 27.11 23.45
CA HIS D 104 12.35 28.18 24.08
C HIS D 104 11.98 29.23 23.04
N SER D 105 10.77 29.77 23.15
CA SER D 105 10.37 30.83 22.23
C SER D 105 11.21 32.08 22.48
N PRO D 106 11.69 32.74 21.43
CA PRO D 106 12.61 33.87 21.63
C PRO D 106 11.96 35.06 22.32
N GLN D 107 10.64 35.18 22.30
CA GLN D 107 9.95 36.31 22.92
C GLN D 107 9.13 35.93 24.14
N TYR D 108 8.61 34.71 24.22
CA TYR D 108 7.80 34.29 25.35
C TYR D 108 8.63 33.70 26.48
N HIS D 109 9.87 33.31 26.21
CA HIS D 109 10.80 32.77 27.21
C HIS D 109 10.32 31.45 27.80
N PHE D 110 9.16 30.95 27.35
CA PHE D 110 8.60 29.73 27.89
C PHE D 110 9.19 28.54 27.14
N LEU D 111 9.82 27.63 27.89
CA LEU D 111 10.42 26.45 27.28
C LEU D 111 9.34 25.53 26.72
N VAL D 112 9.64 24.91 25.59
CA VAL D 112 8.72 23.92 25.03
C VAL D 112 8.66 22.74 25.99
N SER D 113 7.44 22.41 26.44
CA SER D 113 7.26 21.38 27.45
C SER D 113 6.12 20.45 27.05
N LEU D 114 6.21 19.21 27.53
CA LEU D 114 5.10 18.27 27.44
C LEU D 114 4.32 18.16 28.74
N GLY D 115 4.77 18.84 29.80
CA GLY D 115 4.09 18.84 31.07
C GLY D 115 3.09 19.96 31.19
N ARG D 116 2.79 20.32 32.45
CA ARG D 116 1.90 21.45 32.72
C ARG D 116 2.52 22.38 33.75
N ALA D 117 3.83 22.59 33.68
CA ALA D 117 4.53 23.50 34.57
C ALA D 117 5.53 24.35 33.78
N LYS D 118 5.06 24.91 32.67
CA LYS D 118 5.92 25.71 31.82
C LYS D 118 6.41 26.95 32.56
N ARG D 119 7.67 27.33 32.29
CA ARG D 119 8.31 28.42 33.01
C ARG D 119 9.27 29.13 32.06
N ALA D 120 9.86 30.21 32.55
CA ALA D 120 10.88 30.94 31.81
C ALA D 120 12.19 30.16 31.82
N PHE D 121 13.02 30.40 30.79
CA PHE D 121 14.30 29.72 30.66
C PHE D 121 15.37 30.55 31.36
N LEU D 122 15.58 30.27 32.64
CA LEU D 122 16.67 30.88 33.37
C LEU D 122 17.99 30.24 32.94
N PRO D 123 19.12 30.95 33.12
CA PRO D 123 20.40 30.39 32.69
C PRO D 123 20.86 29.22 33.57
N GLY D 124 20.32 28.04 33.30
CA GLY D 124 20.70 26.84 34.03
C GLY D 124 20.33 26.85 35.49
N MET D 125 19.10 27.26 35.81
CA MET D 125 18.62 27.25 37.18
C MET D 125 17.88 25.95 37.50
N ASN D 126 16.81 25.66 36.75
CA ASN D 126 16.14 24.36 36.78
C ASN D 126 15.13 24.29 35.64
N PRO D 127 15.08 23.18 34.90
CA PRO D 127 14.10 23.06 33.83
C PRO D 127 12.83 22.40 34.33
N PRO D 128 11.68 22.71 33.75
CA PRO D 128 10.46 21.99 34.08
C PRO D 128 10.50 20.57 33.54
N PRO D 129 9.74 19.65 34.13
CA PRO D 129 9.75 18.27 33.62
C PRO D 129 9.26 18.21 32.18
N TYR D 130 9.83 17.27 31.43
CA TYR D 130 9.48 17.00 30.04
C TYR D 130 9.94 18.12 29.10
N SER D 131 10.82 19.00 29.57
CA SER D 131 11.35 20.08 28.75
C SER D 131 12.76 19.82 28.24
N GLN D 132 13.47 18.86 28.82
CA GLN D 132 14.80 18.47 28.35
C GLN D 132 14.64 17.35 27.33
N PHE D 133 14.51 17.72 26.07
CA PHE D 133 14.26 16.76 25.01
C PHE D 133 15.54 16.04 24.62
N LEU D 134 15.40 15.14 23.64
CA LEU D 134 16.54 14.40 23.09
C LEU D 134 16.13 13.86 21.74
N SER D 135 16.88 14.21 20.70
CA SER D 135 16.52 13.83 19.34
C SER D 135 16.99 12.41 19.06
N ARG D 136 16.06 11.55 18.66
CA ARG D 136 16.36 10.18 18.28
C ARG D 136 15.98 9.97 16.81
N ARG D 137 16.83 9.26 16.09
CA ARG D 137 16.60 9.05 14.67
C ARG D 137 15.35 8.20 14.45
N ASN D 138 14.73 8.39 13.29
CA ASN D 138 13.51 7.69 12.94
C ASN D 138 13.82 6.25 12.56
N GLU D 139 13.06 5.31 13.12
CA GLU D 139 13.17 3.91 12.76
C GLU D 139 11.89 3.35 12.16
N ILE D 140 10.82 4.15 12.11
CA ILE D 140 9.57 3.73 11.49
C ILE D 140 9.76 3.68 9.98
N PRO D 141 9.53 2.53 9.34
CA PRO D 141 9.64 2.48 7.87
C PRO D 141 8.60 3.39 7.21
N LEU D 142 8.97 3.91 6.05
CA LEU D 142 8.13 4.87 5.35
C LEU D 142 6.89 4.22 4.74
N ILE D 143 6.82 2.89 4.68
CA ILE D 143 5.59 2.25 4.21
C ILE D 143 4.44 2.54 5.16
N HIS D 144 4.71 2.61 6.47
CA HIS D 144 3.71 2.95 7.46
C HIS D 144 3.41 4.44 7.50
N PHE D 145 4.16 5.26 6.76
CA PHE D 145 3.81 6.65 6.59
C PHE D 145 2.77 6.86 5.49
N ASN D 146 2.58 5.87 4.63
CA ASN D 146 1.48 5.85 3.68
C ASN D 146 0.23 5.19 4.26
N THR D 147 0.08 5.19 5.59
CA THR D 147 -1.03 4.57 6.30
C THR D 147 -2.38 5.03 5.76
N PRO D 148 -2.57 6.33 5.43
CA PRO D 148 -3.79 6.71 4.69
C PRO D 148 -3.96 5.84 3.46
N ILE D 149 -5.00 5.00 3.48
CA ILE D 149 -5.22 4.01 2.43
C ILE D 149 -6.61 4.24 1.86
N PRO D 150 -6.72 4.57 0.56
CA PRO D 150 -8.05 4.72 -0.05
C PRO D 150 -8.89 3.46 0.13
N ARG D 151 -9.95 3.56 0.92
CA ARG D 151 -10.82 2.42 1.19
C ARG D 151 -12.23 2.95 1.44
N GLN D 152 -13.02 3.01 0.38
CA GLN D 152 -14.41 3.44 0.50
C GLN D 152 -15.33 2.23 0.48
N HIS D 153 -16.63 2.44 0.71
CA HIS D 153 -17.58 1.35 0.71
C HIS D 153 -18.47 1.48 -0.51
N THR D 154 -18.96 0.33 -1.00
CA THR D 154 -19.86 0.30 -2.15
C THR D 154 -21.31 0.34 -1.72
N GLN D 155 -21.76 -0.66 -0.97
CA GLN D 155 -23.10 -0.72 -0.39
C GLN D 155 -24.18 -0.37 -1.42
N SER D 156 -24.03 -0.98 -2.60
CA SER D 156 -24.95 -0.74 -3.71
C SER D 156 -26.19 -1.61 -3.53
N ALA D 157 -27.36 -0.96 -3.63
CA ALA D 157 -28.66 -1.64 -3.46
C ALA D 157 -28.70 -2.43 -2.17
N GLU D 158 -28.63 -1.74 -1.03
CA GLU D 158 -28.60 -2.39 0.28
C GLU D 158 -29.89 -3.11 0.62
N ASP D 159 -30.95 -2.94 -0.18
CA ASP D 159 -32.15 -3.75 0.01
C ASP D 159 -31.85 -5.21 -0.24
N ASP D 160 -32.57 -6.08 0.46
CA ASP D 160 -32.30 -7.52 0.41
C ASP D 160 -33.04 -8.19 -0.73
N SER D 161 -32.94 -7.61 -1.93
CA SER D 161 -33.51 -8.21 -3.13
C SER D 161 -32.62 -7.99 -4.35
N GLU D 162 -31.30 -7.93 -4.14
CA GLU D 162 -30.38 -7.61 -5.22
C GLU D 162 -30.42 -8.68 -6.30
N ARG D 163 -30.29 -8.24 -7.55
CA ARG D 163 -30.38 -9.12 -8.72
C ARG D 163 -29.04 -9.31 -9.43
N ASP D 164 -27.97 -8.73 -8.92
CA ASP D 164 -26.64 -8.88 -9.51
C ASP D 164 -25.58 -8.60 -8.44
N PRO D 165 -25.15 -9.61 -7.69
CA PRO D 165 -24.31 -9.35 -6.52
C PRO D 165 -22.83 -9.18 -6.82
N LEU D 166 -22.33 -9.81 -7.87
CA LEU D 166 -20.89 -9.77 -8.16
C LEU D 166 -20.50 -8.64 -9.11
N ASN D 167 -21.47 -7.83 -9.56
CA ASN D 167 -21.21 -6.66 -10.39
C ASN D 167 -20.48 -7.04 -11.68
N VAL D 168 -21.13 -7.88 -12.48
CA VAL D 168 -20.63 -8.15 -13.82
C VAL D 168 -21.01 -7.01 -14.76
N LEU D 169 -22.27 -6.60 -14.72
CA LEU D 169 -22.75 -5.48 -15.53
C LEU D 169 -22.20 -4.18 -14.95
N LYS D 170 -21.17 -3.63 -15.58
CA LYS D 170 -20.53 -2.40 -15.10
C LYS D 170 -20.68 -1.31 -16.15
N PRO D 171 -21.68 -0.44 -16.03
CA PRO D 171 -21.84 0.63 -17.01
C PRO D 171 -20.70 1.63 -16.94
N ARG D 172 -20.44 2.27 -18.08
CA ARG D 172 -19.35 3.24 -18.22
C ARG D 172 -19.93 4.61 -18.51
N ALA D 173 -19.40 5.62 -17.84
CA ALA D 173 -19.91 6.98 -17.97
C ALA D 173 -19.74 7.48 -19.40
N ARG D 174 -20.70 8.27 -19.86
CA ARG D 174 -20.72 8.77 -21.23
C ARG D 174 -21.35 10.15 -21.23
N MET D 175 -21.72 10.62 -22.44
CA MET D 175 -22.44 11.88 -22.60
C MET D 175 -23.49 11.64 -23.67
N THR D 176 -24.75 11.60 -23.27
CA THR D 176 -25.84 11.39 -24.21
C THR D 176 -26.06 12.65 -25.04
N PRO D 177 -26.02 12.58 -26.36
CA PRO D 177 -26.10 13.80 -27.19
C PRO D 177 -27.55 14.24 -27.42
N ALA D 178 -28.09 14.96 -26.45
CA ALA D 178 -29.40 15.57 -26.60
C ALA D 178 -29.23 17.03 -27.02
N PRO D 179 -29.59 17.40 -28.26
CA PRO D 179 -29.44 18.77 -28.78
C PRO D 179 -30.16 19.81 -27.93
C1 IDS E . -0.24 22.20 37.42
C2 IDS E . -0.28 20.79 36.93
C3 IDS E . 0.56 19.94 37.76
C4 IDS E . 1.95 20.49 37.83
C5 IDS E . 1.88 21.94 38.28
C6 IDS E . 2.72 22.12 39.51
O1 IDS E . 0.23 23.03 36.39
O2 IDS E . -1.61 20.31 36.97
O3 IDS E . 0.62 18.64 37.18
O4 IDS E . 2.86 19.49 38.04
O5 IDS E . 0.57 22.34 38.50
O6A IDS E . 3.98 22.18 39.43
O6B IDS E . 2.15 22.22 40.68
S IDS E . -2.15 19.45 35.84
O1S IDS E . -1.32 18.30 35.62
O2S IDS E . -2.30 20.27 34.57
O3S IDS E . -3.40 18.81 36.21
C1 SGN E . 3.73 19.72 37.02
C2 SGN E . 3.87 18.45 36.20
C3 SGN E . 4.37 17.33 37.03
C4 SGN E . 5.64 17.66 37.78
C5 SGN E . 5.68 19.05 38.41
C6 SGN E . 7.12 19.43 38.60
N2 SGN E . 2.53 18.11 35.63
O3 SGN E . 4.63 16.18 36.17
O4 SGN E . 5.90 16.96 38.93
O5 SGN E . 5.05 20.11 37.61
O6 SGN E . 7.25 20.25 39.74
S1 SGN E . 2.28 18.03 33.94
O1S SGN E . 2.75 19.28 33.22
O2S SGN E . 3.16 16.96 33.34
O3S SGN E . 0.83 17.75 33.65
S2 SGN E . 8.80 20.74 40.10
O4S SGN E . 9.14 22.03 39.39
O5S SGN E . 8.92 21.14 41.55
O6S SGN E . 9.78 19.64 39.75
C1 IDS E . 6.70 15.95 39.49
C2 IDS E . 7.30 16.45 40.76
C3 IDS E . 6.28 16.63 41.80
C4 IDS E . 5.52 15.36 41.98
C5 IDS E . 4.95 14.96 40.63
C6 IDS E . 4.17 13.67 40.76
O2 IDS E . 8.24 15.49 41.23
O3 IDS E . 5.40 17.65 41.41
O4 IDS E . 6.33 14.86 42.96
O5 IDS E . 5.95 14.84 39.68
O6A IDS E . 4.78 12.56 40.72
O6B IDS E . 2.88 13.71 40.93
S IDS E . 9.52 15.96 41.92
O1S IDS E . 9.24 16.69 43.12
O2S IDS E . 10.36 16.79 40.96
O3S IDS E . 10.28 14.84 42.43
C1 SGN E . 6.12 14.63 44.29
C2 SGN E . 7.37 14.04 44.93
C3 SGN E . 7.65 12.67 44.43
C4 SGN E . 6.48 11.76 44.63
C5 SGN E . 5.22 12.34 43.98
C6 SGN E . 4.05 11.46 44.29
N2 SGN E . 8.55 14.92 44.65
O3 SGN E . 8.81 12.14 45.13
O4 SGN E . 6.73 11.49 45.96
O5 SGN E . 4.94 13.72 44.44
O6 SGN E . 3.84 10.57 43.22
S1 SGN E . 9.94 14.79 45.65
O1S SGN E . 9.56 14.56 47.10
O2S SGN E . 10.80 16.03 45.51
O3S SGN E . 10.72 13.55 45.35
S2 SGN E . 2.25 10.27 42.82
O4S SGN E . 1.57 11.50 42.28
O5S SGN E . 1.52 9.69 44.01
O6S SGN E . 2.17 9.34 41.62
C1 IDS E . 6.19 11.36 47.25
C2 IDS E . 5.74 9.95 47.43
C3 IDS E . 6.42 9.33 48.56
C4 IDS E . 7.90 9.44 48.39
C5 IDS E . 8.25 10.89 48.16
C6 IDS E . 9.25 11.34 49.19
O2 IDS E . 4.34 9.94 47.65
O3 IDS E . 6.05 7.97 48.65
O4 IDS E . 8.48 8.97 47.24
O5 IDS E . 7.12 11.70 48.16
O6A IDS E . 9.55 12.56 49.31
O6B IDS E . 9.83 10.46 49.97
S IDS E . 3.49 8.77 47.14
O1S IDS E . 3.82 7.50 47.90
O2S IDS E . 3.64 8.58 45.71
O3S IDS E . 2.09 9.08 47.23
C1 SGN E . 9.45 9.14 46.30
C2 SGN E . 9.26 8.12 45.19
C3 SGN E . 9.58 6.73 45.63
C4 SGN E . 10.91 6.64 46.31
C5 SGN E . 11.01 7.66 47.45
C6 SGN E . 12.38 7.58 48.09
N2 SGN E . 7.83 8.17 44.76
O3 SGN E . 9.56 5.87 44.46
O4 SGN E . 12.10 5.97 46.24
O5 SGN E . 10.79 9.02 46.97
O6 SGN E . 12.39 6.48 48.98
S1 SGN E . 7.43 8.08 43.09
O1S SGN E . 8.49 8.71 42.23
O2S SGN E . 6.09 8.72 42.84
O3S SGN E . 7.45 6.65 42.60
S2 SGN E . 13.33 6.67 50.34
O4S SGN E . 12.76 7.71 51.26
O5S SGN E . 14.76 6.97 49.95
O6S SGN E . 13.26 5.43 51.21
C1 IDS E . 11.99 4.58 46.04
C2 IDS E . 12.64 4.23 44.75
C3 IDS E . 14.10 4.42 44.83
C4 IDS E . 14.64 3.69 46.01
C5 IDS E . 13.90 4.11 47.25
C6 IDS E . 14.40 3.33 48.44
O2 IDS E . 12.37 2.87 44.43
O3 IDS E . 14.37 5.80 44.96
O4 IDS E . 15.90 3.61 46.56
O5 IDS E . 12.53 3.94 47.09
O6A IDS E . 14.97 3.93 49.39
O6B IDS E . 14.25 2.04 48.47
S IDS E . 10.98 2.47 43.94
O1S IDS E . 10.04 2.32 45.02
O2S IDS E . 10.36 3.55 43.19
O3S IDS E . 11.07 1.21 43.12
C1 SGN E . 17.08 4.22 46.28
C2 SGN E . 18.02 3.19 45.65
C3 SGN E . 18.27 2.09 46.62
C4 SGN E . 18.99 2.64 47.80
C5 SGN E . 18.20 3.76 48.47
C6 SGN E . 19.11 4.47 49.43
N2 SGN E . 17.43 2.67 44.39
O3 SGN E . 19.08 1.08 45.96
O4 SGN E . 20.28 2.65 47.31
O5 SGN E . 17.67 4.78 47.53
O6 SGN E . 19.80 5.49 48.75
S1 SGN E . 18.05 3.34 42.94
O1S SGN E . 19.45 3.86 43.17
O2S SGN E . 17.14 4.43 42.43
O3S SGN E . 18.29 2.28 41.90
S2 SGN E . 20.93 6.34 49.61
O4S SGN E . 21.85 5.42 50.39
O5S SGN E . 21.93 7.02 48.69
O6S SGN E . 20.27 7.35 50.52
C1 IDS E . 21.59 2.72 46.82
C2 IDS E . 22.39 3.64 47.69
C3 IDS E . 23.43 2.89 48.40
C4 IDS E . 22.88 1.66 49.03
C5 IDS E . 22.16 0.83 47.99
C6 IDS E . 22.82 -0.52 47.86
O2 IDS E . 23.01 4.66 46.93
O3 IDS E . 24.00 3.72 49.40
O4 IDS E . 24.08 1.40 49.66
O5 IDS E . 22.12 1.48 46.76
O6A IDS E . 23.81 -0.69 47.02
O6B IDS E . 22.42 -1.49 48.56
S IDS E . 22.30 5.43 45.81
O1S IDS E . 22.98 6.65 45.52
O2S IDS E . 22.42 4.74 44.54
O3S IDS E . 20.84 5.70 46.16
C1 SGN E . 24.41 0.67 50.75
C2 SGN E . 25.56 1.35 51.48
C3 SGN E . 26.80 1.34 50.66
C4 SGN E . 27.18 -0.04 50.22
C5 SGN E . 26.01 -0.75 49.51
C6 SGN E . 26.40 -2.19 49.27
N2 SGN E . 25.18 2.76 51.78
O3 SGN E . 27.89 1.89 51.46
O4 SGN E . 28.29 0.05 49.33
O5 SGN E . 24.78 -0.72 50.31
O6 SGN E . 27.78 -2.26 48.99
S1 SGN E . 23.88 3.09 52.83
O1S SGN E . 23.85 2.12 53.99
O2S SGN E . 24.07 4.39 53.57
O3S SGN E . 22.57 3.07 52.09
S2 SGN E . 28.23 -3.44 47.91
O4S SGN E . 28.01 -2.98 46.48
O5S SGN E . 29.73 -3.65 47.92
O6S SGN E . 27.50 -4.73 48.19
ZN ZN F . -23.70 -12.38 -26.11
CU CU G . 32.13 17.86 23.60
#